data_4BNG
#
_entry.id   4BNG
#
_cell.length_a   89.116
_cell.length_b   94.436
_cell.length_c   94.880
_cell.angle_alpha   98.56
_cell.angle_beta   97.22
_cell.angle_gamma   111.35
#
_symmetry.space_group_name_H-M   'P 1'
#
loop_
_entity.id
_entity.type
_entity.pdbx_description
1 polymer 'ENOYL-[ACYL-CARRIER-PROTEIN] REDUCTASE [NADPH]'
2 non-polymer 5-PENTYL-2-PHENOXYPHENOL
3 non-polymer 'NADP NICOTINAMIDE-ADENINE-DINUCLEOTIDE PHOSPHATE'
4 non-polymer 'GLUTAMIC ACID'
5 water water
#
_entity_poly.entity_id   1
_entity_poly.type   'polypeptide(L)'
_entity_poly.pdbx_seq_one_letter_code
;MKHHHHHHPMSDYDIPTTENLYFQGAMVNLENKTYVIMGIANKRSIAFGVAKVLDQLGAKLVFTYRKERSRKELEKLLEQ
LNQPEAHLYQIDVQSDEEVINGFEQIGKDVGNIDGVYHSIAFANMEDLRGRFSETSREGFLLAQDISSYSLTIVAHEAKK
LMPEGGSIVATTYLGGEFAVQNYNVMGVAKASLEANVKYLALDLGPDNIRVNAISAGPIRTLSAKGVGGFNTILKEIEER
APLKRNVDQVEVGKTAAYLLSDLSSGVTGENIHVDSGFHAIK
;
_entity_poly.pdbx_strand_id   A,B,C,D,E,F,G,H
#
loop_
_chem_comp.id
_chem_comp.type
_chem_comp.name
_chem_comp.formula
5PP non-polymer 5-PENTYL-2-PHENOXYPHENOL 'C17 H20 O2'
NAP non-polymer 'NADP NICOTINAMIDE-ADENINE-DINUCLEOTIDE PHOSPHATE' 'C21 H28 N7 O17 P3'
#
# COMPACT_ATOMS: atom_id res chain seq x y z
N ASN A 29 46.65 -9.18 -12.26
CA ASN A 29 47.53 -8.13 -11.66
C ASN A 29 46.82 -6.91 -11.05
N LEU A 30 46.89 -6.83 -9.72
CA LEU A 30 46.07 -5.96 -8.90
C LEU A 30 46.85 -4.81 -8.23
N GLU A 31 48.04 -4.48 -8.74
CA GLU A 31 48.74 -3.30 -8.26
C GLU A 31 47.85 -2.06 -8.35
N ASN A 32 47.98 -1.16 -7.39
CA ASN A 32 47.08 -0.01 -7.30
C ASN A 32 45.60 -0.39 -7.06
N LYS A 33 45.33 -1.62 -6.69
CA LYS A 33 43.99 -1.99 -6.21
C LYS A 33 43.99 -2.12 -4.69
N THR A 34 42.84 -1.83 -4.07
CA THR A 34 42.67 -2.02 -2.62
C THR A 34 41.43 -2.83 -2.31
N TYR A 35 41.61 -3.93 -1.60
CA TYR A 35 40.50 -4.80 -1.19
C TYR A 35 40.44 -4.95 0.34
N VAL A 36 39.20 -5.00 0.85
CA VAL A 36 38.92 -5.27 2.25
C VAL A 36 38.51 -6.73 2.38
N ILE A 37 39.27 -7.47 3.19
CA ILE A 37 39.00 -8.89 3.42
C ILE A 37 38.44 -9.03 4.83
N MET A 38 37.20 -9.51 4.93
CA MET A 38 36.57 -9.64 6.23
C MET A 38 36.50 -11.10 6.63
N GLY A 39 37.09 -11.48 7.76
CA GLY A 39 36.89 -12.84 8.25
C GLY A 39 38.06 -13.79 8.35
N ILE A 40 39.29 -13.28 8.46
CA ILE A 40 40.43 -14.13 8.83
C ILE A 40 40.46 -14.34 10.34
N ALA A 41 40.43 -15.61 10.77
CA ALA A 41 40.62 -15.94 12.18
C ALA A 41 42.00 -16.50 12.37
N ASN A 42 42.48 -17.29 11.41
CA ASN A 42 43.80 -17.92 11.50
C ASN A 42 44.35 -18.37 10.14
N LYS A 43 45.45 -19.12 10.18
CA LYS A 43 46.11 -19.50 8.93
C LYS A 43 45.23 -20.38 8.03
N ARG A 44 44.20 -20.99 8.61
CA ARG A 44 43.37 -21.90 7.85
C ARG A 44 42.11 -21.21 7.30
N SER A 45 41.79 -20.01 7.78
CA SER A 45 40.57 -19.36 7.23
C SER A 45 40.59 -19.28 5.70
N ILE A 46 39.46 -19.55 5.07
CA ILE A 46 39.31 -19.31 3.63
C ILE A 46 39.85 -17.90 3.23
N ALA A 47 39.53 -16.87 4.03
CA ALA A 47 39.89 -15.47 3.72
C ALA A 47 41.39 -15.26 3.71
N PHE A 48 42.12 -16.15 4.37
CA PHE A 48 43.57 -16.04 4.34
C PHE A 48 44.08 -16.57 3.00
N GLY A 49 43.42 -17.59 2.45
CA GLY A 49 43.62 -18.03 1.07
C GLY A 49 43.36 -16.91 0.08
N VAL A 50 42.23 -16.23 0.21
CA VAL A 50 42.02 -15.02 -0.60
C VAL A 50 43.19 -14.01 -0.43
N ALA A 51 43.56 -13.70 0.80
CA ALA A 51 44.57 -12.71 1.09
C ALA A 51 45.91 -13.01 0.40
N LYS A 52 46.44 -14.23 0.58
CA LYS A 52 47.66 -14.70 -0.10
C LYS A 52 47.62 -14.47 -1.59
N VAL A 53 46.54 -14.91 -2.24
CA VAL A 53 46.48 -14.71 -3.68
C VAL A 53 46.51 -13.23 -4.08
N LEU A 54 45.65 -12.40 -3.46
CA LEU A 54 45.57 -10.96 -3.77
C LEU A 54 46.86 -10.24 -3.41
N ASP A 55 47.50 -10.63 -2.32
CA ASP A 55 48.78 -10.09 -1.94
C ASP A 55 49.86 -10.43 -2.97
N GLN A 56 49.94 -11.71 -3.33
CA GLN A 56 50.82 -12.18 -4.42
C GLN A 56 50.59 -11.38 -5.69
N LEU A 57 49.35 -11.00 -5.95
CA LEU A 57 49.05 -10.29 -7.19
C LEU A 57 49.25 -8.77 -7.11
N GLY A 58 49.75 -8.26 -5.99
CA GLY A 58 50.14 -6.84 -5.95
C GLY A 58 49.16 -5.87 -5.27
N ALA A 59 48.03 -6.37 -4.76
CA ALA A 59 46.98 -5.56 -4.16
C ALA A 59 47.33 -5.08 -2.76
N LYS A 60 46.97 -3.83 -2.43
CA LYS A 60 46.96 -3.35 -1.05
C LYS A 60 45.80 -4.03 -0.34
N LEU A 61 46.00 -4.57 0.86
CA LEU A 61 44.89 -5.19 1.60
C LEU A 61 44.62 -4.56 2.98
N VAL A 62 43.34 -4.63 3.37
CA VAL A 62 42.84 -4.12 4.65
C VAL A 62 42.02 -5.28 5.19
N PHE A 63 42.16 -5.55 6.48
CA PHE A 63 41.55 -6.71 7.14
C PHE A 63 40.64 -6.29 8.28
N THR A 64 39.55 -7.02 8.48
CA THR A 64 38.61 -6.79 9.56
C THR A 64 38.41 -8.09 10.35
N TYR A 65 38.18 -7.99 11.67
CA TYR A 65 38.13 -9.15 12.56
C TYR A 65 37.10 -8.86 13.62
N ARG A 66 36.65 -9.89 14.30
CA ARG A 66 35.85 -9.67 15.48
C ARG A 66 36.62 -9.92 16.80
N LYS A 67 37.20 -11.11 16.95
CA LYS A 67 37.81 -11.50 18.19
C LYS A 67 39.25 -10.95 18.29
N GLU A 68 39.62 -10.49 19.49
CA GLU A 68 40.99 -10.19 19.87
CA GLU A 68 40.99 -10.11 19.72
C GLU A 68 41.97 -11.20 19.26
N ARG A 69 41.72 -12.48 19.52
CA ARG A 69 42.57 -13.54 18.99
C ARG A 69 42.82 -13.45 17.47
N SER A 70 41.79 -13.07 16.69
CA SER A 70 41.95 -12.92 15.27
C SER A 70 42.91 -11.76 14.86
N ARG A 71 42.89 -10.65 15.59
CA ARG A 71 43.87 -9.57 15.33
C ARG A 71 45.27 -10.11 15.59
N LYS A 72 45.41 -10.88 16.67
CA LYS A 72 46.69 -11.51 17.01
C LYS A 72 47.16 -12.44 15.90
N GLU A 73 46.31 -13.38 15.48
CA GLU A 73 46.65 -14.21 14.33
C GLU A 73 46.95 -13.38 13.09
N LEU A 74 46.18 -12.32 12.87
CA LEU A 74 46.39 -11.44 11.73
C LEU A 74 47.76 -10.76 11.74
N GLU A 75 48.16 -10.21 12.88
CA GLU A 75 49.44 -9.51 12.99
C GLU A 75 50.60 -10.42 12.63
N LYS A 76 50.46 -11.70 13.00
CA LYS A 76 51.44 -12.73 12.75
C LYS A 76 51.42 -13.19 11.28
N LEU A 77 50.23 -13.34 10.70
CA LEU A 77 50.14 -13.80 9.33
C LEU A 77 50.63 -12.75 8.33
N LEU A 78 50.60 -11.47 8.70
CA LEU A 78 51.11 -10.42 7.80
C LEU A 78 52.61 -10.47 7.52
N GLU A 79 53.33 -11.17 8.37
CA GLU A 79 54.76 -11.32 8.20
C GLU A 79 55.07 -12.22 7.03
N GLN A 80 54.13 -13.09 6.67
CA GLN A 80 54.23 -13.85 5.42
C GLN A 80 53.77 -13.10 4.17
N LEU A 81 53.22 -11.90 4.33
CA LEU A 81 52.68 -11.21 3.17
C LEU A 81 53.59 -10.07 2.74
N ASN A 82 53.39 -9.58 1.53
CA ASN A 82 54.14 -8.39 1.14
C ASN A 82 53.40 -7.12 1.54
N GLN A 83 52.43 -7.18 2.45
CA GLN A 83 51.84 -5.90 2.85
C GLN A 83 52.90 -5.19 3.69
N PRO A 84 53.27 -3.95 3.31
CA PRO A 84 54.25 -3.22 4.10
C PRO A 84 53.57 -2.45 5.24
N GLU A 85 52.26 -2.25 5.17
CA GLU A 85 51.50 -1.71 6.29
C GLU A 85 50.42 -2.67 6.75
N ALA A 86 50.24 -2.76 8.06
CA ALA A 86 49.11 -3.46 8.65
C ALA A 86 47.88 -2.54 8.75
N HIS A 87 46.81 -2.85 8.02
CA HIS A 87 45.52 -2.15 8.14
C HIS A 87 44.45 -3.06 8.74
N LEU A 88 44.21 -2.96 10.05
CA LEU A 88 43.37 -3.90 10.82
C LEU A 88 42.27 -3.18 11.59
N TYR A 89 41.01 -3.54 11.34
CA TYR A 89 39.88 -2.87 11.96
C TYR A 89 38.99 -3.94 12.61
N GLN A 90 38.53 -3.68 13.82
CA GLN A 90 37.65 -4.62 14.51
C GLN A 90 36.25 -4.31 14.05
N ILE A 91 35.65 -5.18 13.25
CA ILE A 91 34.25 -5.00 12.91
C ILE A 91 33.43 -6.24 13.31
N ASP A 92 32.62 -6.12 14.35
CA ASP A 92 31.57 -7.11 14.61
C ASP A 92 30.29 -6.80 13.82
N VAL A 93 29.90 -7.67 12.90
CA VAL A 93 28.86 -7.34 11.91
C VAL A 93 27.47 -7.39 12.51
N GLN A 94 27.38 -7.69 13.79
CA GLN A 94 26.11 -7.61 14.51
C GLN A 94 25.85 -6.17 14.94
N SER A 95 26.85 -5.31 14.85
CA SER A 95 26.64 -3.92 15.20
C SER A 95 26.74 -3.04 13.94
N ASP A 96 25.67 -2.30 13.66
CA ASP A 96 25.65 -1.35 12.55
C ASP A 96 26.74 -0.30 12.73
N GLU A 97 26.77 0.27 13.94
CA GLU A 97 27.78 1.25 14.34
C GLU A 97 29.19 0.82 13.99
N GLU A 98 29.54 -0.42 14.30
CA GLU A 98 30.88 -0.91 14.06
C GLU A 98 31.14 -1.07 12.56
N VAL A 99 30.11 -1.50 11.82
CA VAL A 99 30.25 -1.62 10.36
C VAL A 99 30.42 -0.24 9.74
N ILE A 100 29.52 0.67 10.13
CA ILE A 100 29.50 2.04 9.64
C ILE A 100 30.83 2.76 9.93
N ASN A 101 31.18 2.93 11.20
CA ASN A 101 32.45 3.53 11.60
C ASN A 101 33.69 2.81 11.08
N GLY A 102 33.67 1.49 11.11
CA GLY A 102 34.68 0.64 10.44
C GLY A 102 35.03 1.06 9.02
N PHE A 103 34.04 1.00 8.14
CA PHE A 103 34.26 1.40 6.75
C PHE A 103 34.60 2.90 6.59
N GLU A 104 34.00 3.72 7.45
CA GLU A 104 34.29 5.14 7.40
C GLU A 104 35.78 5.30 7.72
N GLN A 105 36.25 4.58 8.73
CA GLN A 105 37.66 4.77 9.12
C GLN A 105 38.60 4.25 8.02
N ILE A 106 38.22 3.14 7.37
CA ILE A 106 38.95 2.60 6.22
C ILE A 106 39.09 3.68 5.13
N GLY A 107 37.97 4.29 4.76
CA GLY A 107 37.96 5.44 3.84
C GLY A 107 38.97 6.53 4.24
N LYS A 108 39.02 6.92 5.52
CA LYS A 108 39.99 7.94 5.97
C LYS A 108 41.44 7.46 5.82
N ASP A 109 41.72 6.22 6.24
CA ASP A 109 43.10 5.67 6.23
C ASP A 109 43.69 5.30 4.86
N VAL A 110 42.91 4.69 3.97
CA VAL A 110 43.45 4.21 2.69
C VAL A 110 42.77 4.86 1.48
N GLY A 111 41.59 5.44 1.67
CA GLY A 111 40.88 6.10 0.59
C GLY A 111 39.86 5.17 -0.03
N ASN A 112 39.61 5.36 -1.32
CA ASN A 112 38.69 4.50 -2.07
C ASN A 112 39.20 3.06 -2.26
N ILE A 113 38.29 2.10 -2.12
CA ILE A 113 38.61 0.68 -2.29
C ILE A 113 38.04 0.12 -3.61
N ASP A 114 38.47 -1.07 -4.00
CA ASP A 114 38.00 -1.67 -5.25
C ASP A 114 37.14 -2.91 -5.04
N GLY A 115 37.09 -3.44 -3.83
CA GLY A 115 36.13 -4.50 -3.57
C GLY A 115 36.21 -4.96 -2.13
N VAL A 116 35.33 -5.88 -1.77
CA VAL A 116 35.24 -6.43 -0.41
C VAL A 116 35.06 -7.92 -0.53
N TYR A 117 35.85 -8.67 0.22
CA TYR A 117 35.66 -10.11 0.29
C TYR A 117 34.97 -10.45 1.61
N HIS A 118 33.71 -10.87 1.52
CA HIS A 118 32.95 -11.26 2.72
C HIS A 118 33.15 -12.74 3.01
N SER A 119 33.74 -13.01 4.17
CA SER A 119 34.03 -14.37 4.56
C SER A 119 33.57 -14.65 5.99
N ILE A 120 32.31 -14.31 6.26
CA ILE A 120 31.75 -14.27 7.64
C ILE A 120 30.53 -15.16 7.75
N ALA A 121 30.50 -16.03 8.75
CA ALA A 121 29.28 -16.75 9.08
C ALA A 121 29.39 -17.23 10.53
N PHE A 122 28.27 -17.56 11.16
CA PHE A 122 28.21 -18.06 12.54
C PHE A 122 26.91 -18.78 12.76
N ALA A 123 26.90 -19.86 13.54
CA ALA A 123 25.63 -20.45 14.01
C ALA A 123 25.98 -21.17 15.30
N ASN A 124 25.04 -21.30 16.23
CA ASN A 124 25.35 -22.08 17.43
C ASN A 124 25.54 -23.56 17.09
N MET A 125 26.51 -24.17 17.75
CA MET A 125 26.83 -25.58 17.56
C MET A 125 25.63 -26.53 17.52
N GLU A 126 24.67 -26.36 18.43
CA GLU A 126 23.50 -27.26 18.41
C GLU A 126 22.59 -27.15 17.17
N ASP A 127 22.84 -26.15 16.35
CA ASP A 127 21.98 -25.88 15.23
C ASP A 127 22.73 -26.38 13.99
N LEU A 128 23.81 -27.16 14.19
CA LEU A 128 24.65 -27.65 13.08
C LEU A 128 24.73 -29.17 13.07
N ARG A 129 23.66 -29.81 13.55
CA ARG A 129 23.61 -31.25 13.78
C ARG A 129 22.23 -31.58 14.35
N GLY A 130 21.81 -32.84 14.29
CA GLY A 130 20.49 -33.24 14.83
C GLY A 130 19.39 -32.78 13.88
N ARG A 131 18.22 -32.44 14.45
CA ARG A 131 17.01 -32.24 13.66
C ARG A 131 16.77 -30.76 13.45
N PHE A 132 16.76 -30.34 12.18
CA PHE A 132 16.47 -28.95 11.80
C PHE A 132 15.15 -28.39 12.38
N SER A 133 14.13 -29.25 12.43
CA SER A 133 12.80 -28.82 12.85
C SER A 133 12.80 -28.34 14.31
N GLU A 134 13.86 -28.69 15.05
CA GLU A 134 13.99 -28.28 16.44
C GLU A 134 14.74 -26.95 16.60
N THR A 135 15.11 -26.33 15.49
CA THR A 135 15.84 -25.06 15.61
C THR A 135 15.03 -24.00 16.35
N SER A 136 15.66 -23.33 17.32
CA SER A 136 15.10 -22.19 18.04
C SER A 136 15.01 -20.96 17.16
N ARG A 137 14.06 -20.07 17.48
CA ARG A 137 13.92 -18.80 16.80
C ARG A 137 15.21 -17.98 16.89
N GLU A 138 15.80 -17.93 18.08
CA GLU A 138 17.00 -17.13 18.32
C GLU A 138 18.21 -17.70 17.53
N GLY A 139 18.38 -19.03 17.52
CA GLY A 139 19.35 -19.75 16.67
C GLY A 139 19.28 -19.41 15.18
N PHE A 140 18.07 -19.52 14.64
CA PHE A 140 17.74 -19.14 13.28
C PHE A 140 18.10 -17.69 12.94
N LEU A 141 17.63 -16.77 13.77
CA LEU A 141 17.80 -15.34 13.46
C LEU A 141 19.24 -14.89 13.66
N LEU A 142 19.97 -15.53 14.59
CA LEU A 142 21.41 -15.28 14.71
C LEU A 142 22.19 -15.70 13.46
N ALA A 143 21.93 -16.90 12.96
CA ALA A 143 22.51 -17.34 11.69
C ALA A 143 22.25 -16.37 10.52
N GLN A 144 20.99 -15.94 10.36
CA GLN A 144 20.55 -14.99 9.33
C GLN A 144 21.23 -13.64 9.49
N ASP A 145 21.30 -13.19 10.74
CA ASP A 145 21.87 -11.91 11.05
C ASP A 145 23.32 -11.83 10.62
N ILE A 146 24.13 -12.76 11.10
CA ILE A 146 25.56 -12.68 10.89
C ILE A 146 25.99 -13.16 9.49
N SER A 147 25.31 -14.17 8.95
CA SER A 147 25.75 -14.83 7.72
C SER A 147 25.04 -14.34 6.45
N SER A 148 23.97 -13.54 6.61
CA SER A 148 23.26 -13.03 5.45
C SER A 148 23.09 -11.53 5.53
N TYR A 149 22.43 -11.08 6.59
CA TYR A 149 22.22 -9.64 6.74
C TYR A 149 23.54 -8.85 6.71
N SER A 150 24.59 -9.41 7.28
CA SER A 150 25.84 -8.67 7.36
C SER A 150 26.31 -8.24 5.96
N LEU A 151 25.96 -9.02 4.93
CA LEU A 151 26.37 -8.66 3.59
C LEU A 151 25.71 -7.36 3.11
N THR A 152 24.47 -7.14 3.51
CA THR A 152 23.64 -6.03 3.00
C THR A 152 24.16 -4.72 3.54
N ILE A 153 24.37 -4.71 4.86
CA ILE A 153 24.97 -3.53 5.46
C ILE A 153 26.43 -3.25 5.04
N VAL A 154 27.27 -4.28 4.96
CA VAL A 154 28.63 -4.12 4.47
C VAL A 154 28.64 -3.51 3.06
N ALA A 155 27.73 -4.03 2.23
CA ALA A 155 27.61 -3.53 0.85
C ALA A 155 27.18 -2.06 0.84
N HIS A 156 26.17 -1.75 1.64
CA HIS A 156 25.79 -0.37 1.85
C HIS A 156 26.93 0.58 2.24
N GLU A 157 27.74 0.17 3.22
CA GLU A 157 28.80 1.05 3.69
C GLU A 157 30.00 1.10 2.74
N ALA A 158 30.34 -0.06 2.16
CA ALA A 158 31.47 -0.24 1.25
C ALA A 158 31.21 0.54 -0.02
N LYS A 159 29.95 0.55 -0.45
CA LYS A 159 29.51 1.36 -1.60
C LYS A 159 30.08 2.80 -1.59
N LYS A 160 30.09 3.42 -0.41
CA LYS A 160 30.48 4.80 -0.21
C LYS A 160 31.94 5.02 -0.62
N LEU A 161 32.73 3.94 -0.57
CA LEU A 161 34.12 3.92 -0.93
C LEU A 161 34.40 3.42 -2.35
N MET A 162 33.36 3.21 -3.15
CA MET A 162 33.56 2.80 -4.53
C MET A 162 32.81 3.72 -5.48
N PRO A 163 33.14 5.04 -5.46
CA PRO A 163 32.47 5.98 -6.35
C PRO A 163 32.58 5.55 -7.80
N GLU A 164 33.64 4.83 -8.15
CA GLU A 164 33.78 4.41 -9.54
C GLU A 164 33.40 2.98 -9.80
N GLY A 165 32.86 2.29 -8.80
CA GLY A 165 32.46 0.90 -9.03
C GLY A 165 33.46 0.00 -8.36
N GLY A 166 33.26 -1.30 -8.50
CA GLY A 166 34.06 -2.27 -7.76
C GLY A 166 33.36 -3.59 -7.60
N SER A 167 33.91 -4.41 -6.71
CA SER A 167 33.41 -5.80 -6.67
C SER A 167 33.31 -6.38 -5.28
N ILE A 168 32.20 -7.05 -4.99
CA ILE A 168 31.98 -7.62 -3.69
C ILE A 168 31.71 -9.12 -3.83
N VAL A 169 32.35 -9.95 -3.02
CA VAL A 169 32.16 -11.37 -3.15
C VAL A 169 31.83 -11.94 -1.77
N ALA A 170 30.85 -12.82 -1.72
CA ALA A 170 30.59 -13.51 -0.45
C ALA A 170 30.94 -14.99 -0.59
N THR A 171 31.01 -15.66 0.55
CA THR A 171 31.35 -17.07 0.63
C THR A 171 30.15 -17.91 1.06
N THR A 172 29.73 -18.81 0.16
CA THR A 172 28.57 -19.63 0.49
C THR A 172 28.92 -21.10 0.35
N TYR A 173 27.93 -21.97 0.56
CA TYR A 173 28.15 -23.40 0.52
C TYR A 173 26.91 -24.09 -0.11
N LEU A 174 27.15 -25.22 -0.78
CA LEU A 174 26.12 -25.91 -1.55
C LEU A 174 24.85 -26.24 -0.74
N GLY A 175 24.94 -26.31 0.59
CA GLY A 175 23.79 -26.44 1.50
C GLY A 175 22.79 -25.29 1.46
N GLY A 176 23.19 -24.18 0.87
CA GLY A 176 22.24 -23.11 0.50
C GLY A 176 21.33 -23.44 -0.68
N GLU A 177 21.73 -24.41 -1.51
CA GLU A 177 20.99 -24.79 -2.71
C GLU A 177 20.22 -26.10 -2.53
N PHE A 178 20.60 -26.93 -1.56
CA PHE A 178 20.03 -28.26 -1.36
C PHE A 178 20.04 -28.50 0.11
N ALA A 179 19.09 -29.30 0.58
CA ALA A 179 19.15 -29.83 1.94
C ALA A 179 20.28 -30.88 2.05
N VAL A 180 21.17 -30.64 3.01
CA VAL A 180 22.39 -31.39 3.23
C VAL A 180 22.35 -31.74 4.73
N GLN A 181 22.58 -33.00 5.10
CA GLN A 181 22.68 -33.38 6.52
C GLN A 181 23.52 -32.40 7.36
N ASN A 182 23.03 -32.10 8.55
CA ASN A 182 23.69 -31.31 9.60
C ASN A 182 23.76 -29.84 9.37
N TYR A 183 23.95 -29.42 8.13
CA TYR A 183 24.19 -28.01 7.86
C TYR A 183 23.05 -27.12 8.38
N ASN A 184 21.83 -27.63 8.31
CA ASN A 184 20.71 -27.11 9.06
C ASN A 184 20.47 -25.60 8.97
N VAL A 185 20.53 -24.90 10.10
CA VAL A 185 20.23 -23.46 10.14
C VAL A 185 21.14 -22.71 9.15
N MET A 186 22.35 -23.21 8.97
CA MET A 186 23.29 -22.49 8.11
C MET A 186 22.87 -22.66 6.63
N GLY A 187 22.17 -23.75 6.30
CA GLY A 187 21.74 -23.94 4.88
C GLY A 187 20.62 -22.97 4.47
N VAL A 188 19.76 -22.69 5.45
CA VAL A 188 18.74 -21.66 5.29
C VAL A 188 19.35 -20.26 5.26
N ALA A 189 20.36 -20.02 6.10
CA ALA A 189 21.12 -18.77 6.07
C ALA A 189 21.94 -18.57 4.78
N LYS A 190 22.54 -19.62 4.21
CA LYS A 190 23.15 -19.52 2.88
C LYS A 190 22.21 -19.29 1.72
N ALA A 191 21.05 -19.94 1.74
CA ALA A 191 19.98 -19.69 0.78
C ALA A 191 19.58 -18.21 0.83
N SER A 192 19.53 -17.64 2.04
CA SER A 192 19.30 -16.20 2.22
C SER A 192 20.45 -15.32 1.66
N LEU A 193 21.68 -15.75 1.94
CA LEU A 193 22.88 -15.05 1.48
C LEU A 193 22.93 -15.06 -0.06
N GLU A 194 22.62 -16.22 -0.64
CA GLU A 194 22.75 -16.35 -2.08
C GLU A 194 21.73 -15.43 -2.76
N ALA A 195 20.53 -15.38 -2.18
CA ALA A 195 19.49 -14.44 -2.64
C ALA A 195 19.93 -12.98 -2.42
N ASN A 196 20.58 -12.73 -1.29
CA ASN A 196 20.98 -11.39 -0.86
C ASN A 196 21.95 -10.89 -1.92
N VAL A 197 22.83 -11.79 -2.38
CA VAL A 197 23.71 -11.53 -3.53
C VAL A 197 23.03 -11.12 -4.86
N LYS A 198 21.89 -11.74 -5.18
CA LYS A 198 21.16 -11.44 -6.41
C LYS A 198 20.51 -10.05 -6.31
N TYR A 199 19.87 -9.81 -5.18
CA TYR A 199 19.29 -8.51 -4.88
C TYR A 199 20.32 -7.38 -4.80
N LEU A 200 21.46 -7.61 -4.19
CA LEU A 200 22.46 -6.55 -4.17
C LEU A 200 23.00 -6.30 -5.58
N ALA A 201 23.13 -7.37 -6.39
CA ALA A 201 23.65 -7.26 -7.75
C ALA A 201 22.78 -6.34 -8.62
N LEU A 202 21.49 -6.53 -8.45
CA LEU A 202 20.44 -5.79 -9.15
C LEU A 202 20.44 -4.33 -8.68
N ASP A 203 20.32 -4.11 -7.38
CA ASP A 203 20.43 -2.78 -6.77
C ASP A 203 21.67 -1.98 -7.17
N LEU A 204 22.84 -2.62 -7.15
CA LEU A 204 24.11 -1.88 -7.21
C LEU A 204 24.75 -1.89 -8.60
N GLY A 205 24.19 -2.71 -9.48
CA GLY A 205 24.54 -2.78 -10.91
C GLY A 205 24.63 -1.43 -11.60
N PRO A 206 23.61 -0.58 -11.45
CA PRO A 206 23.76 0.76 -12.04
C PRO A 206 24.92 1.57 -11.46
N ASP A 207 25.42 1.24 -10.27
CA ASP A 207 26.57 2.00 -9.74
C ASP A 207 27.90 1.35 -10.10
N ASN A 208 27.84 0.38 -11.02
CA ASN A 208 28.99 -0.39 -11.52
C ASN A 208 29.69 -1.21 -10.44
N ILE A 209 28.91 -1.76 -9.52
CA ILE A 209 29.45 -2.53 -8.42
C ILE A 209 28.86 -3.92 -8.59
N ARG A 210 29.77 -4.84 -8.91
CA ARG A 210 29.39 -6.24 -9.12
C ARG A 210 29.26 -6.97 -7.80
N VAL A 211 28.24 -7.82 -7.68
CA VAL A 211 28.09 -8.66 -6.49
C VAL A 211 27.90 -10.13 -6.84
N ASN A 212 28.77 -10.98 -6.28
CA ASN A 212 28.83 -12.42 -6.62
C ASN A 212 29.13 -13.32 -5.42
N ALA A 213 29.02 -14.63 -5.62
CA ALA A 213 29.25 -15.58 -4.54
C ALA A 213 30.26 -16.61 -4.98
N ILE A 214 31.14 -17.03 -4.08
CA ILE A 214 31.84 -18.31 -4.31
C ILE A 214 31.31 -19.43 -3.40
N SER A 215 30.94 -20.57 -3.99
CA SER A 215 30.38 -21.69 -3.22
C SER A 215 31.52 -22.67 -3.09
N ALA A 216 32.20 -22.56 -1.96
CA ALA A 216 33.38 -23.37 -1.71
C ALA A 216 32.94 -24.78 -1.32
N GLY A 217 33.65 -25.80 -1.79
CA GLY A 217 33.52 -27.14 -1.24
C GLY A 217 34.10 -27.19 0.18
N PRO A 218 33.95 -28.33 0.89
CA PRO A 218 34.36 -28.36 2.31
C PRO A 218 35.88 -28.24 2.51
N ILE A 219 36.32 -27.46 3.49
CA ILE A 219 37.72 -27.17 3.73
C ILE A 219 37.91 -27.09 5.23
N ARG A 220 38.95 -27.74 5.76
CA ARG A 220 39.22 -27.76 7.21
C ARG A 220 39.59 -26.39 7.72
N THR A 221 38.65 -25.74 8.39
CA THR A 221 38.87 -24.46 9.03
C THR A 221 38.35 -24.53 10.46
N LEU A 222 38.59 -23.48 11.25
CA LEU A 222 38.07 -23.42 12.61
C LEU A 222 36.56 -23.63 12.64
N SER A 223 35.79 -22.85 11.88
CA SER A 223 34.35 -23.03 11.79
C SER A 223 33.89 -24.41 11.35
N ALA A 224 34.56 -24.98 10.35
CA ALA A 224 34.25 -26.33 9.92
C ALA A 224 34.29 -27.35 11.07
N LYS A 225 35.16 -27.12 12.06
CA LYS A 225 35.25 -28.02 13.20
C LYS A 225 33.95 -28.10 13.98
N GLY A 226 33.05 -27.15 13.76
CA GLY A 226 31.77 -27.19 14.50
C GLY A 226 30.54 -27.79 13.81
N VAL A 227 30.70 -28.31 12.60
CA VAL A 227 29.57 -28.80 11.81
C VAL A 227 29.47 -30.32 11.87
N GLY A 228 28.36 -30.89 12.33
CA GLY A 228 28.26 -32.33 12.32
C GLY A 228 28.59 -32.88 10.95
N GLY A 229 29.26 -34.03 10.94
CA GLY A 229 29.54 -34.81 9.72
C GLY A 229 30.51 -34.14 8.76
N PHE A 230 31.22 -33.10 9.17
CA PHE A 230 32.15 -32.49 8.21
C PHE A 230 33.04 -33.53 7.52
N ASN A 231 33.61 -34.44 8.31
CA ASN A 231 34.64 -35.33 7.82
C ASN A 231 34.10 -36.32 6.79
N THR A 232 32.93 -36.87 7.08
CA THR A 232 32.23 -37.69 6.11
C THR A 232 32.14 -37.04 4.73
N ILE A 233 31.69 -35.80 4.70
CA ILE A 233 31.49 -35.03 3.47
C ILE A 233 32.80 -34.83 2.73
N LEU A 234 33.82 -34.53 3.51
CA LEU A 234 35.08 -34.15 2.93
C LEU A 234 35.57 -35.35 2.12
N LYS A 235 35.29 -36.56 2.60
CA LYS A 235 35.81 -37.74 1.98
C LYS A 235 34.90 -38.23 0.87
N GLU A 236 33.59 -38.11 1.06
CA GLU A 236 32.71 -38.22 -0.10
C GLU A 236 33.02 -37.32 -1.34
N ILE A 237 33.50 -36.09 -1.16
CA ILE A 237 33.86 -35.23 -2.29
C ILE A 237 34.95 -35.96 -3.00
N GLU A 238 35.91 -36.44 -2.21
CA GLU A 238 37.13 -37.04 -2.73
C GLU A 238 36.78 -38.28 -3.53
N GLU A 239 35.74 -38.96 -3.09
CA GLU A 239 35.35 -40.17 -3.77
C GLU A 239 34.45 -39.89 -4.96
N ARG A 240 33.55 -38.91 -4.82
CA ARG A 240 32.44 -38.76 -5.77
C ARG A 240 32.55 -37.59 -6.75
N ALA A 241 33.13 -36.47 -6.34
CA ALA A 241 33.18 -35.26 -7.19
C ALA A 241 34.00 -35.57 -8.43
N PRO A 242 33.62 -34.98 -9.60
CA PRO A 242 34.38 -35.07 -10.84
C PRO A 242 35.90 -35.05 -10.72
N LEU A 243 36.45 -34.19 -9.86
CA LEU A 243 37.91 -34.08 -9.88
C LEU A 243 38.54 -35.04 -8.86
N LYS A 244 37.70 -35.75 -8.10
CA LYS A 244 38.10 -36.79 -7.13
C LYS A 244 39.08 -36.33 -6.07
N ARG A 245 39.01 -35.05 -5.67
CA ARG A 245 39.94 -34.49 -4.70
C ARG A 245 39.21 -33.33 -4.07
N ASN A 246 39.64 -32.87 -2.91
CA ASN A 246 39.02 -31.73 -2.27
C ASN A 246 39.67 -30.45 -2.81
N VAL A 247 39.01 -29.31 -2.59
CA VAL A 247 39.66 -28.04 -2.86
C VAL A 247 40.38 -27.49 -1.61
N ASP A 248 41.27 -26.51 -1.82
CA ASP A 248 41.82 -25.72 -0.71
C ASP A 248 41.54 -24.20 -0.80
N GLN A 249 41.95 -23.47 0.23
CA GLN A 249 41.67 -22.04 0.43
C GLN A 249 42.33 -21.19 -0.66
N VAL A 250 43.46 -21.65 -1.18
CA VAL A 250 44.15 -20.93 -2.25
C VAL A 250 43.34 -21.02 -3.57
N GLU A 251 42.64 -22.14 -3.78
CA GLU A 251 41.76 -22.23 -4.96
C GLU A 251 40.53 -21.32 -4.84
N VAL A 252 39.95 -21.21 -3.65
CA VAL A 252 38.98 -20.14 -3.42
C VAL A 252 39.56 -18.77 -3.74
N GLY A 253 40.73 -18.47 -3.17
CA GLY A 253 41.41 -17.20 -3.43
C GLY A 253 41.63 -16.85 -4.89
N LYS A 254 41.98 -17.87 -5.69
CA LYS A 254 42.24 -17.61 -7.11
C LYS A 254 40.94 -17.28 -7.85
N THR A 255 39.82 -17.93 -7.51
CA THR A 255 38.52 -17.53 -8.03
C THR A 255 38.06 -16.15 -7.51
N ALA A 256 38.28 -15.84 -6.24
CA ALA A 256 38.10 -14.49 -5.72
C ALA A 256 38.84 -13.41 -6.54
N ALA A 257 40.09 -13.72 -6.87
CA ALA A 257 40.92 -12.76 -7.65
C ALA A 257 40.33 -12.47 -9.01
N TYR A 258 39.84 -13.51 -9.69
CA TYR A 258 39.06 -13.34 -10.92
C TYR A 258 37.84 -12.44 -10.65
N LEU A 259 36.99 -12.77 -9.68
CA LEU A 259 35.74 -12.06 -9.41
C LEU A 259 35.89 -10.61 -8.92
N LEU A 260 37.00 -10.35 -8.22
CA LEU A 260 37.31 -9.03 -7.69
C LEU A 260 38.03 -8.20 -8.72
N SER A 261 38.39 -8.79 -9.85
CA SER A 261 39.20 -8.03 -10.81
C SER A 261 38.40 -7.74 -12.08
N ASP A 262 38.98 -6.95 -12.97
CA ASP A 262 38.37 -6.70 -14.28
C ASP A 262 38.21 -7.94 -15.20
N LEU A 263 38.93 -9.03 -14.96
CA LEU A 263 38.72 -10.26 -15.70
C LEU A 263 37.23 -10.60 -15.76
N SER A 264 36.50 -10.32 -14.69
CA SER A 264 35.11 -10.82 -14.63
C SER A 264 34.15 -9.65 -14.87
N SER A 265 34.59 -8.66 -15.66
CA SER A 265 33.81 -7.42 -15.79
C SER A 265 32.33 -7.56 -16.16
N GLY A 266 31.94 -8.58 -16.91
CA GLY A 266 30.50 -8.71 -17.22
C GLY A 266 29.67 -9.61 -16.30
N VAL A 267 30.22 -9.99 -15.15
CA VAL A 267 29.63 -11.05 -14.36
C VAL A 267 29.13 -10.43 -13.07
N THR A 268 27.85 -10.63 -12.75
CA THR A 268 27.29 -10.19 -11.48
C THR A 268 26.04 -11.05 -11.18
N GLY A 269 25.69 -11.18 -9.90
CA GLY A 269 24.55 -12.00 -9.53
C GLY A 269 24.86 -13.48 -9.62
N GLU A 270 26.13 -13.80 -9.87
CA GLU A 270 26.59 -15.16 -10.13
C GLU A 270 27.11 -15.88 -8.87
N ASN A 271 26.96 -17.20 -8.84
CA ASN A 271 27.48 -18.10 -7.80
C ASN A 271 28.44 -19.07 -8.51
N ILE A 272 29.76 -18.86 -8.40
CA ILE A 272 30.74 -19.84 -8.89
C ILE A 272 31.10 -20.92 -7.87
N HIS A 273 30.94 -22.19 -8.25
CA HIS A 273 31.23 -23.32 -7.38
C HIS A 273 32.67 -23.71 -7.54
N VAL A 274 33.41 -23.59 -6.44
CA VAL A 274 34.81 -23.98 -6.43
C VAL A 274 34.89 -25.22 -5.54
N ASP A 275 34.47 -26.34 -6.10
CA ASP A 275 34.07 -27.48 -5.29
C ASP A 275 34.34 -28.80 -6.00
N SER A 276 35.26 -28.79 -6.97
CA SER A 276 35.68 -30.00 -7.69
C SER A 276 34.58 -30.60 -8.58
N GLY A 277 33.56 -29.82 -8.92
CA GLY A 277 32.48 -30.30 -9.76
C GLY A 277 31.35 -30.89 -8.95
N PHE A 278 31.38 -30.85 -7.62
CA PHE A 278 30.40 -31.65 -6.87
C PHE A 278 28.97 -31.20 -7.11
N HIS A 279 28.83 -29.91 -7.45
CA HIS A 279 27.53 -29.29 -7.57
C HIS A 279 26.79 -29.78 -8.82
N ALA A 280 27.48 -30.40 -9.78
CA ALA A 280 26.90 -30.75 -11.07
C ALA A 280 26.49 -32.22 -11.09
N ILE A 281 26.76 -32.96 -10.02
CA ILE A 281 26.45 -34.37 -10.04
C ILE A 281 25.40 -34.78 -9.00
N LYS A 282 24.92 -36.01 -9.13
CA LYS A 282 23.87 -36.48 -8.22
C LYS A 282 23.92 -38.01 -8.29
N VAL B 28 -8.95 -36.50 -6.01
CA VAL B 28 -8.99 -35.96 -4.61
C VAL B 28 -10.42 -36.08 -4.06
N ASN B 29 -10.58 -36.82 -2.94
CA ASN B 29 -11.71 -36.70 -2.02
CA ASN B 29 -11.68 -36.61 -2.01
C ASN B 29 -11.22 -36.59 -0.55
N LEU B 30 -11.53 -35.51 0.16
CA LEU B 30 -10.87 -35.29 1.45
C LEU B 30 -11.73 -35.48 2.72
N GLU B 31 -12.79 -36.28 2.64
CA GLU B 31 -13.60 -36.55 3.83
C GLU B 31 -12.81 -37.35 4.86
N ASN B 32 -13.01 -37.02 6.13
CA ASN B 32 -12.19 -37.59 7.21
C ASN B 32 -10.80 -36.94 7.35
N LYS B 33 -10.35 -36.17 6.38
CA LYS B 33 -9.16 -35.37 6.59
C LYS B 33 -9.47 -34.09 7.37
N THR B 34 -8.48 -33.62 8.14
CA THR B 34 -8.58 -32.31 8.78
C THR B 34 -7.32 -31.50 8.40
N TYR B 35 -7.49 -30.26 7.93
CA TYR B 35 -6.31 -29.43 7.69
C TYR B 35 -6.37 -28.11 8.47
N VAL B 36 -5.21 -27.64 8.95
CA VAL B 36 -5.08 -26.32 9.53
C VAL B 36 -4.64 -25.31 8.46
N ILE B 37 -5.40 -24.21 8.29
CA ILE B 37 -5.07 -23.15 7.33
C ILE B 37 -4.67 -21.87 8.05
N MET B 38 -3.40 -21.47 7.92
CA MET B 38 -2.89 -20.27 8.57
C MET B 38 -2.81 -19.13 7.56
N GLY B 39 -3.36 -17.96 7.89
CA GLY B 39 -3.14 -16.78 7.09
C GLY B 39 -4.34 -16.28 6.28
N ILE B 40 -5.57 -16.69 6.61
CA ILE B 40 -6.71 -15.96 6.04
C ILE B 40 -6.91 -14.62 6.76
N ALA B 41 -6.92 -13.50 6.01
CA ALA B 41 -7.28 -12.16 6.51
C ALA B 41 -8.62 -11.67 5.99
N ASN B 42 -8.94 -12.03 4.75
CA ASN B 42 -10.20 -11.60 4.14
C ASN B 42 -10.49 -12.44 2.88
N LYS B 43 -11.56 -12.11 2.15
CA LYS B 43 -12.08 -12.97 1.09
C LYS B 43 -11.10 -13.12 -0.07
N ARG B 44 -10.09 -12.26 -0.16
CA ARG B 44 -9.09 -12.32 -1.23
C ARG B 44 -7.79 -13.02 -0.84
N SER B 45 -7.63 -13.34 0.44
CA SER B 45 -6.48 -14.12 0.85
C SER B 45 -6.38 -15.36 -0.03
N ILE B 46 -5.16 -15.64 -0.46
CA ILE B 46 -4.86 -16.91 -1.13
C ILE B 46 -5.34 -18.10 -0.31
N ALA B 47 -5.02 -18.07 0.98
CA ALA B 47 -5.50 -19.05 1.94
C ALA B 47 -7.02 -19.26 1.89
N PHE B 48 -7.79 -18.23 1.56
CA PHE B 48 -9.23 -18.47 1.38
C PHE B 48 -9.56 -19.26 0.09
N GLY B 49 -8.82 -19.07 -0.99
CA GLY B 49 -8.94 -19.94 -2.15
C GLY B 49 -8.60 -21.38 -1.78
N VAL B 50 -7.53 -21.56 -1.00
CA VAL B 50 -7.23 -22.89 -0.46
C VAL B 50 -8.41 -23.43 0.36
N ALA B 51 -9.01 -22.65 1.27
CA ALA B 51 -10.13 -23.15 2.09
C ALA B 51 -11.35 -23.59 1.26
N LYS B 52 -11.72 -22.81 0.26
CA LYS B 52 -12.85 -23.18 -0.59
C LYS B 52 -12.59 -24.48 -1.33
N VAL B 53 -11.37 -24.67 -1.85
CA VAL B 53 -11.07 -25.94 -2.51
C VAL B 53 -11.14 -27.13 -1.52
N LEU B 54 -10.46 -27.08 -0.38
CA LEU B 54 -10.57 -28.20 0.56
C LEU B 54 -11.98 -28.39 1.12
N ASP B 55 -12.69 -27.30 1.32
CA ASP B 55 -14.05 -27.38 1.87
C ASP B 55 -15.00 -28.06 0.89
N GLN B 56 -14.95 -27.65 -0.38
CA GLN B 56 -15.65 -28.35 -1.46
C GLN B 56 -15.26 -29.82 -1.59
N LEU B 57 -13.98 -30.17 -1.42
CA LEU B 57 -13.57 -31.57 -1.47
C LEU B 57 -13.90 -32.36 -0.19
N GLY B 58 -14.58 -31.74 0.77
CA GLY B 58 -15.02 -32.50 1.92
C GLY B 58 -14.18 -32.45 3.19
N ALA B 59 -13.03 -31.77 3.16
CA ALA B 59 -12.18 -31.62 4.35
C ALA B 59 -12.83 -30.92 5.55
N LYS B 60 -12.40 -31.28 6.75
CA LYS B 60 -12.66 -30.46 7.93
C LYS B 60 -11.54 -29.44 8.02
N LEU B 61 -11.90 -28.17 8.23
CA LEU B 61 -10.89 -27.11 8.26
C LEU B 61 -10.76 -26.45 9.63
N VAL B 62 -9.52 -26.04 9.98
CA VAL B 62 -9.28 -25.32 11.20
C VAL B 62 -8.53 -24.09 10.77
N PHE B 63 -8.91 -22.93 11.29
CA PHE B 63 -8.28 -21.70 10.81
C PHE B 63 -7.52 -21.00 11.93
N THR B 64 -6.36 -20.46 11.56
CA THR B 64 -5.64 -19.60 12.48
C THR B 64 -5.40 -18.18 11.91
N TYR B 65 -5.46 -17.21 12.83
CA TYR B 65 -5.40 -15.80 12.46
C TYR B 65 -4.59 -15.03 13.51
N ARG B 66 -4.04 -13.88 13.10
CA ARG B 66 -3.44 -12.95 14.04
C ARG B 66 -4.34 -11.75 14.49
N LYS B 67 -4.74 -10.88 13.56
CA LYS B 67 -5.54 -9.69 13.89
C LYS B 67 -6.97 -10.07 14.28
N GLU B 68 -7.58 -9.31 15.20
CA GLU B 68 -9.00 -9.42 15.45
C GLU B 68 -9.83 -9.32 14.18
N ARG B 69 -9.52 -8.36 13.31
CA ARG B 69 -10.32 -8.19 12.10
C ARG B 69 -10.36 -9.46 11.27
N SER B 70 -9.23 -10.15 11.16
CA SER B 70 -9.14 -11.40 10.41
C SER B 70 -10.13 -12.43 10.97
N ARG B 71 -10.29 -12.43 12.30
CA ARG B 71 -11.19 -13.41 12.91
C ARG B 71 -12.62 -13.04 12.52
N LYS B 72 -12.90 -11.74 12.49
CA LYS B 72 -14.20 -11.24 12.03
C LYS B 72 -14.43 -11.65 10.56
N GLU B 73 -13.47 -11.39 9.69
CA GLU B 73 -13.64 -11.84 8.30
C GLU B 73 -13.92 -13.36 8.19
N LEU B 74 -13.24 -14.18 8.99
CA LEU B 74 -13.39 -15.64 9.00
C LEU B 74 -14.79 -16.09 9.42
N GLU B 75 -15.29 -15.50 10.51
CA GLU B 75 -16.61 -15.82 11.01
C GLU B 75 -17.69 -15.62 9.94
N LYS B 76 -17.57 -14.55 9.17
CA LYS B 76 -18.46 -14.27 8.04
C LYS B 76 -18.15 -15.14 6.80
N LEU B 77 -16.88 -15.44 6.53
CA LEU B 77 -16.53 -16.26 5.38
C LEU B 77 -16.92 -17.71 5.59
N LEU B 78 -16.99 -18.18 6.84
CA LEU B 78 -17.42 -19.55 7.10
C LEU B 78 -18.80 -19.84 6.56
N GLU B 79 -19.58 -18.80 6.32
CA GLU B 79 -20.96 -18.96 5.89
C GLU B 79 -21.05 -19.42 4.44
N GLN B 80 -20.07 -19.11 3.61
CA GLN B 80 -20.05 -19.69 2.26
C GLN B 80 -19.47 -21.08 2.23
N LEU B 81 -19.07 -21.59 3.40
CA LEU B 81 -18.32 -22.83 3.47
C LEU B 81 -19.24 -23.93 3.98
N ASN B 82 -18.89 -25.17 3.68
CA ASN B 82 -19.68 -26.28 4.16
C ASN B 82 -19.27 -26.73 5.55
N GLN B 83 -18.44 -25.94 6.24
CA GLN B 83 -17.98 -26.35 7.56
C GLN B 83 -19.11 -26.26 8.57
N PRO B 84 -19.40 -27.38 9.28
CA PRO B 84 -20.47 -27.31 10.28
C PRO B 84 -20.04 -26.55 11.52
N GLU B 85 -18.77 -26.65 11.90
CA GLU B 85 -18.21 -25.93 13.05
C GLU B 85 -17.00 -25.05 12.67
N ALA B 86 -17.02 -23.81 13.15
CA ALA B 86 -15.88 -22.89 13.07
C ALA B 86 -14.84 -23.30 14.12
N HIS B 87 -13.62 -23.59 13.69
CA HIS B 87 -12.54 -23.91 14.61
C HIS B 87 -11.54 -22.79 14.40
N LEU B 88 -11.58 -21.76 15.23
CA LEU B 88 -10.73 -20.59 14.99
C LEU B 88 -9.70 -20.39 16.11
N TYR B 89 -8.44 -20.16 15.74
CA TYR B 89 -7.37 -19.99 16.72
C TYR B 89 -6.48 -18.77 16.38
N GLN B 90 -6.27 -17.91 17.35
CA GLN B 90 -5.37 -16.78 17.19
C GLN B 90 -3.97 -17.31 17.39
N ILE B 91 -3.16 -17.28 16.33
CA ILE B 91 -1.75 -17.55 16.43
C ILE B 91 -0.94 -16.46 15.72
N ASP B 92 -0.23 -15.65 16.51
CA ASP B 92 0.85 -14.79 16.05
C ASP B 92 2.15 -15.60 16.01
N VAL B 93 2.62 -15.92 14.80
CA VAL B 93 3.74 -16.84 14.68
C VAL B 93 5.03 -16.12 15.11
N GLN B 94 4.94 -14.89 15.62
CA GLN B 94 6.11 -14.30 16.30
C GLN B 94 6.31 -14.87 17.71
N SER B 95 5.25 -15.44 18.27
CA SER B 95 5.33 -15.97 19.61
C SER B 95 5.40 -17.50 19.58
N ASP B 96 6.51 -18.04 20.05
CA ASP B 96 6.61 -19.48 20.33
C ASP B 96 5.42 -20.03 21.11
N GLU B 97 5.13 -19.37 22.24
CA GLU B 97 4.02 -19.70 23.09
C GLU B 97 2.71 -19.92 22.32
N GLU B 98 2.39 -19.00 21.42
CA GLU B 98 1.09 -19.00 20.77
C GLU B 98 0.98 -20.13 19.77
N VAL B 99 2.09 -20.41 19.11
CA VAL B 99 2.21 -21.49 18.13
C VAL B 99 2.14 -22.84 18.88
N ILE B 100 2.89 -22.92 19.97
CA ILE B 100 2.86 -24.11 20.82
C ILE B 100 1.47 -24.38 21.38
N ASN B 101 0.92 -23.42 22.14
CA ASN B 101 -0.38 -23.61 22.78
C ASN B 101 -1.50 -23.73 21.75
N GLY B 102 -1.35 -23.05 20.63
CA GLY B 102 -2.35 -23.08 19.57
C GLY B 102 -2.55 -24.45 18.97
N PHE B 103 -1.47 -25.06 18.46
CA PHE B 103 -1.56 -26.40 17.92
C PHE B 103 -1.90 -27.43 19.00
N GLU B 104 -1.52 -27.16 20.25
CA GLU B 104 -1.86 -28.03 21.37
C GLU B 104 -3.36 -28.13 21.55
N GLN B 105 -3.99 -26.95 21.46
CA GLN B 105 -5.42 -26.81 21.63
C GLN B 105 -6.17 -27.40 20.42
N ILE B 106 -5.67 -27.15 19.21
CA ILE B 106 -6.27 -27.78 18.03
C ILE B 106 -6.39 -29.31 18.17
N GLY B 107 -5.27 -29.94 18.49
CA GLY B 107 -5.23 -31.34 18.86
C GLY B 107 -6.20 -31.79 19.96
N LYS B 108 -6.44 -30.97 20.97
CA LYS B 108 -7.43 -31.28 22.00
C LYS B 108 -8.87 -31.13 21.52
N ASP B 109 -9.13 -30.17 20.63
CA ASP B 109 -10.44 -29.92 20.03
C ASP B 109 -10.82 -30.82 18.84
N VAL B 110 -9.90 -31.06 17.90
CA VAL B 110 -10.24 -31.82 16.69
C VAL B 110 -9.46 -33.13 16.46
N GLY B 111 -8.61 -33.51 17.42
CA GLY B 111 -7.81 -34.72 17.29
C GLY B 111 -6.64 -34.52 16.34
N ASN B 112 -6.18 -35.60 15.73
CA ASN B 112 -5.03 -35.53 14.80
C ASN B 112 -5.31 -34.88 13.43
N ILE B 113 -4.33 -34.19 12.86
CA ILE B 113 -4.60 -33.53 11.59
C ILE B 113 -3.82 -34.19 10.46
N ASP B 114 -4.21 -33.86 9.24
CA ASP B 114 -3.56 -34.42 8.06
C ASP B 114 -2.59 -33.46 7.37
N GLY B 115 -2.64 -32.16 7.69
CA GLY B 115 -1.54 -31.29 7.23
C GLY B 115 -1.79 -29.85 7.55
N VAL B 116 -1.03 -28.94 6.95
CA VAL B 116 -1.14 -27.53 7.31
C VAL B 116 -0.83 -26.73 6.06
N TYR B 117 -1.69 -25.75 5.77
CA TYR B 117 -1.43 -24.83 4.67
C TYR B 117 -0.84 -23.60 5.33
N HIS B 118 0.37 -23.18 4.94
CA HIS B 118 0.97 -22.02 5.59
C HIS B 118 0.93 -20.87 4.59
N SER B 119 0.21 -19.78 4.92
CA SER B 119 0.01 -18.66 4.01
C SER B 119 0.29 -17.33 4.72
N ILE B 120 1.52 -17.22 5.26
CA ILE B 120 1.89 -16.15 6.20
C ILE B 120 3.21 -15.50 5.80
N ALA B 121 3.23 -14.18 5.74
CA ALA B 121 4.47 -13.41 5.47
C ALA B 121 4.23 -11.98 5.88
N PHE B 122 5.29 -11.22 6.06
CA PHE B 122 5.17 -9.84 6.51
C PHE B 122 6.50 -9.10 6.29
N ALA B 123 6.42 -7.90 5.75
CA ALA B 123 7.56 -6.97 5.76
C ALA B 123 7.00 -5.57 5.95
N ASN B 124 7.74 -4.68 6.58
CA ASN B 124 7.47 -3.24 6.50
C ASN B 124 7.50 -2.73 5.06
N MET B 125 6.49 -1.92 4.73
CA MET B 125 6.43 -1.07 3.53
C MET B 125 7.74 -0.50 3.03
N GLU B 126 8.46 0.18 3.92
CA GLU B 126 9.81 0.72 3.68
C GLU B 126 10.58 -0.23 2.76
N ASP B 127 10.35 -1.53 2.95
CA ASP B 127 11.30 -2.53 2.50
C ASP B 127 10.75 -3.27 1.28
N LEU B 128 9.72 -2.70 0.64
CA LEU B 128 9.11 -3.38 -0.50
C LEU B 128 9.18 -2.46 -1.74
N ARG B 129 10.18 -1.57 -1.72
CA ARG B 129 10.37 -0.57 -2.78
C ARG B 129 11.71 0.13 -2.53
N GLY B 130 12.18 0.93 -3.49
CA GLY B 130 13.48 1.57 -3.39
C GLY B 130 14.64 0.58 -3.33
N ARG B 131 15.69 0.94 -2.59
CA ARG B 131 16.99 0.27 -2.70
C ARG B 131 17.15 -0.82 -1.66
N PHE B 132 17.40 -2.05 -2.11
CA PHE B 132 17.47 -3.20 -1.21
C PHE B 132 18.65 -3.08 -0.26
N SER B 133 19.68 -2.42 -0.77
CA SER B 133 20.87 -2.16 -0.02
C SER B 133 20.67 -1.22 1.19
N GLU B 134 19.56 -0.49 1.24
CA GLU B 134 19.20 0.28 2.43
C GLU B 134 18.32 -0.49 3.45
N THR B 135 18.07 -1.79 3.26
CA THR B 135 17.30 -2.52 4.27
C THR B 135 17.96 -2.44 5.65
N SER B 136 17.20 -2.04 6.66
CA SER B 136 17.65 -2.11 8.05
C SER B 136 17.77 -3.56 8.53
N ARG B 137 18.64 -3.78 9.51
CA ARG B 137 18.72 -5.06 10.22
C ARG B 137 17.35 -5.52 10.74
N GLU B 138 16.59 -4.58 11.28
CA GLU B 138 15.37 -4.85 11.99
C GLU B 138 14.27 -5.30 11.03
N GLY B 139 14.10 -4.59 9.91
CA GLY B 139 13.17 -5.04 8.86
C GLY B 139 13.58 -6.32 8.13
N PHE B 140 14.88 -6.53 7.93
CA PHE B 140 15.43 -7.82 7.47
C PHE B 140 15.03 -9.00 8.38
N LEU B 141 15.33 -8.89 9.65
CA LEU B 141 15.08 -10.03 10.54
C LEU B 141 13.59 -10.27 10.81
N LEU B 142 12.80 -9.21 10.68
CA LEU B 142 11.37 -9.30 10.88
C LEU B 142 10.69 -10.12 9.78
N ALA B 143 11.12 -9.81 8.56
CA ALA B 143 10.71 -10.56 7.37
C ALA B 143 11.13 -12.03 7.45
N GLN B 144 12.38 -12.29 7.87
CA GLN B 144 12.86 -13.66 8.14
C GLN B 144 12.04 -14.39 9.18
N ASP B 145 11.74 -13.70 10.28
CA ASP B 145 11.11 -14.29 11.43
C ASP B 145 9.72 -14.79 11.05
N ILE B 146 8.90 -13.94 10.43
CA ILE B 146 7.49 -14.21 10.17
C ILE B 146 7.26 -15.04 8.92
N SER B 147 8.04 -14.74 7.88
CA SER B 147 7.91 -15.34 6.56
C SER B 147 8.72 -16.62 6.38
N SER B 148 9.71 -16.87 7.24
CA SER B 148 10.51 -18.09 7.03
C SER B 148 10.58 -18.95 8.27
N TYR B 149 11.20 -18.43 9.32
CA TYR B 149 11.23 -19.13 10.59
C TYR B 149 9.87 -19.69 11.04
N SER B 150 8.81 -18.92 10.81
CA SER B 150 7.51 -19.39 11.31
C SER B 150 7.17 -20.80 10.85
N LEU B 151 7.69 -21.23 9.69
CA LEU B 151 7.31 -22.54 9.11
C LEU B 151 7.93 -23.68 9.90
N THR B 152 9.18 -23.47 10.27
CA THR B 152 9.94 -24.37 11.17
C THR B 152 9.24 -24.68 12.49
N ILE B 153 8.86 -23.64 13.22
CA ILE B 153 8.14 -23.85 14.47
C ILE B 153 6.75 -24.45 14.23
N VAL B 154 6.03 -23.97 13.22
CA VAL B 154 4.75 -24.63 12.87
C VAL B 154 4.93 -26.13 12.59
N ALA B 155 5.88 -26.48 11.71
CA ALA B 155 6.26 -27.89 11.40
C ALA B 155 6.53 -28.70 12.68
N HIS B 156 7.32 -28.10 13.57
CA HIS B 156 7.64 -28.77 14.81
C HIS B 156 6.41 -29.03 15.68
N GLU B 157 5.51 -28.06 15.77
CA GLU B 157 4.33 -28.27 16.61
C GLU B 157 3.25 -29.14 15.93
N ALA B 158 3.03 -28.92 14.64
CA ALA B 158 2.00 -29.68 13.91
C ALA B 158 2.35 -31.16 13.83
N LYS B 159 3.63 -31.45 13.86
CA LYS B 159 4.08 -32.82 13.67
C LYS B 159 3.61 -33.72 14.84
N LYS B 160 3.52 -33.15 16.03
CA LYS B 160 2.91 -33.79 17.18
C LYS B 160 1.49 -34.24 16.83
N LEU B 161 0.83 -33.56 15.90
CA LEU B 161 -0.54 -33.89 15.51
C LEU B 161 -0.63 -34.85 14.29
N MET B 162 0.52 -35.29 13.78
CA MET B 162 0.56 -36.13 12.58
C MET B 162 1.36 -37.38 12.89
N PRO B 163 0.91 -38.14 13.90
CA PRO B 163 1.73 -39.28 14.33
C PRO B 163 1.88 -40.33 13.23
N GLU B 164 0.95 -40.38 12.27
CA GLU B 164 1.24 -41.26 11.15
C GLU B 164 1.35 -40.60 9.79
N GLY B 165 1.81 -39.36 9.77
CA GLY B 165 2.16 -38.72 8.52
C GLY B 165 1.26 -37.55 8.17
N GLY B 166 1.67 -36.76 7.18
CA GLY B 166 0.78 -35.76 6.63
C GLY B 166 1.51 -34.84 5.69
N SER B 167 0.90 -33.68 5.42
CA SER B 167 1.44 -32.78 4.40
C SER B 167 1.45 -31.29 4.84
N ILE B 168 2.58 -30.63 4.66
CA ILE B 168 2.70 -29.22 5.01
C ILE B 168 3.01 -28.44 3.75
N VAL B 169 2.26 -27.38 3.45
CA VAL B 169 2.49 -26.62 2.22
C VAL B 169 2.74 -25.17 2.57
N ALA B 170 3.79 -24.54 2.06
CA ALA B 170 3.93 -23.10 2.27
C ALA B 170 3.75 -22.28 0.98
N THR B 171 3.50 -20.98 1.10
CA THR B 171 3.28 -20.18 -0.11
C THR B 171 4.51 -19.31 -0.42
N THR B 172 5.12 -19.47 -1.60
CA THR B 172 6.28 -18.64 -1.95
C THR B 172 6.04 -17.82 -3.21
N TYR B 173 7.06 -17.07 -3.64
CA TYR B 173 6.97 -16.21 -4.80
C TYR B 173 8.29 -16.26 -5.54
N LEU B 174 8.21 -16.39 -6.87
CA LEU B 174 9.36 -16.31 -7.77
C LEU B 174 10.43 -15.33 -7.34
N GLY B 175 10.11 -14.26 -6.62
CA GLY B 175 11.17 -13.43 -6.02
C GLY B 175 12.15 -14.12 -5.07
N GLY B 176 11.81 -15.33 -4.60
CA GLY B 176 12.75 -16.16 -3.81
C GLY B 176 13.82 -16.83 -4.65
N GLU B 177 13.64 -16.82 -5.98
CA GLU B 177 14.50 -17.55 -6.89
C GLU B 177 15.32 -16.61 -7.76
N PHE B 178 14.85 -15.39 -8.02
CA PHE B 178 15.53 -14.40 -8.84
C PHE B 178 15.39 -13.05 -8.16
N ALA B 179 16.25 -12.10 -8.52
CA ALA B 179 16.17 -10.78 -7.94
C ALA B 179 15.12 -10.12 -8.81
N VAL B 180 14.15 -9.48 -8.17
CA VAL B 180 12.93 -9.05 -8.85
C VAL B 180 12.75 -7.63 -8.36
N GLN B 181 12.37 -6.69 -9.22
CA GLN B 181 12.23 -5.30 -8.80
C GLN B 181 11.30 -5.16 -7.58
N ASN B 182 11.71 -4.39 -6.55
CA ASN B 182 10.87 -3.99 -5.40
C ASN B 182 10.63 -4.99 -4.30
N TYR B 183 10.50 -6.27 -4.64
CA TYR B 183 10.24 -7.31 -3.67
C TYR B 183 11.28 -7.37 -2.54
N ASN B 184 12.50 -6.96 -2.86
CA ASN B 184 13.55 -6.63 -1.89
C ASN B 184 13.71 -7.59 -0.70
N VAL B 185 13.41 -7.13 0.52
CA VAL B 185 13.64 -7.90 1.75
C VAL B 185 12.79 -9.20 1.70
N MET B 186 11.62 -9.16 1.08
CA MET B 186 10.78 -10.35 0.98
C MET B 186 11.37 -11.42 0.01
N GLY B 187 12.16 -10.98 -0.96
CA GLY B 187 12.82 -11.91 -1.87
C GLY B 187 13.76 -12.82 -1.09
N VAL B 188 14.54 -12.17 -0.23
CA VAL B 188 15.49 -12.87 0.60
C VAL B 188 14.74 -13.72 1.63
N ALA B 189 13.63 -13.25 2.19
CA ALA B 189 12.84 -14.12 3.10
C ALA B 189 12.25 -15.32 2.35
N LYS B 190 11.88 -15.17 1.08
CA LYS B 190 11.35 -16.31 0.31
C LYS B 190 12.41 -17.30 -0.09
N ALA B 191 13.62 -16.81 -0.33
CA ALA B 191 14.73 -17.70 -0.65
C ALA B 191 14.98 -18.63 0.54
N SER B 192 14.94 -18.01 1.73
CA SER B 192 15.04 -18.64 3.02
C SER B 192 13.93 -19.66 3.29
N LEU B 193 12.70 -19.24 3.03
CA LEU B 193 11.53 -20.11 3.12
C LEU B 193 11.68 -21.35 2.20
N GLU B 194 12.23 -21.13 1.01
CA GLU B 194 12.23 -22.16 0.02
C GLU B 194 13.26 -23.18 0.48
N ALA B 195 14.35 -22.76 1.12
CA ALA B 195 15.33 -23.69 1.67
C ALA B 195 14.80 -24.34 2.94
N ASN B 196 13.95 -23.62 3.66
CA ASN B 196 13.40 -24.08 4.92
C ASN B 196 12.53 -25.30 4.61
N VAL B 197 11.81 -25.19 3.50
CA VAL B 197 11.04 -26.30 2.95
C VAL B 197 11.90 -27.54 2.62
N LYS B 198 13.08 -27.34 2.03
CA LYS B 198 13.89 -28.46 1.60
C LYS B 198 14.44 -29.12 2.84
N TYR B 199 14.93 -28.30 3.78
CA TYR B 199 15.48 -28.83 5.02
C TYR B 199 14.41 -29.53 5.89
N LEU B 200 13.23 -28.96 6.02
CA LEU B 200 12.14 -29.67 6.70
C LEU B 200 11.73 -30.94 5.96
N ALA B 201 11.79 -30.94 4.64
CA ALA B 201 11.46 -32.20 3.90
C ALA B 201 12.41 -33.40 4.22
N LEU B 202 13.71 -33.08 4.27
CA LEU B 202 14.73 -34.03 4.65
C LEU B 202 14.53 -34.48 6.09
N ASP B 203 14.34 -33.52 7.00
CA ASP B 203 14.17 -33.83 8.43
C ASP B 203 12.89 -34.65 8.72
N LEU B 204 11.75 -34.26 8.16
CA LEU B 204 10.44 -34.82 8.55
C LEU B 204 9.99 -35.99 7.64
N GLY B 205 10.69 -36.14 6.51
CA GLY B 205 10.43 -37.26 5.57
C GLY B 205 10.32 -38.65 6.20
N PRO B 206 11.25 -39.02 7.12
CA PRO B 206 11.16 -40.39 7.68
C PRO B 206 9.98 -40.56 8.63
N ASP B 207 9.42 -39.44 9.06
CA ASP B 207 8.15 -39.41 9.79
C ASP B 207 6.92 -39.46 8.89
N ASN B 208 7.14 -39.62 7.58
CA ASN B 208 6.08 -39.60 6.56
C ASN B 208 5.40 -38.23 6.52
N ILE B 209 6.16 -37.17 6.73
CA ILE B 209 5.56 -35.85 6.62
C ILE B 209 6.24 -35.17 5.45
N ARG B 210 5.44 -34.77 4.46
CA ARG B 210 5.98 -34.20 3.23
C ARG B 210 5.92 -32.68 3.39
N VAL B 211 6.85 -31.96 2.78
CA VAL B 211 6.84 -30.52 2.89
C VAL B 211 7.20 -29.93 1.55
N ASN B 212 6.40 -28.95 1.09
CA ASN B 212 6.43 -28.44 -0.26
C ASN B 212 5.98 -26.99 -0.28
N ALA B 213 6.43 -26.23 -1.29
CA ALA B 213 6.04 -24.86 -1.54
C ALA B 213 5.14 -24.76 -2.77
N ILE B 214 4.16 -23.84 -2.76
CA ILE B 214 3.56 -23.36 -4.00
C ILE B 214 4.11 -21.97 -4.34
N SER B 215 4.65 -21.78 -5.53
CA SER B 215 5.14 -20.48 -5.90
C SER B 215 4.02 -19.83 -6.68
N ALA B 216 3.23 -19.00 -5.99
CA ALA B 216 2.08 -18.34 -6.64
C ALA B 216 2.48 -17.15 -7.48
N GLY B 217 1.80 -17.00 -8.62
CA GLY B 217 1.95 -15.82 -9.47
C GLY B 217 1.28 -14.62 -8.81
N PRO B 218 1.54 -13.39 -9.31
CA PRO B 218 0.92 -12.27 -8.59
C PRO B 218 -0.63 -12.26 -8.56
N ILE B 219 -1.19 -12.01 -7.38
CA ILE B 219 -2.63 -12.02 -7.15
C ILE B 219 -2.98 -10.80 -6.26
N ARG B 220 -4.05 -10.05 -6.58
CA ARG B 220 -4.47 -8.92 -5.76
C ARG B 220 -5.01 -9.36 -4.38
N THR B 221 -4.24 -9.10 -3.33
CA THR B 221 -4.64 -9.46 -1.98
C THR B 221 -4.37 -8.28 -1.10
N LEU B 222 -4.82 -8.27 0.15
CA LEU B 222 -4.46 -7.16 1.05
C LEU B 222 -2.95 -6.91 1.05
N SER B 223 -2.17 -7.97 1.32
CA SER B 223 -0.72 -7.88 1.38
C SER B 223 -0.07 -7.36 0.09
N ALA B 224 -0.61 -7.70 -1.07
CA ALA B 224 -0.06 -7.23 -2.36
C ALA B 224 -0.16 -5.73 -2.60
N LYS B 225 -1.13 -5.10 -1.93
CA LYS B 225 -1.39 -3.66 -2.05
C LYS B 225 -0.25 -2.87 -1.43
N GLY B 226 0.54 -3.52 -0.58
CA GLY B 226 1.76 -2.91 -0.06
C GLY B 226 3.07 -3.18 -0.79
N VAL B 227 3.05 -3.89 -1.92
CA VAL B 227 4.29 -4.19 -2.65
C VAL B 227 4.51 -3.25 -3.84
N GLY B 228 5.62 -2.50 -3.84
CA GLY B 228 5.96 -1.70 -5.01
C GLY B 228 5.74 -2.37 -6.35
N GLY B 229 5.16 -1.65 -7.30
CA GLY B 229 5.10 -2.10 -8.71
C GLY B 229 4.24 -3.32 -8.98
N PHE B 230 3.33 -3.63 -8.06
CA PHE B 230 2.53 -4.85 -8.19
C PHE B 230 1.69 -4.92 -9.49
N ASN B 231 1.17 -3.76 -9.91
CA ASN B 231 0.24 -3.70 -11.02
C ASN B 231 1.01 -3.91 -12.31
N THR B 232 2.19 -3.32 -12.39
CA THR B 232 2.98 -3.44 -13.61
C THR B 232 3.52 -4.86 -13.75
N ILE B 233 3.58 -5.62 -12.65
CA ILE B 233 3.94 -7.04 -12.72
C ILE B 233 2.77 -7.92 -13.17
N LEU B 234 1.59 -7.66 -12.61
CA LEU B 234 0.34 -8.27 -13.01
C LEU B 234 0.13 -8.23 -14.51
N LYS B 235 0.48 -7.10 -15.09
CA LYS B 235 0.18 -6.86 -16.48
C LYS B 235 1.27 -7.53 -17.31
N GLU B 236 2.50 -7.56 -16.79
CA GLU B 236 3.57 -8.21 -17.54
C GLU B 236 3.26 -9.71 -17.67
N ILE B 237 2.70 -10.30 -16.62
CA ILE B 237 2.35 -11.70 -16.71
C ILE B 237 1.40 -11.96 -17.86
N GLU B 238 0.34 -11.15 -17.90
CA GLU B 238 -0.72 -11.33 -18.87
C GLU B 238 -0.12 -11.32 -20.25
N GLU B 239 0.79 -10.37 -20.46
CA GLU B 239 1.42 -10.16 -21.77
C GLU B 239 2.45 -11.23 -22.15
N ARG B 240 3.11 -11.84 -21.18
CA ARG B 240 4.38 -12.52 -21.49
C ARG B 240 4.43 -13.98 -21.02
N ALA B 241 3.66 -14.31 -19.99
CA ALA B 241 3.59 -15.67 -19.43
C ALA B 241 2.97 -16.59 -20.48
N PRO B 242 3.48 -17.81 -20.64
CA PRO B 242 2.90 -18.72 -21.62
C PRO B 242 1.36 -18.73 -21.72
N LEU B 243 0.62 -18.72 -20.60
CA LEU B 243 -0.83 -18.74 -20.69
C LEU B 243 -1.45 -17.35 -20.96
N LYS B 244 -0.60 -16.32 -20.97
CA LYS B 244 -1.06 -14.99 -21.33
C LYS B 244 -2.24 -14.59 -20.43
N ARG B 245 -2.20 -14.95 -19.16
CA ARG B 245 -3.24 -14.54 -18.22
C ARG B 245 -2.69 -14.66 -16.81
N ASN B 246 -3.32 -14.04 -15.82
CA ASN B 246 -2.94 -14.22 -14.41
C ASN B 246 -3.67 -15.41 -13.77
N VAL B 247 -3.18 -15.87 -12.62
CA VAL B 247 -3.83 -16.97 -11.90
C VAL B 247 -4.71 -16.40 -10.81
N ASP B 248 -5.53 -17.22 -10.15
CA ASP B 248 -6.28 -16.72 -9.00
C ASP B 248 -6.09 -17.61 -7.77
N GLN B 249 -6.70 -17.22 -6.66
CA GLN B 249 -6.51 -17.92 -5.41
C GLN B 249 -7.02 -19.36 -5.52
N VAL B 250 -8.08 -19.58 -6.29
CA VAL B 250 -8.68 -20.92 -6.44
C VAL B 250 -7.71 -21.89 -7.13
N GLU B 251 -6.99 -21.36 -8.10
CA GLU B 251 -5.97 -22.12 -8.79
C GLU B 251 -4.88 -22.53 -7.82
N VAL B 252 -4.59 -21.72 -6.79
CA VAL B 252 -3.57 -22.08 -5.81
C VAL B 252 -4.18 -23.14 -4.90
N GLY B 253 -5.39 -22.87 -4.44
CA GLY B 253 -6.24 -23.90 -3.83
C GLY B 253 -6.20 -25.29 -4.48
N LYS B 254 -6.45 -25.39 -5.79
CA LYS B 254 -6.40 -26.68 -6.50
C LYS B 254 -5.03 -27.37 -6.42
N THR B 255 -3.94 -26.62 -6.57
CA THR B 255 -2.63 -27.22 -6.40
C THR B 255 -2.35 -27.58 -4.93
N ALA B 256 -2.79 -26.76 -3.99
CA ALA B 256 -2.76 -27.07 -2.56
C ALA B 256 -3.44 -28.40 -2.20
N ALA B 257 -4.63 -28.61 -2.75
CA ALA B 257 -5.35 -29.87 -2.55
C ALA B 257 -4.53 -31.07 -3.04
N TYR B 258 -3.85 -30.88 -4.18
CA TYR B 258 -3.09 -31.96 -4.78
C TYR B 258 -1.99 -32.28 -3.78
N LEU B 259 -1.14 -31.29 -3.46
CA LEU B 259 -0.06 -31.41 -2.47
C LEU B 259 -0.46 -31.95 -1.09
N LEU B 260 -1.66 -31.59 -0.63
CA LEU B 260 -2.09 -31.86 0.74
C LEU B 260 -2.69 -33.26 0.78
N SER B 261 -2.96 -33.84 -0.40
CA SER B 261 -3.65 -35.12 -0.53
C SER B 261 -2.67 -36.24 -0.88
N ASP B 262 -3.20 -37.46 -0.88
CA ASP B 262 -2.43 -38.66 -1.30
C ASP B 262 -2.08 -38.63 -2.80
N LEU B 263 -2.74 -37.77 -3.57
CA LEU B 263 -2.44 -37.68 -5.00
C LEU B 263 -0.98 -37.33 -5.18
N SER B 264 -0.41 -36.67 -4.19
CA SER B 264 0.99 -36.26 -4.33
C SER B 264 1.95 -37.08 -3.46
N SER B 265 1.59 -38.29 -3.04
N SER B 265 1.58 -38.30 -3.09
CA SER B 265 2.43 -38.99 -2.04
CA SER B 265 2.59 -39.19 -2.52
C SER B 265 3.90 -39.24 -2.40
C SER B 265 3.80 -39.27 -3.45
N GLY B 266 4.28 -39.01 -3.65
N GLY B 266 4.98 -39.11 -2.86
CA GLY B 266 5.67 -39.23 -4.07
CA GLY B 266 6.22 -39.27 -3.60
C GLY B 266 6.55 -37.99 -4.09
C GLY B 266 6.84 -37.91 -3.75
N VAL B 267 6.00 -36.88 -3.58
CA VAL B 267 6.48 -35.54 -3.85
C VAL B 267 6.79 -34.85 -2.53
N THR B 268 8.02 -34.41 -2.34
CA THR B 268 8.36 -33.64 -1.15
C THR B 268 9.60 -32.80 -1.45
N GLY B 269 9.80 -31.70 -0.72
CA GLY B 269 10.88 -30.73 -0.98
C GLY B 269 10.75 -30.03 -2.32
N GLU B 270 9.55 -30.07 -2.92
CA GLU B 270 9.30 -29.52 -4.23
C GLU B 270 8.67 -28.12 -4.11
N ASN B 271 8.86 -27.30 -5.14
CA ASN B 271 8.24 -26.00 -5.29
C ASN B 271 7.48 -26.02 -6.62
N ILE B 272 6.15 -26.05 -6.59
CA ILE B 272 5.34 -25.98 -7.82
C ILE B 272 4.86 -24.57 -8.13
N HIS B 273 5.25 -24.05 -9.29
CA HIS B 273 4.86 -22.71 -9.73
C HIS B 273 3.45 -22.73 -10.29
N VAL B 274 2.59 -21.97 -9.65
CA VAL B 274 1.25 -21.77 -10.15
C VAL B 274 1.15 -20.35 -10.64
N ASP B 275 1.72 -20.11 -11.82
CA ASP B 275 2.05 -18.77 -12.27
C ASP B 275 1.95 -18.62 -13.78
N SER B 276 1.12 -19.43 -14.44
CA SER B 276 0.92 -19.30 -15.88
C SER B 276 2.15 -19.64 -16.70
N GLY B 277 3.09 -20.34 -16.07
CA GLY B 277 4.34 -20.64 -16.77
C GLY B 277 5.43 -19.59 -16.76
N PHE B 278 5.30 -18.51 -15.97
CA PHE B 278 6.18 -17.36 -16.05
C PHE B 278 7.59 -17.67 -15.54
N HIS B 279 7.68 -18.58 -14.58
CA HIS B 279 8.95 -19.11 -14.13
C HIS B 279 9.85 -19.69 -15.26
N ALA B 280 9.29 -20.17 -16.37
CA ALA B 280 10.08 -20.98 -17.31
C ALA B 280 10.69 -20.18 -18.45
N ILE B 281 10.39 -18.90 -18.50
CA ILE B 281 10.72 -18.08 -19.65
C ILE B 281 11.60 -16.94 -19.15
N LYS B 282 12.33 -16.36 -20.08
CA LYS B 282 13.06 -15.14 -19.81
C LYS B 282 12.91 -14.27 -21.04
N ASN C 29 -12.39 -36.11 -10.78
CA ASN C 29 -13.13 -36.94 -11.78
C ASN C 29 -12.84 -36.64 -13.27
N LEU C 30 -12.58 -37.69 -14.03
CA LEU C 30 -12.15 -37.52 -15.42
C LEU C 30 -13.10 -38.14 -16.44
N GLU C 31 -14.38 -38.28 -16.10
CA GLU C 31 -15.34 -38.78 -17.08
C GLU C 31 -15.53 -37.74 -18.16
N ASN C 32 -15.78 -38.18 -19.38
CA ASN C 32 -15.87 -37.25 -20.50
C ASN C 32 -14.51 -36.71 -20.90
N LYS C 33 -13.43 -37.16 -20.27
CA LYS C 33 -12.08 -36.85 -20.75
C LYS C 33 -11.52 -38.02 -21.56
N THR C 34 -10.68 -37.72 -22.54
CA THR C 34 -9.94 -38.74 -23.29
C THR C 34 -8.47 -38.38 -23.31
N TYR C 35 -7.63 -39.36 -22.96
CA TYR C 35 -6.19 -39.14 -22.97
C TYR C 35 -5.53 -40.21 -23.86
N VAL C 36 -4.55 -39.79 -24.64
CA VAL C 36 -3.65 -40.67 -25.33
C VAL C 36 -2.44 -40.94 -24.42
N ILE C 37 -2.21 -42.23 -24.14
CA ILE C 37 -1.03 -42.66 -23.40
C ILE C 37 -0.08 -43.38 -24.40
N MET C 38 1.11 -42.82 -24.56
CA MET C 38 2.14 -43.36 -25.43
C MET C 38 3.25 -44.03 -24.58
N GLY C 39 3.55 -45.30 -24.89
CA GLY C 39 4.71 -45.99 -24.34
C GLY C 39 4.42 -47.02 -23.25
N ILE C 40 3.29 -47.70 -23.26
CA ILE C 40 3.22 -48.95 -22.51
C ILE C 40 3.90 -50.09 -23.30
N ALA C 41 4.85 -50.76 -22.66
CA ALA C 41 5.41 -52.04 -23.14
C ALA C 41 4.85 -53.26 -22.40
N ASN C 42 4.63 -53.15 -21.08
CA ASN C 42 4.10 -54.26 -20.25
C ASN C 42 3.55 -53.73 -18.91
N LYS C 43 3.19 -54.61 -17.99
CA LYS C 43 2.57 -54.18 -16.72
C LYS C 43 3.44 -53.27 -15.86
N ARG C 44 4.75 -53.24 -16.08
CA ARG C 44 5.65 -52.45 -15.27
C ARG C 44 5.97 -51.07 -15.86
N SER C 45 5.56 -50.87 -17.11
CA SER C 45 5.69 -49.53 -17.71
C SER C 45 5.13 -48.48 -16.74
N ILE C 46 5.88 -47.39 -16.61
CA ILE C 46 5.39 -46.21 -15.92
C ILE C 46 4.03 -45.75 -16.49
N ALA C 47 3.93 -45.81 -17.80
CA ALA C 47 2.72 -45.42 -18.54
C ALA C 47 1.56 -46.29 -18.14
N PHE C 48 1.81 -47.52 -17.72
CA PHE C 48 0.69 -48.32 -17.26
C PHE C 48 0.23 -47.96 -15.83
N GLY C 49 1.13 -47.44 -14.99
CA GLY C 49 0.74 -46.81 -13.73
C GLY C 49 -0.21 -45.64 -14.01
N VAL C 50 0.21 -44.75 -14.92
CA VAL C 50 -0.65 -43.68 -15.39
C VAL C 50 -2.03 -44.13 -15.84
N ALA C 51 -2.07 -45.15 -16.71
CA ALA C 51 -3.35 -45.62 -17.23
C ALA C 51 -4.28 -46.20 -16.13
N LYS C 52 -3.73 -46.87 -15.10
CA LYS C 52 -4.56 -47.50 -14.07
C LYS C 52 -5.20 -46.37 -13.27
N VAL C 53 -4.49 -45.24 -13.12
CA VAL C 53 -5.05 -44.10 -12.38
C VAL C 53 -6.10 -43.31 -13.19
N LEU C 54 -5.78 -42.97 -14.44
CA LEU C 54 -6.77 -42.32 -15.29
C LEU C 54 -8.04 -43.18 -15.45
N ASP C 55 -7.86 -44.49 -15.66
CA ASP C 55 -8.98 -45.40 -15.94
C ASP C 55 -9.84 -45.48 -14.70
N GLN C 56 -9.19 -45.53 -13.54
CA GLN C 56 -9.85 -45.46 -12.24
C GLN C 56 -10.67 -44.17 -12.05
N LEU C 57 -10.17 -43.05 -12.57
CA LEU C 57 -10.82 -41.74 -12.44
C LEU C 57 -11.87 -41.41 -13.49
N GLY C 58 -12.12 -42.33 -14.43
CA GLY C 58 -13.28 -42.22 -15.31
C GLY C 58 -12.88 -41.98 -16.75
N ALA C 59 -11.62 -41.65 -17.00
CA ALA C 59 -11.18 -41.31 -18.34
C ALA C 59 -11.42 -42.39 -19.37
N LYS C 60 -11.55 -41.95 -20.61
CA LYS C 60 -11.43 -42.82 -21.77
C LYS C 60 -9.97 -42.76 -22.19
N LEU C 61 -9.38 -43.90 -22.53
CA LEU C 61 -7.98 -43.92 -22.97
C LEU C 61 -7.79 -44.51 -24.37
N VAL C 62 -6.77 -43.99 -25.04
CA VAL C 62 -6.30 -44.42 -26.33
C VAL C 62 -4.84 -44.71 -26.03
N PHE C 63 -4.32 -45.83 -26.54
CA PHE C 63 -2.92 -46.24 -26.33
C PHE C 63 -2.13 -46.30 -27.62
N THR C 64 -0.89 -45.84 -27.60
CA THR C 64 0.00 -46.01 -28.75
C THR C 64 1.23 -46.86 -28.42
N TYR C 65 1.71 -47.65 -29.40
CA TYR C 65 2.80 -48.63 -29.17
C TYR C 65 3.78 -48.67 -30.36
N ARG C 66 4.97 -49.24 -30.17
CA ARG C 66 5.83 -49.53 -31.30
C ARG C 66 5.92 -51.02 -31.67
N LYS C 67 6.41 -51.87 -30.77
CA LYS C 67 6.60 -53.30 -31.05
C LYS C 67 5.28 -54.03 -31.03
N GLU C 68 5.13 -55.06 -31.87
CA GLU C 68 3.97 -55.92 -31.78
C GLU C 68 3.77 -56.51 -30.39
N ARG C 69 4.87 -56.90 -29.75
CA ARG C 69 4.80 -57.39 -28.39
C ARG C 69 4.09 -56.39 -27.48
N SER C 70 4.35 -55.10 -27.63
CA SER C 70 3.68 -54.10 -26.77
C SER C 70 2.16 -54.07 -27.00
N ARG C 71 1.76 -54.25 -28.25
CA ARG C 71 0.34 -54.43 -28.54
C ARG C 71 -0.21 -55.66 -27.78
N LYS C 72 0.45 -56.82 -27.87
CA LYS C 72 0.03 -58.02 -27.14
C LYS C 72 -0.17 -57.77 -25.63
N GLU C 73 0.83 -57.13 -25.03
CA GLU C 73 0.78 -56.78 -23.61
C GLU C 73 -0.39 -55.84 -23.34
N LEU C 74 -0.60 -54.82 -24.20
CA LEU C 74 -1.76 -53.91 -24.11
C LEU C 74 -3.12 -54.59 -24.14
N GLU C 75 -3.31 -55.56 -25.03
CA GLU C 75 -4.55 -56.34 -25.06
C GLU C 75 -4.75 -57.22 -23.80
N LYS C 76 -3.69 -57.78 -23.25
CA LYS C 76 -3.74 -58.49 -21.97
C LYS C 76 -4.13 -57.53 -20.82
N LEU C 77 -3.40 -56.43 -20.69
CA LEU C 77 -3.61 -55.47 -19.59
C LEU C 77 -4.98 -54.79 -19.58
N LEU C 78 -5.55 -54.55 -20.76
CA LEU C 78 -6.89 -53.97 -20.86
C LEU C 78 -8.01 -54.76 -20.16
N GLU C 79 -7.79 -56.03 -19.85
CA GLU C 79 -8.74 -56.80 -19.03
C GLU C 79 -8.77 -56.35 -17.57
N GLN C 80 -7.76 -55.58 -17.17
CA GLN C 80 -7.69 -55.06 -15.79
C GLN C 80 -8.30 -53.67 -15.73
N LEU C 81 -8.53 -53.09 -16.89
CA LEU C 81 -9.10 -51.75 -17.00
C LEU C 81 -10.62 -51.78 -17.14
N ASN C 82 -11.25 -50.68 -16.74
CA ASN C 82 -12.64 -50.41 -17.08
C ASN C 82 -12.89 -49.99 -18.51
N GLN C 83 -11.87 -49.96 -19.36
CA GLN C 83 -12.14 -49.48 -20.72
C GLN C 83 -13.03 -50.45 -21.50
N PRO C 84 -14.18 -49.96 -21.99
CA PRO C 84 -15.17 -50.75 -22.71
C PRO C 84 -14.69 -51.11 -24.11
N GLU C 85 -13.93 -50.22 -24.75
CA GLU C 85 -13.23 -50.66 -25.93
C GLU C 85 -11.75 -50.34 -25.95
N ALA C 86 -11.00 -51.24 -26.59
CA ALA C 86 -9.58 -51.05 -26.93
C ALA C 86 -9.43 -50.01 -28.02
N HIS C 87 -8.56 -49.03 -27.79
CA HIS C 87 -8.11 -48.09 -28.81
C HIS C 87 -6.58 -48.10 -28.91
N LEU C 88 -6.05 -48.94 -29.79
CA LEU C 88 -4.61 -49.18 -29.90
C LEU C 88 -4.12 -48.72 -31.26
N TYR C 89 -3.08 -47.90 -31.26
CA TYR C 89 -2.51 -47.40 -32.50
C TYR C 89 -1.01 -47.62 -32.45
N GLN C 90 -0.47 -48.25 -33.49
CA GLN C 90 0.96 -48.43 -33.63
C GLN C 90 1.57 -47.13 -34.10
N ILE C 91 2.47 -46.53 -33.32
CA ILE C 91 3.21 -45.30 -33.71
C ILE C 91 4.66 -45.39 -33.26
N ASP C 92 5.57 -45.65 -34.20
CA ASP C 92 6.99 -45.50 -33.97
C ASP C 92 7.29 -44.01 -34.14
N VAL C 93 7.69 -43.32 -33.07
CA VAL C 93 7.95 -41.87 -33.13
C VAL C 93 9.21 -41.43 -33.90
N GLN C 94 9.96 -42.38 -34.46
CA GLN C 94 10.99 -42.04 -35.45
C GLN C 94 10.38 -41.64 -36.80
N SER C 95 9.15 -42.06 -37.05
CA SER C 95 8.45 -41.78 -38.30
C SER C 95 7.57 -40.54 -38.14
N ASP C 96 7.81 -39.50 -38.94
CA ASP C 96 6.82 -38.43 -39.06
C ASP C 96 5.41 -38.94 -39.46
N GLU C 97 5.36 -39.82 -40.46
CA GLU C 97 4.12 -40.26 -41.07
C GLU C 97 3.33 -41.09 -40.09
N GLU C 98 4.00 -41.87 -39.24
CA GLU C 98 3.27 -42.69 -38.26
C GLU C 98 2.62 -41.84 -37.16
N VAL C 99 3.32 -40.78 -36.73
CA VAL C 99 2.82 -39.81 -35.76
C VAL C 99 1.68 -39.01 -36.42
N ILE C 100 1.94 -38.49 -37.61
CA ILE C 100 0.95 -37.63 -38.29
C ILE C 100 -0.32 -38.46 -38.49
N ASN C 101 -0.18 -39.68 -39.03
CA ASN C 101 -1.33 -40.55 -39.38
C ASN C 101 -2.01 -41.18 -38.18
N GLY C 102 -1.20 -41.60 -37.21
CA GLY C 102 -1.72 -42.14 -35.96
C GLY C 102 -2.67 -41.19 -35.25
N PHE C 103 -2.22 -39.95 -34.98
CA PHE C 103 -3.09 -38.96 -34.33
C PHE C 103 -4.29 -38.61 -35.19
N GLU C 104 -4.07 -38.43 -36.49
CA GLU C 104 -5.18 -38.20 -37.43
C GLU C 104 -6.24 -39.31 -37.34
N GLN C 105 -5.79 -40.55 -37.28
CA GLN C 105 -6.69 -41.68 -37.06
C GLN C 105 -7.37 -41.60 -35.68
N ILE C 106 -6.61 -41.28 -34.65
CA ILE C 106 -7.15 -41.13 -33.29
C ILE C 106 -8.29 -40.10 -33.27
N GLY C 107 -8.08 -38.94 -33.92
CA GLY C 107 -9.14 -37.96 -34.07
C GLY C 107 -10.40 -38.50 -34.78
N LYS C 108 -10.20 -39.27 -35.83
CA LYS C 108 -11.32 -39.86 -36.57
C LYS C 108 -12.08 -40.93 -35.78
N ASP C 109 -11.41 -41.67 -34.89
CA ASP C 109 -12.06 -42.74 -34.10
C ASP C 109 -12.68 -42.29 -32.77
N VAL C 110 -11.98 -41.42 -32.04
CA VAL C 110 -12.49 -40.90 -30.76
C VAL C 110 -12.83 -39.38 -30.75
N GLY C 111 -12.51 -38.66 -31.82
CA GLY C 111 -12.78 -37.24 -31.82
C GLY C 111 -11.72 -36.52 -31.00
N ASN C 112 -11.99 -35.28 -30.64
CA ASN C 112 -11.13 -34.46 -29.80
C ASN C 112 -10.67 -35.07 -28.49
N ILE C 113 -9.41 -34.82 -28.13
CA ILE C 113 -8.80 -35.33 -26.92
C ILE C 113 -8.53 -34.24 -25.86
N ASP C 114 -8.40 -34.68 -24.61
CA ASP C 114 -8.04 -33.73 -23.52
C ASP C 114 -6.55 -33.68 -23.19
N GLY C 115 -5.74 -34.63 -23.66
CA GLY C 115 -4.36 -34.66 -23.21
C GLY C 115 -3.56 -35.83 -23.76
N VAL C 116 -2.24 -35.76 -23.61
CA VAL C 116 -1.33 -36.86 -23.95
C VAL C 116 -0.35 -37.10 -22.81
N TYR C 117 -0.17 -38.36 -22.42
CA TYR C 117 0.92 -38.72 -21.54
C TYR C 117 2.05 -39.29 -22.38
N HIS C 118 3.23 -38.69 -22.37
CA HIS C 118 4.35 -39.15 -23.18
C HIS C 118 5.33 -39.92 -22.26
N SER C 119 5.59 -41.17 -22.61
CA SER C 119 6.36 -42.08 -21.77
C SER C 119 7.27 -42.92 -22.68
N ILE C 120 8.06 -42.21 -23.49
CA ILE C 120 8.89 -42.77 -24.56
C ILE C 120 10.30 -42.24 -24.49
N ALA C 121 11.27 -43.17 -24.45
CA ALA C 121 12.71 -42.86 -24.63
C ALA C 121 13.43 -44.10 -25.15
N PHE C 122 14.66 -43.91 -25.60
CA PHE C 122 15.43 -45.06 -26.07
C PHE C 122 16.87 -44.61 -26.17
N ALA C 123 17.80 -45.47 -25.80
CA ALA C 123 19.18 -45.28 -26.19
C ALA C 123 19.74 -46.67 -26.33
N ASN C 124 20.81 -46.84 -27.11
CA ASN C 124 21.54 -48.10 -27.15
C ASN C 124 22.18 -48.40 -25.81
N MET C 125 22.16 -49.68 -25.42
CA MET C 125 22.80 -50.15 -24.19
C MET C 125 24.21 -49.66 -23.93
N GLU C 126 25.04 -49.65 -24.97
CA GLU C 126 26.41 -49.18 -24.84
CA GLU C 126 26.41 -49.17 -24.88
C GLU C 126 26.46 -47.72 -24.37
N ASP C 127 25.35 -47.00 -24.46
CA ASP C 127 25.41 -45.60 -24.09
C ASP C 127 24.81 -45.35 -22.68
N LEU C 128 24.60 -46.43 -21.95
CA LEU C 128 24.00 -46.32 -20.63
C LEU C 128 24.98 -46.91 -19.60
N ARG C 129 26.27 -46.75 -19.92
CA ARG C 129 27.35 -47.30 -19.11
C ARG C 129 28.67 -46.79 -19.63
N GLY C 130 29.77 -47.02 -18.91
CA GLY C 130 31.08 -46.63 -19.42
C GLY C 130 31.20 -45.12 -19.60
N ARG C 131 32.08 -44.69 -20.50
CA ARG C 131 32.50 -43.30 -20.58
C ARG C 131 31.63 -42.53 -21.56
N PHE C 132 31.00 -41.48 -21.05
CA PHE C 132 30.15 -40.61 -21.88
C PHE C 132 30.92 -40.02 -23.06
N SER C 133 32.21 -39.72 -22.87
CA SER C 133 32.96 -39.03 -23.91
C SER C 133 33.22 -40.00 -25.07
N GLU C 134 32.89 -41.27 -24.90
CA GLU C 134 33.02 -42.22 -26.01
C GLU C 134 31.72 -42.40 -26.84
N THR C 135 30.65 -41.68 -26.50
CA THR C 135 29.41 -41.78 -27.26
C THR C 135 29.62 -41.48 -28.76
N SER C 136 29.01 -42.30 -29.63
CA SER C 136 29.12 -42.09 -31.07
C SER C 136 28.06 -41.08 -31.48
N ARG C 137 28.29 -40.34 -32.58
CA ARG C 137 27.27 -39.46 -33.17
C ARG C 137 25.87 -40.11 -33.28
N GLU C 138 25.84 -41.34 -33.78
CA GLU C 138 24.61 -42.03 -34.18
C GLU C 138 23.79 -42.40 -32.95
N GLY C 139 24.49 -42.83 -31.90
CA GLY C 139 23.86 -43.15 -30.61
C GLY C 139 23.37 -41.89 -29.89
N PHE C 140 24.09 -40.79 -29.98
CA PHE C 140 23.68 -39.53 -29.37
C PHE C 140 22.41 -39.02 -30.03
N LEU C 141 22.37 -39.09 -31.36
CA LEU C 141 21.26 -38.52 -32.12
C LEU C 141 20.02 -39.44 -32.02
N LEU C 142 20.21 -40.75 -32.05
CA LEU C 142 19.11 -41.68 -31.80
C LEU C 142 18.39 -41.35 -30.51
N ALA C 143 19.14 -41.08 -29.44
CA ALA C 143 18.49 -40.82 -28.14
C ALA C 143 17.70 -39.51 -28.13
N GLN C 144 18.29 -38.45 -28.67
CA GLN C 144 17.62 -37.20 -29.00
C GLN C 144 16.34 -37.36 -29.78
N ASP C 145 16.37 -38.19 -30.82
CA ASP C 145 15.28 -38.26 -31.80
C ASP C 145 14.06 -38.89 -31.12
N ILE C 146 14.29 -40.04 -30.49
CA ILE C 146 13.22 -40.79 -29.81
C ILE C 146 12.77 -40.18 -28.48
N SER C 147 13.69 -39.62 -27.71
CA SER C 147 13.45 -39.20 -26.30
C SER C 147 13.13 -37.72 -26.13
N SER C 148 13.43 -36.90 -27.13
CA SER C 148 13.16 -35.48 -27.02
C SER C 148 12.33 -35.00 -28.20
N TYR C 149 12.90 -35.07 -29.40
CA TYR C 149 12.21 -34.58 -30.58
C TYR C 149 10.82 -35.20 -30.68
N SER C 150 10.69 -36.49 -30.39
CA SER C 150 9.35 -37.04 -30.49
C SER C 150 8.27 -36.22 -29.76
N LEU C 151 8.57 -35.59 -28.63
CA LEU C 151 7.58 -34.77 -27.91
C LEU C 151 7.13 -33.58 -28.76
N THR C 152 8.07 -32.86 -29.37
CA THR C 152 7.75 -31.76 -30.29
C THR C 152 6.74 -32.13 -31.37
N ILE C 153 7.06 -33.15 -32.17
CA ILE C 153 6.14 -33.53 -33.23
C ILE C 153 4.84 -34.17 -32.66
N VAL C 154 4.91 -34.93 -31.57
CA VAL C 154 3.66 -35.39 -30.95
C VAL C 154 2.79 -34.20 -30.49
N ALA C 155 3.39 -33.15 -29.92
CA ALA C 155 2.64 -31.93 -29.53
C ALA C 155 1.96 -31.24 -30.72
N HIS C 156 2.72 -30.99 -31.79
CA HIS C 156 2.16 -30.47 -33.04
C HIS C 156 0.98 -31.22 -33.65
N GLU C 157 0.98 -32.55 -33.57
CA GLU C 157 -0.09 -33.36 -34.14
C GLU C 157 -1.23 -33.45 -33.16
N ALA C 158 -0.91 -33.61 -31.88
CA ALA C 158 -2.00 -33.73 -30.91
C ALA C 158 -2.75 -32.42 -30.75
N LYS C 159 -2.08 -31.30 -30.98
CA LYS C 159 -2.69 -29.97 -30.88
C LYS C 159 -3.90 -29.81 -31.81
N LYS C 160 -3.90 -30.57 -32.91
CA LYS C 160 -4.99 -30.56 -33.87
C LYS C 160 -6.27 -31.16 -33.29
N LEU C 161 -6.11 -31.96 -32.24
CA LEU C 161 -7.20 -32.62 -31.56
C LEU C 161 -7.51 -31.95 -30.23
N MET C 162 -6.87 -30.80 -29.98
CA MET C 162 -7.19 -30.07 -28.75
C MET C 162 -7.58 -28.60 -28.98
N PRO C 163 -8.60 -28.35 -29.84
CA PRO C 163 -8.92 -26.97 -30.20
C PRO C 163 -9.33 -26.13 -28.97
N GLU C 164 -9.90 -26.76 -27.95
CA GLU C 164 -10.30 -26.03 -26.74
C GLU C 164 -9.30 -26.13 -25.60
N GLY C 165 -8.12 -26.68 -25.88
CA GLY C 165 -7.02 -26.72 -24.90
C GLY C 165 -6.76 -28.14 -24.44
N GLY C 166 -5.67 -28.34 -23.70
CA GLY C 166 -5.53 -29.56 -22.91
C GLY C 166 -4.16 -29.60 -22.29
N SER C 167 -3.65 -30.81 -22.10
CA SER C 167 -2.51 -31.03 -21.20
C SER C 167 -1.56 -32.10 -21.73
N ILE C 168 -0.26 -31.81 -21.82
CA ILE C 168 0.73 -32.77 -22.29
C ILE C 168 1.83 -32.98 -21.24
N VAL C 169 2.11 -34.22 -20.89
CA VAL C 169 3.04 -34.51 -19.81
C VAL C 169 4.11 -35.47 -20.34
N ALA C 170 5.38 -35.16 -20.16
CA ALA C 170 6.45 -36.09 -20.52
C ALA C 170 7.20 -36.60 -19.27
N THR C 171 7.85 -37.74 -19.42
CA THR C 171 8.50 -38.38 -18.29
C THR C 171 10.01 -38.14 -18.39
N THR C 172 10.59 -37.50 -17.38
CA THR C 172 12.02 -37.29 -17.38
C THR C 172 12.71 -37.91 -16.16
N TYR C 173 14.00 -37.64 -16.01
CA TYR C 173 14.73 -38.23 -14.88
C TYR C 173 15.74 -37.17 -14.37
N LEU C 174 15.99 -37.19 -13.07
CA LEU C 174 16.98 -36.34 -12.41
C LEU C 174 18.24 -36.20 -13.29
N GLY C 175 18.58 -37.23 -14.06
CA GLY C 175 19.78 -37.22 -14.90
C GLY C 175 19.83 -36.15 -15.98
N GLY C 176 18.68 -35.59 -16.32
CA GLY C 176 18.60 -34.39 -17.18
C GLY C 176 19.08 -33.12 -16.52
N GLU C 177 19.11 -33.09 -15.18
CA GLU C 177 19.46 -31.87 -14.43
C GLU C 177 20.87 -31.89 -13.83
N PHE C 178 21.36 -33.09 -13.50
CA PHE C 178 22.72 -33.28 -12.98
C PHE C 178 23.40 -34.39 -13.78
N ALA C 179 24.73 -34.33 -13.93
CA ALA C 179 25.55 -35.49 -14.35
C ALA C 179 25.51 -36.62 -13.33
N VAL C 180 24.84 -37.68 -13.70
CA VAL C 180 24.62 -38.85 -12.89
C VAL C 180 25.42 -40.00 -13.57
N GLN C 181 25.85 -40.97 -12.79
CA GLN C 181 26.67 -42.05 -13.32
C GLN C 181 25.90 -42.94 -14.31
N ASN C 182 26.55 -43.34 -15.39
CA ASN C 182 26.06 -44.32 -16.37
C ASN C 182 25.02 -43.80 -17.31
N TYR C 183 24.18 -42.90 -16.80
CA TYR C 183 23.03 -42.40 -17.53
C TYR C 183 23.47 -41.71 -18.82
N ASN C 184 24.63 -41.05 -18.80
CA ASN C 184 25.35 -40.76 -20.04
C ASN C 184 24.42 -40.21 -21.13
N VAL C 185 24.31 -40.86 -22.29
CA VAL C 185 23.64 -40.26 -23.44
C VAL C 185 22.19 -39.85 -23.15
N MET C 186 21.56 -40.55 -22.21
CA MET C 186 20.16 -40.30 -21.92
C MET C 186 20.00 -39.09 -20.98
N GLY C 187 21.01 -38.82 -20.16
CA GLY C 187 20.96 -37.60 -19.37
C GLY C 187 20.92 -36.38 -20.28
N VAL C 188 21.78 -36.35 -21.31
CA VAL C 188 21.74 -35.22 -22.25
C VAL C 188 20.42 -35.26 -23.04
N ALA C 189 19.86 -36.43 -23.32
CA ALA C 189 18.57 -36.40 -24.00
C ALA C 189 17.47 -35.88 -23.07
N LYS C 190 17.60 -36.04 -21.76
CA LYS C 190 16.59 -35.57 -20.83
C LYS C 190 16.70 -34.07 -20.62
N ALA C 191 17.94 -33.57 -20.59
CA ALA C 191 18.13 -32.12 -20.56
C ALA C 191 17.37 -31.53 -21.72
N SER C 192 17.52 -32.17 -22.88
CA SER C 192 16.89 -31.72 -24.11
C SER C 192 15.35 -31.79 -24.02
N LEU C 193 14.83 -32.90 -23.48
CA LEU C 193 13.37 -33.04 -23.25
C LEU C 193 12.81 -31.96 -22.31
N GLU C 194 13.50 -31.71 -21.21
CA GLU C 194 13.04 -30.76 -20.21
C GLU C 194 12.98 -29.35 -20.79
N ALA C 195 13.90 -29.03 -21.71
CA ALA C 195 13.87 -27.73 -22.36
C ALA C 195 12.72 -27.73 -23.40
N ASN C 196 12.49 -28.91 -23.97
CA ASN C 196 11.56 -29.10 -25.07
C ASN C 196 10.20 -28.77 -24.47
N VAL C 197 9.97 -29.32 -23.28
CA VAL C 197 8.85 -28.96 -22.40
C VAL C 197 8.62 -27.46 -22.14
N LYS C 198 9.67 -26.72 -21.84
CA LYS C 198 9.49 -25.29 -21.59
C LYS C 198 9.10 -24.59 -22.88
N TYR C 199 9.74 -24.97 -23.97
CA TYR C 199 9.56 -24.29 -25.22
C TYR C 199 8.16 -24.60 -25.81
N LEU C 200 7.70 -25.82 -25.67
CA LEU C 200 6.34 -26.20 -26.01
C LEU C 200 5.36 -25.43 -25.14
N ALA C 201 5.70 -25.23 -23.87
CA ALA C 201 4.83 -24.47 -22.95
C ALA C 201 4.60 -23.04 -23.44
N LEU C 202 5.67 -22.36 -23.82
CA LEU C 202 5.59 -20.96 -24.18
C LEU C 202 4.81 -20.90 -25.49
N ASP C 203 5.08 -21.86 -26.36
CA ASP C 203 4.52 -21.89 -27.72
C ASP C 203 3.03 -22.20 -27.69
N LEU C 204 2.63 -23.20 -26.91
CA LEU C 204 1.23 -23.69 -26.94
C LEU C 204 0.34 -23.12 -25.83
N GLY C 205 0.95 -22.37 -24.91
CA GLY C 205 0.22 -21.64 -23.87
C GLY C 205 -0.92 -20.79 -24.41
N PRO C 206 -0.70 -20.00 -25.47
CA PRO C 206 -1.82 -19.16 -25.91
C PRO C 206 -2.99 -19.99 -26.44
N ASP C 207 -2.77 -21.28 -26.70
CA ASP C 207 -3.84 -22.13 -27.24
C ASP C 207 -4.49 -22.89 -26.09
N ASN C 208 -4.13 -22.51 -24.87
CA ASN C 208 -4.61 -23.20 -23.67
C ASN C 208 -4.15 -24.66 -23.52
N ILE C 209 -3.00 -24.98 -24.09
CA ILE C 209 -2.39 -26.30 -23.93
C ILE C 209 -1.21 -26.18 -22.98
N ARG C 210 -1.27 -26.94 -21.89
CA ARG C 210 -0.23 -26.84 -20.85
C ARG C 210 0.74 -27.96 -21.11
N VAL C 211 2.03 -27.71 -20.85
CA VAL C 211 3.02 -28.74 -21.14
C VAL C 211 3.91 -28.83 -19.90
N ASN C 212 4.11 -30.05 -19.40
CA ASN C 212 4.81 -30.25 -18.14
C ASN C 212 5.59 -31.55 -18.15
N ALA C 213 6.53 -31.69 -17.22
CA ALA C 213 7.23 -32.94 -17.04
C ALA C 213 7.02 -33.50 -15.64
N ILE C 214 7.05 -34.83 -15.55
CA ILE C 214 7.30 -35.54 -14.29
C ILE C 214 8.70 -36.13 -14.30
N SER C 215 9.52 -35.76 -13.31
CA SER C 215 10.82 -36.39 -13.10
C SER C 215 10.63 -37.54 -12.12
N ALA C 216 10.52 -38.77 -12.63
CA ALA C 216 10.24 -39.95 -11.81
C ALA C 216 11.53 -40.43 -11.15
N GLY C 217 11.42 -40.92 -9.92
CA GLY C 217 12.58 -41.60 -9.33
C GLY C 217 12.75 -42.92 -10.06
N PRO C 218 13.85 -43.63 -9.76
CA PRO C 218 14.02 -44.93 -10.41
C PRO C 218 13.02 -46.02 -9.97
N ILE C 219 12.49 -46.74 -10.97
CA ILE C 219 11.42 -47.74 -10.82
C ILE C 219 11.72 -48.93 -11.73
N ARG C 220 11.57 -50.16 -11.24
CA ARG C 220 11.94 -51.33 -12.05
C ARG C 220 11.03 -51.51 -13.25
N THR C 221 11.54 -51.12 -14.42
CA THR C 221 10.84 -51.31 -15.68
C THR C 221 11.73 -52.07 -16.65
N LEU C 222 11.18 -52.58 -17.75
CA LEU C 222 11.94 -53.12 -18.86
C LEU C 222 13.14 -52.23 -19.28
N SER C 223 12.91 -50.98 -19.64
CA SER C 223 14.05 -50.18 -20.07
C SER C 223 15.03 -49.92 -18.93
N ALA C 224 14.61 -49.97 -17.67
CA ALA C 224 15.58 -49.77 -16.58
C ALA C 224 16.60 -50.90 -16.51
N LYS C 225 16.24 -52.06 -17.08
CA LYS C 225 17.08 -53.27 -17.01
C LYS C 225 18.31 -53.08 -17.89
N GLY C 226 18.24 -52.10 -18.77
CA GLY C 226 19.40 -51.79 -19.59
C GLY C 226 20.28 -50.65 -19.10
N VAL C 227 20.00 -50.05 -17.94
CA VAL C 227 20.81 -48.93 -17.46
C VAL C 227 21.87 -49.33 -16.44
N GLY C 228 23.13 -48.92 -16.62
CA GLY C 228 24.21 -49.31 -15.69
C GLY C 228 23.95 -48.82 -14.26
N GLY C 229 24.32 -49.62 -13.26
CA GLY C 229 24.19 -49.27 -11.83
C GLY C 229 22.78 -48.93 -11.34
N PHE C 230 21.78 -49.32 -12.12
CA PHE C 230 20.42 -49.02 -11.76
C PHE C 230 20.06 -49.53 -10.34
N ASN C 231 20.47 -50.77 -10.02
CA ASN C 231 20.23 -51.30 -8.68
C ASN C 231 20.87 -50.49 -7.55
N THR C 232 22.09 -50.00 -7.74
CA THR C 232 22.71 -49.35 -6.60
C THR C 232 22.02 -48.00 -6.35
N ILE C 233 21.64 -47.33 -7.43
CA ILE C 233 20.86 -46.09 -7.38
C ILE C 233 19.49 -46.29 -6.66
N LEU C 234 18.79 -47.37 -6.94
CA LEU C 234 17.54 -47.68 -6.23
C LEU C 234 17.72 -47.69 -4.72
N LYS C 235 18.80 -48.29 -4.29
CA LYS C 235 19.00 -48.58 -2.89
C LYS C 235 19.53 -47.30 -2.24
N GLU C 236 20.20 -46.47 -3.02
CA GLU C 236 20.68 -45.24 -2.43
C GLU C 236 19.50 -44.31 -2.10
N ILE C 237 18.54 -44.25 -3.01
CA ILE C 237 17.29 -43.57 -2.75
C ILE C 237 16.67 -43.95 -1.41
N GLU C 238 16.59 -45.24 -1.07
CA GLU C 238 16.03 -45.66 0.21
C GLU C 238 16.90 -45.19 1.34
N GLU C 239 18.22 -45.27 1.16
CA GLU C 239 19.10 -44.89 2.25
C GLU C 239 19.13 -43.35 2.42
N ARG C 240 19.04 -42.59 1.33
CA ARG C 240 19.30 -41.14 1.40
C ARG C 240 18.07 -40.22 1.17
N ALA C 241 17.11 -40.58 0.32
CA ALA C 241 15.98 -39.71 -0.01
C ALA C 241 15.14 -39.38 1.23
N PRO C 242 14.64 -38.14 1.34
CA PRO C 242 13.85 -37.74 2.49
C PRO C 242 12.82 -38.78 2.96
N LEU C 243 12.10 -39.44 2.05
CA LEU C 243 11.06 -40.40 2.49
C LEU C 243 11.65 -41.78 2.73
N LYS C 244 12.94 -41.94 2.52
CA LYS C 244 13.61 -43.23 2.75
C LYS C 244 12.85 -44.40 2.11
N ARG C 245 12.39 -44.23 0.87
CA ARG C 245 11.77 -45.34 0.15
C ARG C 245 11.77 -45.01 -1.34
N ASN C 246 11.54 -46.01 -2.19
CA ASN C 246 11.36 -45.81 -3.62
C ASN C 246 9.93 -45.48 -3.99
N VAL C 247 9.76 -44.86 -5.13
CA VAL C 247 8.42 -44.61 -5.64
C VAL C 247 8.04 -45.73 -6.59
N ASP C 248 6.76 -45.79 -6.95
CA ASP C 248 6.29 -46.72 -7.98
C ASP C 248 5.51 -46.00 -9.05
N GLN C 249 4.98 -46.80 -9.99
CA GLN C 249 4.44 -46.30 -11.26
C GLN C 249 3.14 -45.55 -11.00
N VAL C 250 2.35 -46.11 -10.10
CA VAL C 250 1.07 -45.55 -9.65
C VAL C 250 1.22 -44.17 -9.00
N GLU C 251 2.28 -43.97 -8.23
CA GLU C 251 2.54 -42.64 -7.71
C GLU C 251 2.82 -41.68 -8.85
N VAL C 252 3.43 -42.16 -9.92
CA VAL C 252 3.62 -41.31 -11.10
C VAL C 252 2.28 -40.99 -11.74
N GLY C 253 1.50 -42.04 -11.94
CA GLY C 253 0.10 -41.93 -12.36
C GLY C 253 -0.73 -40.91 -11.59
N LYS C 254 -0.65 -40.92 -10.26
CA LYS C 254 -1.33 -39.90 -9.42
C LYS C 254 -0.95 -38.44 -9.74
N THR C 255 0.35 -38.16 -9.82
CA THR C 255 0.82 -36.86 -10.25
C THR C 255 0.40 -36.56 -11.68
N ALA C 256 0.48 -37.57 -12.57
CA ALA C 256 -0.02 -37.43 -13.96
C ALA C 256 -1.49 -37.02 -14.05
N ALA C 257 -2.34 -37.65 -13.24
CA ALA C 257 -3.76 -37.28 -13.13
C ALA C 257 -3.91 -35.79 -12.79
N TYR C 258 -3.09 -35.32 -11.85
CA TYR C 258 -3.13 -33.93 -11.46
C TYR C 258 -2.70 -33.07 -12.65
N LEU C 259 -1.53 -33.35 -13.22
CA LEU C 259 -1.07 -32.55 -14.38
C LEU C 259 -2.04 -32.57 -15.57
N LEU C 260 -2.83 -33.63 -15.68
CA LEU C 260 -3.68 -33.84 -16.86
C LEU C 260 -5.08 -33.26 -16.67
N SER C 261 -5.45 -32.93 -15.44
CA SER C 261 -6.77 -32.43 -15.11
C SER C 261 -6.74 -30.92 -14.86
N ASP C 262 -7.95 -30.40 -14.68
CA ASP C 262 -8.12 -29.02 -14.23
C ASP C 262 -7.49 -28.69 -12.84
N LEU C 263 -7.12 -29.67 -12.02
CA LEU C 263 -6.50 -29.31 -10.75
C LEU C 263 -5.25 -28.47 -10.94
N SER C 264 -4.49 -28.78 -11.99
CA SER C 264 -3.28 -28.06 -12.34
C SER C 264 -3.45 -26.92 -13.33
N SER C 265 -4.65 -26.37 -13.52
CA SER C 265 -4.77 -25.17 -14.36
C SER C 265 -3.84 -24.11 -13.77
N GLY C 266 -3.11 -23.34 -14.57
CA GLY C 266 -2.12 -22.46 -13.92
C GLY C 266 -0.66 -22.90 -13.95
N VAL C 267 -0.48 -24.22 -14.10
CA VAL C 267 0.81 -24.91 -14.05
C VAL C 267 1.21 -25.32 -15.47
N THR C 268 2.36 -24.82 -15.94
CA THR C 268 2.84 -25.19 -17.26
C THR C 268 4.30 -24.84 -17.37
N GLY C 269 5.04 -25.63 -18.14
CA GLY C 269 6.49 -25.57 -18.16
C GLY C 269 7.14 -25.98 -16.85
N GLU C 270 6.40 -26.79 -16.07
CA GLU C 270 6.84 -27.21 -14.75
C GLU C 270 7.41 -28.63 -14.84
N ASN C 271 8.31 -28.93 -13.91
CA ASN C 271 8.85 -30.27 -13.74
C ASN C 271 8.65 -30.75 -12.29
N ILE C 272 7.68 -31.64 -12.03
CA ILE C 272 7.38 -32.14 -10.69
C ILE C 272 8.17 -33.42 -10.41
N HIS C 273 8.98 -33.39 -9.35
CA HIS C 273 9.85 -34.54 -9.06
C HIS C 273 9.03 -35.50 -8.19
N VAL C 274 8.68 -36.63 -8.79
CA VAL C 274 8.06 -37.72 -8.01
C VAL C 274 9.14 -38.75 -7.65
N ASP C 275 9.86 -38.47 -6.56
CA ASP C 275 11.13 -39.16 -6.31
C ASP C 275 11.53 -39.20 -4.83
N SER C 276 10.54 -39.21 -3.92
CA SER C 276 10.81 -39.34 -2.51
C SER C 276 11.61 -38.16 -1.95
N GLY C 277 11.63 -37.06 -2.71
CA GLY C 277 12.40 -35.89 -2.28
C GLY C 277 13.85 -35.81 -2.70
N PHE C 278 14.34 -36.75 -3.52
CA PHE C 278 15.80 -36.93 -3.75
C PHE C 278 16.44 -35.71 -4.46
N HIS C 279 15.71 -35.11 -5.41
CA HIS C 279 16.14 -33.92 -6.12
C HIS C 279 16.59 -32.82 -5.17
N ALA C 280 16.05 -32.75 -3.95
CA ALA C 280 16.26 -31.55 -3.14
C ALA C 280 17.38 -31.70 -2.12
N ILE C 281 18.14 -32.79 -2.19
CA ILE C 281 19.18 -33.02 -1.19
C ILE C 281 20.53 -33.24 -1.86
N LYS C 282 21.61 -33.02 -1.11
CA LYS C 282 22.95 -33.40 -1.53
C LYS C 282 23.77 -33.88 -0.32
N ASN D 29 48.96 -15.36 -16.47
CA ASN D 29 49.77 -15.23 -17.72
C ASN D 29 50.01 -16.57 -18.42
N LEU D 30 49.97 -16.59 -19.74
CA LEU D 30 49.67 -17.83 -20.47
C LEU D 30 50.79 -18.28 -21.42
N GLU D 31 51.98 -17.70 -21.21
CA GLU D 31 53.19 -18.05 -21.93
C GLU D 31 53.49 -19.53 -21.77
N ASN D 32 53.75 -20.22 -22.88
CA ASN D 32 54.06 -21.65 -22.83
C ASN D 32 52.81 -22.51 -22.60
N LYS D 33 51.64 -21.90 -22.82
CA LYS D 33 50.36 -22.62 -22.95
C LYS D 33 49.87 -22.64 -24.40
N THR D 34 49.12 -23.67 -24.79
CA THR D 34 48.64 -23.78 -26.18
C THR D 34 47.15 -24.10 -26.22
N TYR D 35 46.36 -23.26 -26.89
CA TYR D 35 44.90 -23.45 -26.95
C TYR D 35 44.37 -23.58 -28.39
N VAL D 36 43.41 -24.47 -28.58
CA VAL D 36 42.69 -24.61 -29.84
C VAL D 36 41.43 -23.79 -29.77
N ILE D 37 41.33 -22.80 -30.64
CA ILE D 37 40.08 -22.02 -30.69
C ILE D 37 39.25 -22.41 -31.92
N MET D 38 38.01 -22.84 -31.68
CA MET D 38 37.18 -23.41 -32.72
C MET D 38 35.97 -22.52 -32.99
N GLY D 39 35.75 -22.08 -34.23
CA GLY D 39 34.60 -21.26 -34.51
C GLY D 39 34.79 -19.78 -34.81
N ILE D 40 35.99 -19.33 -35.18
CA ILE D 40 36.07 -17.97 -35.76
C ILE D 40 35.48 -17.87 -37.17
N ALA D 41 34.56 -16.92 -37.36
CA ALA D 41 34.09 -16.63 -38.71
C ALA D 41 34.65 -15.31 -39.23
N ASN D 42 34.54 -14.25 -38.43
CA ASN D 42 34.91 -12.91 -38.89
C ASN D 42 35.29 -12.14 -37.62
N LYS D 43 35.50 -10.83 -37.77
CA LYS D 43 36.10 -10.01 -36.69
C LYS D 43 35.15 -9.90 -35.51
N ARG D 44 33.94 -10.38 -35.70
CA ARG D 44 32.90 -10.19 -34.69
C ARG D 44 32.64 -11.46 -33.89
N SER D 45 33.18 -12.58 -34.34
CA SER D 45 32.92 -13.84 -33.64
C SER D 45 33.36 -13.70 -32.18
N ILE D 46 32.52 -14.20 -31.27
CA ILE D 46 32.91 -14.37 -29.88
C ILE D 46 34.28 -15.08 -29.82
N ALA D 47 34.48 -16.10 -30.65
CA ALA D 47 35.75 -16.83 -30.65
C ALA D 47 36.94 -15.89 -30.86
N PHE D 48 36.76 -14.81 -31.61
CA PHE D 48 37.91 -13.95 -31.90
C PHE D 48 38.18 -13.00 -30.73
N GLY D 49 37.18 -12.80 -29.88
CA GLY D 49 37.30 -12.01 -28.65
C GLY D 49 38.08 -12.84 -27.67
N VAL D 50 37.81 -14.15 -27.67
CA VAL D 50 38.62 -15.07 -26.93
C VAL D 50 40.08 -15.05 -27.39
N ALA D 51 40.31 -15.06 -28.71
CA ALA D 51 41.67 -15.11 -29.24
C ALA D 51 42.50 -13.89 -28.86
N LYS D 52 41.99 -12.70 -29.12
CA LYS D 52 42.67 -11.46 -28.73
C LYS D 52 43.12 -11.47 -27.28
N VAL D 53 42.24 -11.93 -26.38
CA VAL D 53 42.53 -12.03 -24.94
C VAL D 53 43.61 -13.08 -24.61
N LEU D 54 43.48 -14.30 -25.15
CA LEU D 54 44.53 -15.30 -24.99
C LEU D 54 45.88 -14.88 -25.64
N ASP D 55 45.83 -14.28 -26.82
CA ASP D 55 47.01 -13.77 -27.50
C ASP D 55 47.73 -12.69 -26.70
N GLN D 56 47.00 -11.64 -26.33
CA GLN D 56 47.43 -10.62 -25.36
C GLN D 56 48.03 -11.19 -24.07
N LEU D 57 47.62 -12.37 -23.64
CA LEU D 57 48.22 -12.99 -22.46
C LEU D 57 49.36 -13.98 -22.75
N GLY D 58 49.77 -14.04 -24.02
CA GLY D 58 50.99 -14.75 -24.39
C GLY D 58 50.84 -16.24 -24.69
N ALA D 59 49.61 -16.72 -24.85
CA ALA D 59 49.40 -18.09 -25.27
C ALA D 59 49.74 -18.28 -26.76
N LYS D 60 50.26 -19.47 -27.09
CA LYS D 60 50.19 -19.98 -28.46
C LYS D 60 48.79 -20.47 -28.81
N LEU D 61 48.33 -20.12 -30.00
CA LEU D 61 46.99 -20.46 -30.48
C LEU D 61 46.92 -21.19 -31.83
N VAL D 62 45.91 -22.04 -31.95
CA VAL D 62 45.66 -22.90 -33.10
C VAL D 62 44.20 -22.64 -33.44
N PHE D 63 43.87 -22.55 -34.71
CA PHE D 63 42.54 -22.09 -35.11
C PHE D 63 41.80 -23.17 -35.94
N THR D 64 40.53 -23.42 -35.66
CA THR D 64 39.80 -24.27 -36.60
C THR D 64 38.62 -23.54 -37.26
N TYR D 65 38.37 -23.84 -38.53
CA TYR D 65 37.29 -23.19 -39.25
C TYR D 65 36.55 -24.23 -40.08
N ARG D 66 35.32 -23.92 -40.44
CA ARG D 66 34.44 -24.88 -41.11
C ARG D 66 34.63 -25.03 -42.63
N LYS D 67 34.80 -23.90 -43.32
CA LYS D 67 34.80 -23.87 -44.78
C LYS D 67 35.91 -22.93 -45.25
N GLU D 68 36.05 -22.66 -46.54
CA GLU D 68 37.11 -21.73 -46.96
C GLU D 68 36.83 -20.24 -46.72
N ARG D 69 35.59 -19.79 -46.93
CA ARG D 69 35.27 -18.38 -46.63
C ARG D 69 35.42 -18.03 -45.13
N SER D 70 36.09 -18.89 -44.37
CA SER D 70 36.88 -18.37 -43.25
C SER D 70 38.40 -18.43 -43.44
N ARG D 71 38.91 -19.15 -44.45
CA ARG D 71 40.35 -19.39 -44.42
C ARG D 71 41.17 -18.20 -44.88
N LYS D 72 41.02 -17.78 -46.16
CA LYS D 72 41.53 -16.48 -46.61
C LYS D 72 41.23 -15.35 -45.59
N GLU D 73 40.10 -15.43 -44.90
CA GLU D 73 39.62 -14.42 -43.96
C GLU D 73 40.31 -14.50 -42.61
N LEU D 74 40.47 -15.73 -42.10
CA LEU D 74 41.15 -15.96 -40.82
C LEU D 74 42.61 -15.52 -40.89
N GLU D 75 43.25 -15.75 -42.03
CA GLU D 75 44.64 -15.35 -42.23
C GLU D 75 44.82 -13.83 -42.12
N LYS D 76 43.89 -13.05 -42.67
CA LYS D 76 43.84 -11.61 -42.45
C LYS D 76 43.62 -11.17 -41.00
N LEU D 77 42.71 -11.83 -40.27
CA LEU D 77 42.48 -11.50 -38.85
C LEU D 77 43.69 -11.69 -37.96
N LEU D 78 44.44 -12.77 -38.19
CA LEU D 78 45.64 -13.11 -37.43
C LEU D 78 46.78 -12.12 -37.50
N GLU D 79 46.78 -11.26 -38.52
CA GLU D 79 47.77 -10.20 -38.62
C GLU D 79 47.68 -9.27 -37.43
N GLN D 80 46.48 -9.18 -36.86
CA GLN D 80 46.23 -8.39 -35.65
C GLN D 80 46.88 -8.97 -34.40
N LEU D 81 46.79 -10.28 -34.24
CA LEU D 81 47.33 -11.00 -33.09
C LEU D 81 48.85 -11.00 -33.10
N ASN D 82 49.48 -11.48 -32.03
CA ASN D 82 50.94 -11.59 -32.09
C ASN D 82 51.39 -13.02 -32.30
N GLN D 83 50.49 -13.89 -32.77
CA GLN D 83 50.92 -15.22 -33.16
C GLN D 83 52.01 -15.13 -34.23
N PRO D 84 53.21 -15.65 -33.90
CA PRO D 84 54.35 -15.59 -34.81
C PRO D 84 54.08 -16.43 -36.04
N GLU D 85 53.27 -17.47 -35.90
CA GLU D 85 52.87 -18.24 -37.06
C GLU D 85 51.45 -18.76 -36.95
N ALA D 86 50.82 -18.88 -38.12
CA ALA D 86 49.47 -19.36 -38.28
C ALA D 86 49.41 -20.88 -38.21
N HIS D 87 48.66 -21.40 -37.24
CA HIS D 87 48.27 -22.81 -37.26
C HIS D 87 46.75 -22.87 -37.46
N LEU D 88 46.34 -23.25 -38.66
CA LEU D 88 44.94 -23.16 -39.10
C LEU D 88 44.49 -24.50 -39.69
N TYR D 89 43.33 -24.98 -39.28
CA TYR D 89 42.89 -26.32 -39.66
C TYR D 89 41.41 -26.29 -40.01
N GLN D 90 41.04 -26.89 -41.14
CA GLN D 90 39.65 -26.97 -41.56
C GLN D 90 38.95 -28.12 -40.79
N ILE D 91 38.02 -27.84 -39.88
CA ILE D 91 37.23 -28.93 -39.26
C ILE D 91 35.76 -28.56 -39.32
N ASP D 92 34.98 -29.33 -40.08
CA ASP D 92 33.54 -29.26 -39.94
C ASP D 92 33.18 -30.34 -38.93
N VAL D 93 32.62 -29.96 -37.77
CA VAL D 93 32.32 -30.92 -36.69
C VAL D 93 31.16 -31.88 -37.00
N GLN D 94 30.58 -31.74 -38.18
CA GLN D 94 29.61 -32.75 -38.62
C GLN D 94 30.29 -34.05 -39.06
N SER D 95 31.61 -34.00 -39.21
CA SER D 95 32.33 -35.18 -39.66
C SER D 95 33.29 -35.67 -38.57
N ASP D 96 33.11 -36.89 -38.08
CA ASP D 96 34.11 -37.48 -37.19
C ASP D 96 35.54 -37.46 -37.77
N GLU D 97 35.65 -37.88 -39.03
CA GLU D 97 36.93 -37.94 -39.74
C GLU D 97 37.68 -36.63 -39.62
N GLU D 98 36.99 -35.53 -39.90
CA GLU D 98 37.62 -34.21 -39.82
C GLU D 98 37.92 -33.83 -38.35
N VAL D 99 37.06 -34.19 -37.38
CA VAL D 99 37.42 -33.90 -35.99
C VAL D 99 38.64 -34.74 -35.61
N ILE D 100 38.59 -36.05 -35.85
CA ILE D 100 39.69 -36.98 -35.52
C ILE D 100 41.02 -36.62 -36.21
N ASN D 101 41.01 -36.45 -37.53
CA ASN D 101 42.25 -36.13 -38.22
C ASN D 101 42.77 -34.74 -37.94
N GLY D 102 41.86 -33.77 -37.89
CA GLY D 102 42.17 -32.42 -37.40
C GLY D 102 42.93 -32.35 -36.09
N PHE D 103 42.41 -32.98 -35.05
CA PHE D 103 43.13 -33.00 -33.77
C PHE D 103 44.47 -33.78 -33.82
N GLU D 104 44.49 -34.86 -34.59
CA GLU D 104 45.72 -35.61 -34.84
C GLU D 104 46.82 -34.72 -35.48
N GLN D 105 46.45 -33.96 -36.50
CA GLN D 105 47.41 -33.08 -37.16
C GLN D 105 47.89 -32.02 -36.17
N ILE D 106 46.97 -31.47 -35.38
CA ILE D 106 47.33 -30.47 -34.38
C ILE D 106 48.47 -30.97 -33.48
N GLY D 107 48.29 -32.17 -32.94
CA GLY D 107 49.28 -32.83 -32.10
C GLY D 107 50.61 -33.04 -32.81
N LYS D 108 50.56 -33.47 -34.07
CA LYS D 108 51.81 -33.59 -34.83
C LYS D 108 52.49 -32.25 -35.07
N ASP D 109 51.73 -31.17 -35.27
CA ASP D 109 52.35 -29.90 -35.70
C ASP D 109 52.76 -29.05 -34.50
N VAL D 110 52.00 -29.18 -33.41
CA VAL D 110 52.08 -28.20 -32.35
C VAL D 110 52.34 -28.87 -31.02
N GLY D 111 52.10 -30.17 -30.91
CA GLY D 111 52.37 -30.92 -29.68
C GLY D 111 51.14 -30.97 -28.80
N ASN D 112 51.34 -31.36 -27.54
CA ASN D 112 50.28 -31.33 -26.52
C ASN D 112 49.66 -29.96 -26.28
N ILE D 113 48.38 -29.95 -25.94
CA ILE D 113 47.69 -28.70 -25.70
C ILE D 113 47.24 -28.57 -24.26
N ASP D 114 46.84 -27.36 -23.92
CA ASP D 114 46.29 -27.04 -22.59
C ASP D 114 44.78 -26.87 -22.54
N GLY D 115 44.16 -26.68 -23.70
CA GLY D 115 42.71 -26.59 -23.70
C GLY D 115 42.03 -26.24 -25.01
N VAL D 116 40.71 -26.30 -25.00
CA VAL D 116 39.89 -26.00 -26.17
C VAL D 116 38.83 -24.97 -25.80
N TYR D 117 38.75 -23.92 -26.61
CA TYR D 117 37.57 -23.07 -26.65
C TYR D 117 36.67 -23.48 -27.81
N HIS D 118 35.51 -24.03 -27.46
CA HIS D 118 34.44 -24.43 -28.40
C HIS D 118 33.50 -23.23 -28.64
N SER D 119 33.47 -22.67 -29.85
CA SER D 119 32.55 -21.55 -30.15
C SER D 119 31.68 -21.82 -31.41
N ILE D 120 30.89 -22.89 -31.39
CA ILE D 120 30.30 -23.39 -32.64
C ILE D 120 28.83 -23.70 -32.42
N ALA D 121 27.97 -23.20 -33.28
CA ALA D 121 26.58 -23.68 -33.22
C ALA D 121 25.96 -23.48 -34.59
N PHE D 122 24.83 -24.12 -34.82
CA PHE D 122 24.14 -23.93 -36.09
C PHE D 122 22.70 -24.40 -35.96
N ALA D 123 21.80 -23.65 -36.59
CA ALA D 123 20.44 -24.14 -36.86
C ALA D 123 19.93 -23.48 -38.13
N ASN D 124 18.89 -24.06 -38.72
CA ASN D 124 18.27 -23.41 -39.89
C ASN D 124 17.49 -22.17 -39.52
N MET D 125 17.64 -21.11 -40.32
CA MET D 125 17.06 -19.83 -39.97
C MET D 125 15.56 -19.92 -39.68
N GLU D 126 14.88 -20.84 -40.37
CA GLU D 126 13.45 -21.00 -40.22
C GLU D 126 13.06 -21.54 -38.83
N ASP D 127 14.00 -22.21 -38.17
CA ASP D 127 13.76 -22.73 -36.83
C ASP D 127 14.17 -21.75 -35.73
N LEU D 128 14.49 -20.50 -36.09
CA LEU D 128 14.99 -19.49 -35.13
C LEU D 128 14.03 -18.30 -35.03
N ARG D 129 12.75 -18.59 -35.25
CA ARG D 129 11.66 -17.61 -35.31
C ARG D 129 10.39 -18.42 -35.42
N GLY D 130 9.24 -17.79 -35.28
CA GLY D 130 7.96 -18.46 -35.45
C GLY D 130 7.68 -19.44 -34.33
N ARG D 131 6.91 -20.50 -34.65
CA ARG D 131 6.40 -21.43 -33.63
C ARG D 131 7.34 -22.63 -33.41
N PHE D 132 7.84 -22.82 -32.19
CA PHE D 132 8.74 -23.96 -31.95
C PHE D 132 8.04 -25.32 -32.19
N SER D 133 6.75 -25.42 -31.95
CA SER D 133 6.07 -26.69 -32.19
C SER D 133 6.18 -27.15 -33.64
N GLU D 134 6.69 -26.31 -34.54
CA GLU D 134 6.62 -26.55 -35.99
C GLU D 134 7.98 -26.96 -36.55
N THR D 135 8.99 -27.04 -35.67
CA THR D 135 10.33 -27.52 -36.00
C THR D 135 10.37 -28.92 -36.64
N SER D 136 11.12 -29.04 -37.74
CA SER D 136 11.27 -30.31 -38.42
C SER D 136 12.22 -31.21 -37.64
N ARG D 137 11.99 -32.53 -37.75
CA ARG D 137 12.96 -33.54 -37.28
C ARG D 137 14.39 -33.25 -37.76
N GLU D 138 14.55 -32.96 -39.04
CA GLU D 138 15.90 -32.69 -39.57
C GLU D 138 16.50 -31.43 -38.96
N GLY D 139 15.68 -30.40 -38.77
CA GLY D 139 16.20 -29.14 -38.23
C GLY D 139 16.56 -29.32 -36.77
N PHE D 140 15.76 -30.10 -36.08
CA PHE D 140 15.99 -30.31 -34.68
C PHE D 140 17.30 -31.09 -34.50
N LEU D 141 17.50 -32.13 -35.32
CA LEU D 141 18.64 -33.02 -35.14
C LEU D 141 19.95 -32.39 -35.63
N LEU D 142 19.82 -31.48 -36.59
CA LEU D 142 20.98 -30.72 -37.06
C LEU D 142 21.50 -29.78 -35.97
N ALA D 143 20.59 -29.13 -35.26
CA ALA D 143 21.01 -28.21 -34.21
C ALA D 143 21.71 -28.99 -33.11
N GLN D 144 21.09 -30.09 -32.63
CA GLN D 144 21.76 -31.05 -31.74
C GLN D 144 23.14 -31.50 -32.22
N ASP D 145 23.23 -31.95 -33.48
CA ASP D 145 24.46 -32.50 -34.00
C ASP D 145 25.59 -31.49 -33.91
N ILE D 146 25.35 -30.29 -34.44
CA ILE D 146 26.43 -29.31 -34.58
C ILE D 146 26.69 -28.55 -33.29
N SER D 147 25.70 -28.47 -32.41
CA SER D 147 25.72 -27.45 -31.37
C SER D 147 26.02 -28.07 -30.02
N SER D 148 25.81 -29.39 -29.95
CA SER D 148 25.96 -30.14 -28.72
C SER D 148 26.88 -31.33 -28.92
N TYR D 149 26.47 -32.23 -29.81
CA TYR D 149 27.22 -33.44 -29.98
C TYR D 149 28.68 -33.13 -30.31
N SER D 150 28.90 -32.12 -31.14
CA SER D 150 30.27 -31.78 -31.50
C SER D 150 31.21 -31.60 -30.29
N LEU D 151 30.70 -31.07 -29.17
CA LEU D 151 31.58 -30.91 -27.99
C LEU D 151 32.09 -32.26 -27.50
N THR D 152 31.22 -33.27 -27.50
CA THR D 152 31.55 -34.62 -27.04
C THR D 152 32.71 -35.23 -27.83
N ILE D 153 32.61 -35.23 -29.15
CA ILE D 153 33.64 -35.80 -30.02
C ILE D 153 34.91 -34.93 -29.93
N VAL D 154 34.76 -33.61 -29.92
CA VAL D 154 35.93 -32.73 -29.75
C VAL D 154 36.70 -32.98 -28.44
N ALA D 155 35.97 -33.20 -27.35
CA ALA D 155 36.52 -33.52 -26.05
C ALA D 155 37.25 -34.86 -26.09
N HIS D 156 36.61 -35.88 -26.67
CA HIS D 156 37.29 -37.17 -26.88
C HIS D 156 38.61 -37.08 -27.65
N GLU D 157 38.61 -36.33 -28.75
CA GLU D 157 39.85 -36.20 -29.51
C GLU D 157 40.86 -35.31 -28.77
N ALA D 158 40.41 -34.19 -28.22
CA ALA D 158 41.30 -33.26 -27.51
C ALA D 158 42.02 -33.88 -26.33
N LYS D 159 41.33 -34.74 -25.59
CA LYS D 159 41.89 -35.47 -24.45
C LYS D 159 43.26 -36.13 -24.78
N LYS D 160 43.34 -36.69 -25.99
CA LYS D 160 44.55 -37.35 -26.50
C LYS D 160 45.79 -36.46 -26.45
N LEU D 161 45.57 -35.17 -26.61
CA LEU D 161 46.63 -34.15 -26.54
C LEU D 161 46.75 -33.46 -25.16
N MET D 162 46.07 -34.01 -24.16
CA MET D 162 46.11 -33.41 -22.82
C MET D 162 46.36 -34.47 -21.77
N PRO D 163 47.52 -35.14 -21.84
CA PRO D 163 47.80 -36.28 -20.96
C PRO D 163 47.94 -35.89 -19.48
N GLU D 164 48.37 -34.65 -19.24
CA GLU D 164 48.53 -34.12 -17.89
C GLU D 164 47.41 -33.17 -17.52
N GLY D 165 46.31 -33.23 -18.27
CA GLY D 165 45.10 -32.49 -17.91
C GLY D 165 44.97 -31.21 -18.72
N GLY D 166 43.89 -30.47 -18.49
CA GLY D 166 43.58 -29.35 -19.36
C GLY D 166 42.19 -28.77 -19.17
N SER D 167 41.80 -27.90 -20.09
CA SER D 167 40.57 -27.13 -19.89
C SER D 167 39.75 -27.02 -21.17
N ILE D 168 38.47 -27.40 -21.13
CA ILE D 168 37.58 -27.24 -22.28
C ILE D 168 36.42 -26.28 -21.96
N VAL D 169 36.20 -25.28 -22.81
CA VAL D 169 35.11 -24.31 -22.63
C VAL D 169 34.19 -24.26 -23.85
N ALA D 170 32.88 -24.42 -23.67
CA ALA D 170 31.87 -24.13 -24.69
C ALA D 170 31.09 -22.83 -24.44
N THR D 171 30.34 -22.40 -25.45
CA THR D 171 29.61 -21.13 -25.39
C THR D 171 28.11 -21.39 -25.44
N THR D 172 27.42 -20.94 -24.40
CA THR D 172 26.00 -21.16 -24.36
C THR D 172 25.21 -19.87 -24.20
N TYR D 173 23.88 -19.98 -24.16
CA TYR D 173 23.01 -18.83 -24.05
C TYR D 173 21.96 -19.18 -22.99
N LEU D 174 21.45 -18.14 -22.33
CA LEU D 174 20.40 -18.24 -21.32
C LEU D 174 19.19 -19.01 -21.83
N GLY D 175 18.97 -19.00 -23.14
CA GLY D 175 17.90 -19.80 -23.76
C GLY D 175 18.05 -21.32 -23.66
N GLY D 176 19.17 -21.82 -23.14
CA GLY D 176 19.24 -23.23 -22.73
C GLY D 176 18.64 -23.54 -21.36
N GLU D 177 18.37 -22.50 -20.56
CA GLU D 177 17.86 -22.65 -19.19
C GLU D 177 16.42 -22.18 -19.07
N PHE D 178 16.02 -21.24 -19.93
CA PHE D 178 14.63 -20.80 -19.99
C PHE D 178 14.10 -20.81 -21.41
N ALA D 179 12.79 -21.03 -21.55
CA ALA D 179 12.14 -20.79 -22.84
C ALA D 179 12.13 -19.30 -23.11
N VAL D 180 12.71 -18.93 -24.25
CA VAL D 180 12.88 -17.55 -24.63
C VAL D 180 12.30 -17.43 -26.05
N GLN D 181 11.69 -16.30 -26.40
CA GLN D 181 11.06 -16.21 -27.71
C GLN D 181 12.04 -16.44 -28.90
N ASN D 182 11.58 -17.09 -29.97
CA ASN D 182 12.32 -17.29 -31.22
C ASN D 182 13.49 -18.27 -31.23
N TYR D 183 14.28 -18.28 -30.17
CA TYR D 183 15.50 -19.09 -30.09
C TYR D 183 15.21 -20.58 -30.25
N ASN D 184 14.06 -21.00 -29.76
CA ASN D 184 13.39 -22.21 -30.24
C ASN D 184 14.31 -23.41 -30.34
N VAL D 185 14.60 -23.89 -31.56
CA VAL D 185 15.40 -25.12 -31.68
C VAL D 185 16.78 -24.99 -31.01
N MET D 186 17.37 -23.79 -31.04
CA MET D 186 18.72 -23.62 -30.46
C MET D 186 18.69 -23.64 -28.94
N GLY D 187 17.57 -23.23 -28.35
CA GLY D 187 17.37 -23.31 -26.89
C GLY D 187 17.46 -24.76 -26.41
N VAL D 188 16.85 -25.67 -27.14
CA VAL D 188 16.91 -27.11 -26.79
C VAL D 188 18.31 -27.69 -27.12
N ALA D 189 18.93 -27.26 -28.21
CA ALA D 189 20.34 -27.59 -28.44
C ALA D 189 21.29 -27.12 -27.32
N LYS D 190 21.07 -25.93 -26.74
CA LYS D 190 21.88 -25.45 -25.62
C LYS D 190 21.58 -26.14 -24.29
N ALA D 191 20.31 -26.40 -23.98
CA ALA D 191 20.05 -27.24 -22.83
C ALA D 191 20.91 -28.49 -22.95
N SER D 192 20.94 -29.09 -24.15
CA SER D 192 21.71 -30.30 -24.43
C SER D 192 23.20 -30.07 -24.22
N LEU D 193 23.72 -29.01 -24.87
CA LEU D 193 25.10 -28.58 -24.62
C LEU D 193 25.43 -28.42 -23.12
N GLU D 194 24.56 -27.77 -22.37
CA GLU D 194 24.86 -27.51 -20.98
C GLU D 194 24.90 -28.81 -20.16
N ALA D 195 24.01 -29.78 -20.45
CA ALA D 195 24.15 -31.13 -19.86
C ALA D 195 25.43 -31.85 -20.32
N ASN D 196 25.77 -31.75 -21.61
CA ASN D 196 26.98 -32.32 -22.21
C ASN D 196 28.22 -31.88 -21.43
N VAL D 197 28.25 -30.59 -21.05
CA VAL D 197 29.29 -30.03 -20.19
C VAL D 197 29.38 -30.71 -18.81
N LYS D 198 28.22 -30.94 -18.20
CA LYS D 198 28.20 -31.63 -16.93
C LYS D 198 28.67 -33.07 -17.05
N TYR D 199 28.25 -33.78 -18.08
CA TYR D 199 28.59 -35.19 -18.23
C TYR D 199 30.07 -35.32 -18.63
N LEU D 200 30.53 -34.47 -19.54
CA LEU D 200 31.97 -34.47 -19.83
C LEU D 200 32.76 -34.15 -18.57
N ALA D 201 32.30 -33.20 -17.76
CA ALA D 201 33.05 -32.85 -16.53
C ALA D 201 33.28 -34.01 -15.56
N LEU D 202 32.23 -34.80 -15.30
CA LEU D 202 32.31 -36.00 -14.47
C LEU D 202 33.24 -37.01 -15.15
N ASP D 203 33.02 -37.25 -16.45
CA ASP D 203 33.78 -38.28 -17.15
C ASP D 203 35.27 -37.96 -17.17
N LEU D 204 35.63 -36.73 -17.55
CA LEU D 204 37.05 -36.39 -17.74
C LEU D 204 37.74 -35.81 -16.51
N GLY D 205 36.99 -35.51 -15.44
CA GLY D 205 37.55 -35.00 -14.19
C GLY D 205 38.71 -35.84 -13.64
N PRO D 206 38.56 -37.19 -13.64
CA PRO D 206 39.67 -37.96 -13.10
C PRO D 206 40.91 -37.85 -13.98
N ASP D 207 40.77 -37.39 -15.22
CA ASP D 207 41.96 -37.14 -16.02
C ASP D 207 42.46 -35.73 -15.85
N ASN D 208 41.90 -34.99 -14.89
CA ASN D 208 42.24 -33.58 -14.67
C ASN D 208 41.94 -32.68 -15.87
N ILE D 209 40.85 -32.97 -16.54
CA ILE D 209 40.39 -32.10 -17.62
C ILE D 209 39.07 -31.54 -17.09
N ARG D 210 39.05 -30.22 -16.98
CA ARG D 210 37.87 -29.50 -16.56
C ARG D 210 37.08 -29.08 -17.79
N VAL D 211 35.76 -29.12 -17.66
CA VAL D 211 34.90 -28.75 -18.77
C VAL D 211 33.88 -27.76 -18.21
N ASN D 212 33.79 -26.59 -18.83
CA ASN D 212 32.85 -25.56 -18.40
C ASN D 212 32.17 -24.91 -19.60
N ALA D 213 31.12 -24.13 -19.31
CA ALA D 213 30.43 -23.25 -20.23
C ALA D 213 30.45 -21.79 -19.81
N ILE D 214 30.51 -20.91 -20.81
CA ILE D 214 30.23 -19.49 -20.58
C ILE D 214 28.92 -19.19 -21.25
N SER D 215 27.98 -18.61 -20.50
CA SER D 215 26.67 -18.22 -21.04
C SER D 215 26.76 -16.75 -21.38
N ALA D 216 27.05 -16.45 -22.64
CA ALA D 216 27.26 -15.06 -23.05
C ALA D 216 25.91 -14.37 -23.22
N GLY D 217 25.81 -13.14 -22.74
CA GLY D 217 24.69 -12.31 -23.20
C GLY D 217 24.71 -12.10 -24.71
N PRO D 218 23.66 -11.45 -25.24
CA PRO D 218 23.56 -11.13 -26.67
C PRO D 218 24.72 -10.24 -27.16
N ILE D 219 25.30 -10.59 -28.30
CA ILE D 219 26.40 -9.89 -28.93
C ILE D 219 26.18 -9.93 -30.44
N ARG D 220 26.41 -8.79 -31.10
CA ARG D 220 26.26 -8.69 -32.53
C ARG D 220 27.31 -9.53 -33.28
N THR D 221 26.86 -10.62 -33.89
CA THR D 221 27.75 -11.53 -34.58
C THR D 221 27.07 -11.98 -35.87
N LEU D 222 27.85 -12.61 -36.74
CA LEU D 222 27.28 -13.17 -37.96
C LEU D 222 26.07 -14.07 -37.65
N SER D 223 26.23 -15.01 -36.73
CA SER D 223 25.14 -15.93 -36.37
C SER D 223 23.94 -15.23 -35.75
N ALA D 224 24.18 -14.18 -34.96
CA ALA D 224 23.07 -13.42 -34.37
C ALA D 224 22.10 -12.80 -35.38
N LYS D 225 22.55 -12.54 -36.60
CA LYS D 225 21.66 -11.94 -37.60
C LYS D 225 20.46 -12.81 -37.98
N GLY D 226 20.64 -14.12 -37.86
CA GLY D 226 19.61 -15.07 -38.30
C GLY D 226 18.69 -15.51 -37.18
N VAL D 227 18.79 -14.84 -36.03
CA VAL D 227 17.97 -15.23 -34.88
C VAL D 227 16.80 -14.25 -34.75
N GLY D 228 15.57 -14.74 -34.79
CA GLY D 228 14.43 -13.84 -34.67
C GLY D 228 14.47 -13.00 -33.42
N GLY D 229 14.12 -11.72 -33.58
CA GLY D 229 13.94 -10.78 -32.46
C GLY D 229 15.20 -10.35 -31.72
N PHE D 230 16.36 -10.57 -32.35
CA PHE D 230 17.64 -10.36 -31.67
C PHE D 230 17.81 -8.94 -31.12
N ASN D 231 17.44 -7.92 -31.92
CA ASN D 231 17.65 -6.53 -31.54
C ASN D 231 16.76 -6.14 -30.35
N THR D 232 15.52 -6.59 -30.40
CA THR D 232 14.63 -6.45 -29.26
C THR D 232 15.29 -6.94 -27.97
N ILE D 233 16.01 -8.05 -28.03
CA ILE D 233 16.56 -8.66 -26.83
C ILE D 233 17.78 -7.86 -26.31
N LEU D 234 18.56 -7.39 -27.27
CA LEU D 234 19.79 -6.66 -27.02
C LEU D 234 19.46 -5.36 -26.31
N LYS D 235 18.45 -4.67 -26.81
CA LYS D 235 17.94 -3.46 -26.19
C LYS D 235 17.38 -3.71 -24.79
N GLU D 236 16.79 -4.89 -24.59
CA GLU D 236 16.17 -5.18 -23.30
C GLU D 236 17.20 -5.39 -22.20
N ILE D 237 18.30 -6.06 -22.52
CA ILE D 237 19.37 -6.27 -21.56
C ILE D 237 19.80 -4.93 -21.00
N GLU D 238 19.96 -3.97 -21.91
CA GLU D 238 20.45 -2.66 -21.58
C GLU D 238 19.47 -1.96 -20.66
N GLU D 239 18.17 -2.15 -20.89
CA GLU D 239 17.14 -1.61 -20.01
C GLU D 239 17.01 -2.33 -18.65
N ARG D 240 17.27 -3.62 -18.61
CA ARG D 240 16.84 -4.41 -17.46
CA ARG D 240 16.83 -4.44 -17.48
C ARG D 240 17.96 -5.15 -16.71
N ALA D 241 19.03 -5.58 -17.40
CA ALA D 241 20.12 -6.31 -16.69
C ALA D 241 20.68 -5.42 -15.54
N PRO D 242 21.05 -6.01 -14.38
CA PRO D 242 21.79 -5.26 -13.35
C PRO D 242 22.79 -4.19 -13.85
N LEU D 243 23.60 -4.50 -14.86
CA LEU D 243 24.65 -3.55 -15.22
C LEU D 243 24.17 -2.50 -16.22
N LYS D 244 22.92 -2.63 -16.67
CA LYS D 244 22.37 -1.65 -17.59
C LYS D 244 23.26 -1.41 -18.80
N ARG D 245 23.79 -2.48 -19.38
CA ARG D 245 24.59 -2.35 -20.60
C ARG D 245 24.77 -3.75 -21.16
N ASN D 246 25.17 -3.82 -22.43
CA ASN D 246 25.47 -5.12 -23.07
C ASN D 246 26.89 -5.53 -22.74
N VAL D 247 27.19 -6.80 -22.94
CA VAL D 247 28.57 -7.28 -22.83
C VAL D 247 29.16 -7.37 -24.24
N ASP D 248 30.47 -7.60 -24.35
CA ASP D 248 31.10 -7.79 -25.67
C ASP D 248 31.98 -9.04 -25.71
N GLN D 249 32.52 -9.33 -26.89
CA GLN D 249 33.32 -10.52 -27.16
C GLN D 249 34.54 -10.61 -26.21
N VAL D 250 35.21 -9.48 -26.02
CA VAL D 250 36.37 -9.40 -25.11
C VAL D 250 35.99 -9.74 -23.64
N GLU D 251 34.84 -9.27 -23.18
CA GLU D 251 34.43 -9.71 -21.86
C GLU D 251 34.24 -11.24 -21.82
N VAL D 252 33.73 -11.85 -22.89
CA VAL D 252 33.72 -13.31 -22.97
C VAL D 252 35.12 -13.92 -22.90
N GLY D 253 36.05 -13.33 -23.65
CA GLY D 253 37.47 -13.72 -23.64
C GLY D 253 38.15 -13.68 -22.28
N LYS D 254 37.90 -12.63 -21.52
CA LYS D 254 38.47 -12.49 -20.19
C LYS D 254 38.03 -13.63 -19.25
N THR D 255 36.75 -13.99 -19.29
CA THR D 255 36.27 -15.12 -18.48
C THR D 255 36.78 -16.48 -19.03
N ALA D 256 36.92 -16.55 -20.36
CA ALA D 256 37.53 -17.69 -21.01
C ALA D 256 38.97 -17.91 -20.52
N ALA D 257 39.75 -16.83 -20.42
CA ALA D 257 41.11 -16.91 -19.89
C ALA D 257 41.13 -17.44 -18.45
N TYR D 258 40.24 -16.91 -17.62
CA TYR D 258 40.05 -17.50 -16.31
C TYR D 258 39.79 -19.01 -16.42
N LEU D 259 38.74 -19.40 -17.15
CA LEU D 259 38.39 -20.82 -17.23
C LEU D 259 39.46 -21.70 -17.89
N LEU D 260 40.15 -21.16 -18.88
CA LEU D 260 41.24 -21.89 -19.52
C LEU D 260 42.49 -22.00 -18.65
N SER D 261 42.61 -21.23 -17.57
CA SER D 261 43.90 -21.18 -16.85
C SER D 261 43.83 -21.88 -15.49
N ASP D 262 44.97 -21.92 -14.81
CA ASP D 262 45.01 -22.48 -13.47
C ASP D 262 44.23 -21.62 -12.44
N LEU D 263 43.80 -20.41 -12.80
CA LEU D 263 43.04 -19.57 -11.87
C LEU D 263 41.74 -20.25 -11.48
N SER D 264 41.20 -21.03 -12.41
CA SER D 264 39.94 -21.78 -12.18
C SER D 264 40.12 -23.25 -11.77
N SER D 265 41.27 -23.61 -11.23
N SER D 265 41.28 -23.59 -11.23
CA SER D 265 41.67 -25.02 -11.13
CA SER D 265 41.44 -24.91 -10.65
C SER D 265 40.66 -25.94 -10.44
C SER D 265 40.34 -25.09 -9.60
N GLY D 266 39.82 -25.36 -9.58
N GLY D 266 39.76 -26.28 -9.57
CA GLY D 266 38.86 -26.13 -8.78
CA GLY D 266 38.61 -26.51 -8.70
C GLY D 266 37.42 -26.08 -9.24
C GLY D 266 37.28 -26.34 -9.40
N VAL D 267 37.21 -25.49 -10.42
CA VAL D 267 35.92 -25.26 -11.09
C VAL D 267 35.78 -26.17 -12.31
N THR D 268 34.76 -27.01 -12.30
CA THR D 268 34.42 -27.84 -13.45
C THR D 268 32.91 -28.15 -13.40
N GLY D 269 32.31 -28.40 -14.55
CA GLY D 269 30.88 -28.58 -14.67
C GLY D 269 30.13 -27.27 -14.42
N GLU D 270 30.83 -26.12 -14.53
CA GLU D 270 30.19 -24.85 -14.19
C GLU D 270 29.73 -24.10 -15.45
N ASN D 271 28.74 -23.25 -15.30
CA ASN D 271 28.20 -22.41 -16.37
C ASN D 271 28.30 -20.98 -15.87
N ILE D 272 29.30 -20.21 -16.33
CA ILE D 272 29.41 -18.82 -15.89
C ILE D 272 28.64 -17.89 -16.83
N HIS D 273 27.75 -17.09 -16.26
CA HIS D 273 27.03 -16.12 -17.08
C HIS D 273 27.80 -14.79 -17.25
N VAL D 274 28.19 -14.51 -18.49
CA VAL D 274 28.79 -13.23 -18.82
C VAL D 274 27.75 -12.41 -19.58
N ASP D 275 26.88 -11.75 -18.81
CA ASP D 275 25.61 -11.27 -19.35
C ASP D 275 25.03 -10.12 -18.53
N SER D 276 25.89 -9.34 -17.88
CA SER D 276 25.44 -8.11 -17.21
C SER D 276 24.47 -8.38 -16.06
N GLY D 277 24.41 -9.63 -15.58
CA GLY D 277 23.60 -9.97 -14.43
C GLY D 277 22.22 -10.47 -14.82
N PHE D 278 21.97 -10.58 -16.13
CA PHE D 278 20.61 -10.79 -16.64
C PHE D 278 19.96 -12.10 -16.16
N HIS D 279 20.73 -13.19 -16.07
CA HIS D 279 20.24 -14.46 -15.57
C HIS D 279 19.70 -14.40 -14.15
N ALA D 280 20.12 -13.43 -13.35
CA ALA D 280 19.75 -13.45 -11.92
C ALA D 280 18.45 -12.70 -11.59
N ILE D 281 17.86 -12.06 -12.59
CA ILE D 281 16.66 -11.27 -12.39
C ILE D 281 15.42 -11.83 -13.10
N LYS D 282 14.27 -11.35 -12.67
CA LYS D 282 13.05 -11.69 -13.39
C LYS D 282 11.95 -10.63 -13.30
N ASN E 29 -49.28 15.81 15.39
CA ASN E 29 -50.61 16.35 14.98
C ASN E 29 -50.75 17.87 15.05
N LEU E 30 -51.17 18.47 13.93
CA LEU E 30 -51.14 19.93 13.79
C LEU E 30 -52.53 20.59 13.62
N GLU E 31 -53.57 19.86 14.01
CA GLU E 31 -54.91 20.41 14.18
C GLU E 31 -54.94 21.60 15.12
N ASN E 32 -55.81 22.56 14.82
CA ASN E 32 -55.88 23.79 15.60
C ASN E 32 -54.63 24.65 15.51
N LYS E 33 -53.66 24.25 14.70
CA LYS E 33 -52.52 25.12 14.38
C LYS E 33 -52.68 25.83 13.03
N THR E 34 -52.06 27.00 12.91
CA THR E 34 -52.14 27.77 11.69
C THR E 34 -50.75 28.17 11.19
N TYR E 35 -50.38 27.83 9.95
CA TYR E 35 -49.07 28.24 9.44
C TYR E 35 -49.17 29.09 8.18
N VAL E 36 -48.19 29.97 7.97
CA VAL E 36 -48.16 30.79 6.77
C VAL E 36 -47.05 30.23 5.90
N ILE E 37 -47.40 29.76 4.71
CA ILE E 37 -46.38 29.22 3.77
C ILE E 37 -46.13 30.24 2.67
N MET E 38 -44.89 30.67 2.48
CA MET E 38 -44.60 31.77 1.55
C MET E 38 -43.76 31.18 0.44
N GLY E 39 -44.17 31.33 -0.82
CA GLY E 39 -43.33 30.89 -1.91
C GLY E 39 -43.73 29.64 -2.67
N ILE E 40 -45.01 29.46 -2.92
CA ILE E 40 -45.41 28.39 -3.85
C ILE E 40 -45.63 29.03 -5.21
N ALA E 41 -45.13 28.42 -6.27
CA ALA E 41 -45.29 29.02 -7.61
C ALA E 41 -46.09 28.03 -8.40
N ASN E 42 -45.78 26.75 -8.20
CA ASN E 42 -46.52 25.67 -8.85
C ASN E 42 -46.38 24.36 -8.11
N LYS E 43 -46.79 23.26 -8.73
CA LYS E 43 -46.98 21.99 -8.00
C LYS E 43 -45.64 21.38 -7.60
N ARG E 44 -44.57 21.94 -8.13
CA ARG E 44 -43.25 21.38 -7.88
C ARG E 44 -42.46 22.24 -6.89
N SER E 45 -43.04 23.34 -6.41
CA SER E 45 -42.34 24.20 -5.44
C SER E 45 -42.05 23.42 -4.18
N ILE E 46 -40.87 23.64 -3.60
CA ILE E 46 -40.60 23.02 -2.31
C ILE E 46 -41.70 23.35 -1.33
N ALA E 47 -42.23 24.59 -1.38
CA ALA E 47 -43.27 25.02 -0.45
C ALA E 47 -44.59 24.23 -0.56
N PHE E 48 -44.88 23.68 -1.74
CA PHE E 48 -46.05 22.82 -1.89
C PHE E 48 -45.81 21.47 -1.24
N GLY E 49 -44.56 21.01 -1.25
CA GLY E 49 -44.22 19.81 -0.49
C GLY E 49 -44.56 20.02 0.99
N VAL E 50 -44.19 21.20 1.50
CA VAL E 50 -44.55 21.57 2.86
C VAL E 50 -46.06 21.63 3.09
N ALA E 51 -46.78 22.31 2.20
CA ALA E 51 -48.21 22.44 2.33
C ALA E 51 -48.85 21.07 2.44
N LYS E 52 -48.63 20.19 1.45
CA LYS E 52 -49.20 18.85 1.45
C LYS E 52 -49.02 18.15 2.78
N VAL E 53 -47.83 18.33 3.37
CA VAL E 53 -47.52 17.61 4.59
C VAL E 53 -48.29 18.16 5.82
N LEU E 54 -48.26 19.48 5.97
CA LEU E 54 -48.95 20.15 7.09
C LEU E 54 -50.48 19.99 6.98
N ASP E 55 -50.99 20.19 5.77
CA ASP E 55 -52.37 19.90 5.40
C ASP E 55 -52.78 18.54 5.90
N GLN E 56 -52.01 17.53 5.52
CA GLN E 56 -52.29 16.13 5.86
C GLN E 56 -52.25 15.93 7.37
N LEU E 57 -51.51 16.78 8.06
CA LEU E 57 -51.37 16.70 9.52
C LEU E 57 -52.39 17.58 10.25
N GLY E 58 -53.18 18.31 9.47
CA GLY E 58 -54.38 18.91 10.03
C GLY E 58 -54.22 20.40 10.28
N ALA E 59 -53.11 21.00 9.86
CA ALA E 59 -52.88 22.42 10.10
C ALA E 59 -53.83 23.22 9.23
N LYS E 60 -54.25 24.39 9.71
CA LYS E 60 -54.90 25.36 8.84
C LYS E 60 -53.75 26.13 8.20
N LEU E 61 -53.87 26.46 6.91
CA LEU E 61 -52.79 27.03 6.13
C LEU E 61 -53.18 28.33 5.42
N VAL E 62 -52.21 29.20 5.17
CA VAL E 62 -52.41 30.50 4.59
C VAL E 62 -51.20 30.65 3.66
N PHE E 63 -51.41 31.19 2.47
CA PHE E 63 -50.38 31.17 1.41
C PHE E 63 -50.08 32.57 0.96
N THR E 64 -48.80 32.90 0.76
CA THR E 64 -48.48 34.18 0.14
C THR E 64 -47.81 33.93 -1.20
N TYR E 65 -48.06 34.82 -2.17
CA TYR E 65 -47.54 34.62 -3.52
C TYR E 65 -47.06 35.97 -4.02
N ARG E 66 -46.30 35.99 -5.10
CA ARG E 66 -45.91 37.26 -5.70
C ARG E 66 -46.59 37.43 -7.08
N LYS E 67 -46.35 36.50 -8.01
CA LYS E 67 -46.89 36.60 -9.36
C LYS E 67 -48.36 36.14 -9.43
N GLU E 68 -49.15 36.83 -10.25
CA GLU E 68 -50.51 36.41 -10.56
CA GLU E 68 -50.54 36.39 -10.46
C GLU E 68 -50.58 34.91 -10.83
N ARG E 69 -49.67 34.45 -11.67
CA ARG E 69 -49.66 33.06 -12.11
C ARG E 69 -49.56 32.08 -10.94
N SER E 70 -48.92 32.50 -9.85
CA SER E 70 -48.79 31.65 -8.66
C SER E 70 -50.08 31.56 -7.87
N ARG E 71 -50.84 32.65 -7.78
CA ARG E 71 -52.19 32.59 -7.21
C ARG E 71 -53.06 31.62 -8.02
N LYS E 72 -52.97 31.68 -9.34
CA LYS E 72 -53.71 30.73 -10.19
C LYS E 72 -53.30 29.26 -9.93
N GLU E 73 -51.98 29.01 -9.87
CA GLU E 73 -51.53 27.66 -9.49
C GLU E 73 -52.02 27.30 -8.09
N LEU E 74 -51.98 28.28 -7.17
CA LEU E 74 -52.43 28.05 -5.81
C LEU E 74 -53.90 27.69 -5.77
N GLU E 75 -54.72 28.50 -6.41
CA GLU E 75 -56.16 28.24 -6.47
C GLU E 75 -56.47 26.80 -6.93
N LYS E 76 -55.70 26.30 -7.90
CA LYS E 76 -55.91 24.97 -8.47
C LYS E 76 -55.37 23.86 -7.53
N LEU E 77 -54.21 24.11 -6.93
CA LEU E 77 -53.56 23.16 -6.03
C LEU E 77 -54.32 22.95 -4.72
N LEU E 78 -55.10 23.95 -4.28
CA LEU E 78 -55.96 23.82 -3.10
C LEU E 78 -57.06 22.75 -3.20
N GLU E 79 -57.36 22.31 -4.41
CA GLU E 79 -58.29 21.20 -4.64
C GLU E 79 -57.72 19.82 -4.26
N GLN E 80 -56.40 19.75 -4.07
CA GLN E 80 -55.79 18.55 -3.49
C GLN E 80 -55.57 18.57 -1.99
N LEU E 81 -55.83 19.71 -1.36
CA LEU E 81 -55.62 19.81 0.07
C LEU E 81 -56.98 19.70 0.79
N ASN E 82 -56.97 19.48 2.08
CA ASN E 82 -58.20 19.57 2.83
C ASN E 82 -58.38 20.94 3.48
N GLN E 83 -57.87 22.00 2.86
CA GLN E 83 -58.07 23.32 3.45
C GLN E 83 -59.50 23.66 3.08
N PRO E 84 -60.41 23.81 4.07
CA PRO E 84 -61.78 24.15 3.69
C PRO E 84 -61.84 25.49 2.93
N GLU E 85 -61.07 26.48 3.37
CA GLU E 85 -61.09 27.77 2.67
C GLU E 85 -59.73 28.31 2.21
N ALA E 86 -59.78 29.06 1.12
CA ALA E 86 -58.58 29.59 0.47
C ALA E 86 -58.11 30.91 1.10
N HIS E 87 -57.01 30.89 1.85
CA HIS E 87 -56.44 32.11 2.43
C HIS E 87 -55.19 32.54 1.65
N LEU E 88 -55.33 33.41 0.66
CA LEU E 88 -54.22 33.74 -0.25
C LEU E 88 -53.80 35.22 -0.25
N TYR E 89 -52.51 35.53 -0.10
CA TYR E 89 -52.15 36.95 0.02
C TYR E 89 -50.98 37.31 -0.90
N GLN E 90 -51.12 38.38 -1.67
CA GLN E 90 -50.03 38.76 -2.58
C GLN E 90 -49.01 39.49 -1.73
N ILE E 91 -47.84 38.90 -1.50
CA ILE E 91 -46.79 39.64 -0.83
C ILE E 91 -45.50 39.57 -1.66
N ASP E 92 -45.09 40.69 -2.23
CA ASP E 92 -43.75 40.83 -2.78
C ASP E 92 -42.79 41.30 -1.68
N VAL E 93 -41.88 40.41 -1.25
CA VAL E 93 -41.01 40.69 -0.10
C VAL E 93 -39.98 41.78 -0.38
N GLN E 94 -39.98 42.36 -1.57
CA GLN E 94 -39.15 43.55 -1.77
C GLN E 94 -39.82 44.80 -1.24
N SER E 95 -41.12 44.68 -0.94
CA SER E 95 -41.85 45.81 -0.39
C SER E 95 -42.14 45.62 1.11
N ASP E 96 -41.67 46.56 1.93
CA ASP E 96 -42.01 46.53 3.36
C ASP E 96 -43.52 46.62 3.55
N GLU E 97 -44.06 47.62 2.87
CA GLU E 97 -45.50 47.92 2.93
CA GLU E 97 -45.48 47.92 2.95
C GLU E 97 -46.31 46.64 2.75
N GLU E 98 -45.93 45.82 1.77
CA GLU E 98 -46.67 44.64 1.39
C GLU E 98 -46.53 43.50 2.37
N VAL E 99 -45.31 43.41 2.94
CA VAL E 99 -45.07 42.48 4.03
C VAL E 99 -45.87 42.86 5.27
N ILE E 100 -45.79 44.13 5.68
CA ILE E 100 -46.46 44.63 6.89
C ILE E 100 -47.97 44.49 6.77
N ASN E 101 -48.51 44.94 5.63
CA ASN E 101 -49.95 44.88 5.42
C ASN E 101 -50.47 43.48 5.21
N GLY E 102 -49.70 42.66 4.51
CA GLY E 102 -50.05 41.26 4.27
C GLY E 102 -50.19 40.50 5.58
N PHE E 103 -49.20 40.65 6.47
CA PHE E 103 -49.29 39.99 7.80
C PHE E 103 -50.36 40.59 8.71
N GLU E 104 -50.45 41.91 8.73
CA GLU E 104 -51.57 42.53 9.44
C GLU E 104 -52.93 41.96 9.00
N GLN E 105 -53.10 41.81 7.69
CA GLN E 105 -54.35 41.31 7.15
C GLN E 105 -54.53 39.85 7.54
N ILE E 106 -53.46 39.05 7.51
CA ILE E 106 -53.53 37.65 7.93
C ILE E 106 -54.05 37.51 9.37
N GLY E 107 -53.50 38.32 10.28
CA GLY E 107 -54.01 38.38 11.65
C GLY E 107 -55.48 38.72 11.77
N LYS E 108 -55.97 39.68 10.99
CA LYS E 108 -57.39 39.98 11.01
C LYS E 108 -58.25 38.83 10.47
N ASP E 109 -57.75 38.13 9.44
CA ASP E 109 -58.55 37.08 8.79
C ASP E 109 -58.54 35.75 9.56
N VAL E 110 -57.35 35.33 10.02
CA VAL E 110 -57.21 34.06 10.75
C VAL E 110 -56.76 34.09 12.23
N GLY E 111 -56.46 35.25 12.78
CA GLY E 111 -56.04 35.32 14.19
C GLY E 111 -54.56 34.98 14.37
N ASN E 112 -54.19 34.60 15.59
CA ASN E 112 -52.81 34.24 15.85
C ASN E 112 -52.33 33.06 14.99
N ILE E 113 -51.07 33.09 14.55
CA ILE E 113 -50.46 31.93 13.87
C ILE E 113 -49.45 31.18 14.74
N ASP E 114 -48.99 30.04 14.23
CA ASP E 114 -47.99 29.19 14.92
C ASP E 114 -46.64 29.11 14.24
N GLY E 115 -46.56 29.58 13.00
CA GLY E 115 -45.21 29.70 12.44
C GLY E 115 -45.27 30.09 11.00
N VAL E 116 -44.10 30.23 10.36
CA VAL E 116 -44.01 30.73 9.00
C VAL E 116 -43.01 29.83 8.29
N TYR E 117 -43.39 29.29 7.13
CA TYR E 117 -42.43 28.58 6.28
C TYR E 117 -41.95 29.54 5.19
N HIS E 118 -40.70 29.96 5.24
CA HIS E 118 -40.18 30.89 4.22
C HIS E 118 -39.58 30.04 3.12
N SER E 119 -40.13 30.15 1.91
CA SER E 119 -39.57 29.44 0.74
C SER E 119 -39.27 30.39 -0.44
N ILE E 120 -38.40 31.37 -0.24
CA ILE E 120 -38.27 32.47 -1.25
C ILE E 120 -36.80 32.84 -1.55
N ALA E 121 -36.41 32.91 -2.82
CA ALA E 121 -35.08 33.42 -3.17
C ALA E 121 -35.23 33.92 -4.59
N PHE E 122 -34.22 34.62 -5.08
CA PHE E 122 -34.27 35.15 -6.43
C PHE E 122 -32.86 35.67 -6.72
N ALA E 123 -32.41 35.45 -7.95
CA ALA E 123 -31.17 36.11 -8.46
C ALA E 123 -31.38 36.23 -9.97
N ASN E 124 -30.76 37.18 -10.65
CA ASN E 124 -30.81 37.15 -12.10
C ASN E 124 -30.10 35.91 -12.65
N MET E 125 -30.61 35.37 -13.77
CA MET E 125 -29.97 34.24 -14.45
C MET E 125 -28.48 34.39 -14.75
N GLU E 126 -28.03 35.55 -15.25
CA GLU E 126 -26.60 35.66 -15.52
C GLU E 126 -25.74 35.54 -14.28
N ASP E 127 -26.33 35.56 -13.09
CA ASP E 127 -25.54 35.54 -11.88
C ASP E 127 -25.48 34.12 -11.35
N LEU E 128 -25.97 33.15 -12.13
CA LEU E 128 -26.13 31.76 -11.63
C LEU E 128 -25.26 30.81 -12.48
N ARG E 129 -24.24 31.42 -13.10
CA ARG E 129 -23.33 30.76 -14.03
C ARG E 129 -22.15 31.69 -14.31
N GLY E 130 -21.14 31.16 -14.98
CA GLY E 130 -19.88 31.86 -15.26
C GLY E 130 -19.13 32.23 -13.97
N ARG E 131 -18.58 33.44 -13.97
CA ARG E 131 -17.56 33.84 -13.02
C ARG E 131 -18.16 34.75 -11.98
N PHE E 132 -18.11 34.30 -10.74
CA PHE E 132 -18.66 35.05 -9.61
C PHE E 132 -17.99 36.43 -9.47
N SER E 133 -16.69 36.51 -9.73
CA SER E 133 -16.02 37.82 -9.61
C SER E 133 -16.59 38.86 -10.58
N GLU E 134 -17.43 38.44 -11.52
CA GLU E 134 -18.02 39.39 -12.46
C GLU E 134 -19.36 39.93 -12.00
N THR E 135 -19.90 39.41 -10.91
CA THR E 135 -21.21 39.84 -10.43
C THR E 135 -21.37 41.35 -10.22
N SER E 136 -22.48 41.91 -10.68
CA SER E 136 -22.79 43.33 -10.53
C SER E 136 -23.26 43.65 -9.12
N ARG E 137 -23.10 44.91 -8.72
CA ARG E 137 -23.65 45.39 -7.45
C ARG E 137 -25.16 45.17 -7.42
N GLU E 138 -25.88 45.58 -8.47
CA GLU E 138 -27.33 45.40 -8.43
C GLU E 138 -27.73 43.92 -8.36
N GLY E 139 -27.12 43.06 -9.16
CA GLY E 139 -27.34 41.61 -9.04
C GLY E 139 -27.14 41.03 -7.66
N PHE E 140 -26.03 41.42 -7.02
CA PHE E 140 -25.70 40.99 -5.69
C PHE E 140 -26.69 41.51 -4.66
N LEU E 141 -27.01 42.80 -4.75
CA LEU E 141 -27.92 43.33 -3.73
C LEU E 141 -29.36 42.78 -3.88
N LEU E 142 -29.78 42.52 -5.14
CA LEU E 142 -31.08 41.91 -5.40
C LEU E 142 -31.19 40.54 -4.70
N ALA E 143 -30.20 39.68 -4.88
CA ALA E 143 -30.22 38.36 -4.23
C ALA E 143 -30.30 38.42 -2.71
N GLN E 144 -29.47 39.26 -2.10
CA GLN E 144 -29.45 39.54 -0.66
C GLN E 144 -30.80 40.02 -0.15
N ASP E 145 -31.36 40.96 -0.91
CA ASP E 145 -32.60 41.58 -0.51
C ASP E 145 -33.75 40.56 -0.42
N ILE E 146 -33.98 39.81 -1.51
CA ILE E 146 -35.10 38.90 -1.59
C ILE E 146 -34.86 37.61 -0.84
N SER E 147 -33.62 37.10 -0.89
CA SER E 147 -33.27 35.77 -0.41
C SER E 147 -32.89 35.70 1.06
N SER E 148 -32.57 36.86 1.62
CA SER E 148 -32.10 36.92 2.98
C SER E 148 -32.81 37.99 3.79
N TYR E 149 -32.65 39.24 3.37
CA TYR E 149 -33.32 40.29 4.11
C TYR E 149 -34.81 39.99 4.34
N SER E 150 -35.48 39.46 3.33
CA SER E 150 -36.92 39.21 3.50
C SER E 150 -37.24 38.38 4.75
N LEU E 151 -36.38 37.44 5.10
CA LEU E 151 -36.58 36.69 6.34
C LEU E 151 -36.69 37.57 7.59
N THR E 152 -35.83 38.58 7.70
CA THR E 152 -35.80 39.47 8.87
C THR E 152 -37.11 40.23 9.07
N ILE E 153 -37.57 40.82 7.98
CA ILE E 153 -38.77 41.63 7.99
C ILE E 153 -40.03 40.74 8.07
N VAL E 154 -40.05 39.60 7.39
CA VAL E 154 -41.11 38.61 7.70
C VAL E 154 -41.22 38.19 9.19
N ALA E 155 -40.07 37.93 9.80
CA ALA E 155 -40.04 37.52 11.20
C ALA E 155 -40.51 38.66 12.11
N HIS E 156 -40.11 39.87 11.80
CA HIS E 156 -40.56 41.04 12.52
C HIS E 156 -42.06 41.19 12.48
N GLU E 157 -42.70 40.92 11.34
CA GLU E 157 -44.17 41.13 11.27
C GLU E 157 -44.91 39.94 11.84
N ALA E 158 -44.38 38.76 11.51
CA ALA E 158 -44.98 37.51 11.90
C ALA E 158 -45.04 37.33 13.42
N LYS E 159 -44.03 37.84 14.11
CA LYS E 159 -43.91 37.83 15.58
C LYS E 159 -45.12 38.43 16.28
N LYS E 160 -45.68 39.46 15.67
CA LYS E 160 -46.84 40.14 16.19
C LYS E 160 -48.04 39.21 16.29
N LEU E 161 -48.06 38.16 15.48
CA LEU E 161 -49.14 37.17 15.48
C LEU E 161 -48.76 35.92 16.28
N MET E 162 -47.63 36.01 16.99
CA MET E 162 -47.19 34.88 17.82
C MET E 162 -46.90 35.35 19.22
N PRO E 163 -47.91 35.90 19.91
CA PRO E 163 -47.76 36.38 21.28
C PRO E 163 -47.29 35.28 22.23
N GLU E 164 -47.61 34.03 21.92
CA GLU E 164 -47.40 32.91 22.81
C GLU E 164 -46.26 32.04 22.29
N GLY E 165 -45.57 32.51 21.25
CA GLY E 165 -44.46 31.74 20.67
C GLY E 165 -44.81 31.10 19.32
N GLY E 166 -43.79 30.58 18.63
CA GLY E 166 -44.00 29.85 17.37
C GLY E 166 -42.67 29.45 16.75
N SER E 167 -42.73 29.13 15.46
CA SER E 167 -41.56 28.55 14.79
C SER E 167 -41.46 29.06 13.35
N ILE E 168 -40.29 29.58 12.98
CA ILE E 168 -40.03 30.12 11.65
C ILE E 168 -38.89 29.35 10.94
N VAL E 169 -39.17 28.86 9.73
CA VAL E 169 -38.25 27.98 9.01
C VAL E 169 -38.01 28.60 7.63
N ALA E 170 -36.75 28.91 7.33
CA ALA E 170 -36.34 29.24 5.95
C ALA E 170 -35.68 28.05 5.20
N THR E 171 -35.70 28.11 3.88
CA THR E 171 -35.06 27.10 3.04
C THR E 171 -33.70 27.57 2.53
N THR E 172 -32.66 26.78 2.82
CA THR E 172 -31.33 27.12 2.34
C THR E 172 -30.71 26.04 1.44
N TYR E 173 -29.56 26.38 0.86
CA TYR E 173 -28.80 25.40 0.09
C TYR E 173 -27.34 25.29 0.57
N LEU E 174 -26.73 24.12 0.38
CA LEU E 174 -25.37 23.81 0.81
C LEU E 174 -24.33 24.75 0.18
N GLY E 175 -24.67 25.41 -0.92
CA GLY E 175 -23.83 26.50 -1.45
C GLY E 175 -23.66 27.70 -0.51
N GLY E 176 -24.50 27.77 0.53
CA GLY E 176 -24.32 28.79 1.57
C GLY E 176 -23.21 28.49 2.55
N GLU E 177 -22.72 27.24 2.55
CA GLU E 177 -21.66 26.75 3.43
C GLU E 177 -20.32 26.55 2.70
N PHE E 178 -20.37 26.37 1.38
CA PHE E 178 -19.22 26.02 0.56
C PHE E 178 -19.36 26.70 -0.77
N ALA E 179 -18.25 27.00 -1.40
CA ALA E 179 -18.32 27.51 -2.75
C ALA E 179 -18.64 26.28 -3.62
N VAL E 180 -19.72 26.40 -4.37
CA VAL E 180 -20.22 25.40 -5.32
C VAL E 180 -20.25 26.06 -6.72
N GLN E 181 -19.82 25.38 -7.78
CA GLN E 181 -19.86 25.91 -9.14
C GLN E 181 -21.23 26.53 -9.48
N ASN E 182 -21.22 27.68 -10.16
CA ASN E 182 -22.45 28.28 -10.70
C ASN E 182 -23.38 29.01 -9.71
N TYR E 183 -23.58 28.44 -8.52
CA TYR E 183 -24.57 28.96 -7.58
C TYR E 183 -24.23 30.39 -7.17
N ASN E 184 -22.94 30.71 -7.18
CA ASN E 184 -22.49 32.07 -7.27
C ASN E 184 -23.14 33.11 -6.35
N VAL E 185 -23.71 34.18 -6.94
CA VAL E 185 -24.34 35.21 -6.09
C VAL E 185 -25.29 34.58 -5.07
N MET E 186 -25.89 33.46 -5.42
CA MET E 186 -26.90 32.90 -4.49
C MET E 186 -26.31 32.20 -3.25
N GLY E 187 -25.10 31.63 -3.42
CA GLY E 187 -24.43 31.00 -2.28
C GLY E 187 -24.12 32.03 -1.21
N VAL E 188 -23.54 33.15 -1.65
CA VAL E 188 -23.34 34.31 -0.77
C VAL E 188 -24.65 34.80 -0.15
N ALA E 189 -25.73 34.88 -0.92
CA ALA E 189 -27.01 35.19 -0.31
C ALA E 189 -27.45 34.12 0.71
N LYS E 190 -27.11 32.86 0.47
CA LYS E 190 -27.51 31.80 1.41
C LYS E 190 -26.65 31.81 2.67
N ALA E 191 -25.37 32.13 2.52
CA ALA E 191 -24.51 32.39 3.68
C ALA E 191 -25.16 33.45 4.61
N SER E 192 -25.63 34.54 3.98
CA SER E 192 -26.31 35.66 4.67
C SER E 192 -27.62 35.15 5.35
N LEU E 193 -28.34 34.31 4.63
CA LEU E 193 -29.63 33.79 5.11
C LEU E 193 -29.36 32.90 6.32
N GLU E 194 -28.37 32.03 6.21
CA GLU E 194 -28.16 31.13 7.32
C GLU E 194 -27.66 31.95 8.52
N ALA E 195 -26.87 33.01 8.32
CA ALA E 195 -26.51 33.87 9.47
C ALA E 195 -27.76 34.55 10.07
N ASN E 196 -28.67 35.02 9.20
CA ASN E 196 -29.92 35.68 9.56
C ASN E 196 -30.78 34.79 10.49
N VAL E 197 -30.84 33.49 10.16
CA VAL E 197 -31.48 32.50 10.99
C VAL E 197 -30.88 32.45 12.40
N LYS E 198 -29.57 32.59 12.49
CA LYS E 198 -28.91 32.46 13.77
C LYS E 198 -29.19 33.70 14.62
N TYR E 199 -29.01 34.87 14.03
CA TYR E 199 -29.31 36.12 14.73
C TYR E 199 -30.82 36.27 15.02
N LEU E 200 -31.69 35.89 14.09
CA LEU E 200 -33.11 35.88 14.47
C LEU E 200 -33.42 34.92 15.64
N ALA E 201 -32.77 33.75 15.64
CA ALA E 201 -32.85 32.80 16.78
C ALA E 201 -32.45 33.41 18.14
N LEU E 202 -31.37 34.19 18.14
CA LEU E 202 -30.85 34.70 19.40
C LEU E 202 -31.83 35.81 19.82
N ASP E 203 -32.19 36.64 18.86
CA ASP E 203 -33.08 37.78 19.13
C ASP E 203 -34.47 37.33 19.65
N LEU E 204 -35.08 36.34 19.01
CA LEU E 204 -36.50 36.04 19.26
C LEU E 204 -36.75 34.88 20.21
N GLY E 205 -35.66 34.18 20.57
CA GLY E 205 -35.72 33.06 21.50
C GLY E 205 -36.41 33.41 22.80
N PRO E 206 -36.11 34.58 23.38
CA PRO E 206 -36.79 34.91 24.65
C PRO E 206 -38.28 35.13 24.49
N ASP E 207 -38.76 35.34 23.28
CA ASP E 207 -40.20 35.44 23.02
C ASP E 207 -40.79 34.08 22.68
N ASN E 208 -40.02 33.02 22.93
CA ASN E 208 -40.33 31.64 22.55
C ASN E 208 -40.66 31.40 21.06
N ILE E 209 -39.95 32.11 20.18
CA ILE E 209 -40.06 31.93 18.75
C ILE E 209 -38.77 31.30 18.25
N ARG E 210 -38.89 30.08 17.72
CA ARG E 210 -37.73 29.33 17.30
C ARG E 210 -37.47 29.67 15.86
N VAL E 211 -36.20 29.80 15.46
CA VAL E 211 -35.90 30.09 14.06
C VAL E 211 -34.83 29.13 13.55
N ASN E 212 -35.15 28.37 12.48
CA ASN E 212 -34.28 27.31 11.93
C ASN E 212 -34.28 27.30 10.42
N ALA E 213 -33.39 26.50 9.84
CA ALA E 213 -33.26 26.40 8.39
C ALA E 213 -33.34 24.94 7.98
N ILE E 214 -33.94 24.67 6.83
CA ILE E 214 -33.70 23.40 6.10
C ILE E 214 -32.76 23.62 4.89
N SER E 215 -31.59 22.96 4.87
CA SER E 215 -30.75 22.85 3.68
C SER E 215 -31.22 21.73 2.76
N ALA E 216 -32.04 22.07 1.78
CA ALA E 216 -32.56 21.04 0.88
C ALA E 216 -31.51 20.65 -0.14
N GLY E 217 -31.43 19.34 -0.43
CA GLY E 217 -30.72 18.83 -1.64
C GLY E 217 -31.26 19.42 -2.94
N PRO E 218 -30.58 19.21 -4.10
CA PRO E 218 -31.19 19.68 -5.35
C PRO E 218 -32.52 18.95 -5.73
N ILE E 219 -33.54 19.71 -6.12
CA ILE E 219 -34.86 19.23 -6.44
C ILE E 219 -35.35 19.96 -7.71
N ARG E 220 -36.00 19.25 -8.63
CA ARG E 220 -36.45 19.91 -9.87
C ARG E 220 -37.60 20.86 -9.62
N THR E 221 -37.35 22.16 -9.66
CA THR E 221 -38.38 23.17 -9.46
C THR E 221 -38.18 24.22 -10.54
N LEU E 222 -39.10 25.18 -10.63
CA LEU E 222 -39.02 26.22 -11.64
C LEU E 222 -37.73 27.01 -11.48
N SER E 223 -37.40 27.44 -10.25
CA SER E 223 -36.17 28.19 -10.03
C SER E 223 -34.90 27.41 -10.39
N ALA E 224 -34.91 26.11 -10.11
CA ALA E 224 -33.74 25.28 -10.39
C ALA E 224 -33.41 25.25 -11.87
N LYS E 225 -34.43 25.28 -12.73
CA LYS E 225 -34.20 25.36 -14.15
C LYS E 225 -33.36 26.58 -14.52
N GLY E 226 -33.35 27.60 -13.67
CA GLY E 226 -32.50 28.76 -13.97
C GLY E 226 -31.06 28.67 -13.51
N VAL E 227 -30.67 27.61 -12.80
CA VAL E 227 -29.34 27.52 -12.19
C VAL E 227 -28.32 26.77 -13.09
N GLY E 228 -27.14 27.33 -13.35
CA GLY E 228 -26.16 26.61 -14.16
C GLY E 228 -25.75 25.28 -13.55
N GLY E 229 -25.64 24.25 -14.40
CA GLY E 229 -25.10 22.93 -14.02
C GLY E 229 -26.01 22.12 -13.09
N PHE E 230 -27.26 22.53 -12.94
CA PHE E 230 -28.16 21.85 -11.99
C PHE E 230 -28.30 20.31 -12.23
N ASN E 231 -28.40 19.86 -13.48
CA ASN E 231 -28.71 18.44 -13.72
C ASN E 231 -27.50 17.61 -13.33
N THR E 232 -26.32 18.12 -13.69
CA THR E 232 -25.04 17.59 -13.28
C THR E 232 -24.98 17.32 -11.79
N ILE E 233 -25.36 18.30 -10.98
CA ILE E 233 -25.30 18.21 -9.51
C ILE E 233 -26.27 17.14 -9.03
N LEU E 234 -27.43 17.12 -9.67
CA LEU E 234 -28.50 16.21 -9.30
C LEU E 234 -27.99 14.78 -9.48
N LYS E 235 -27.28 14.53 -10.58
CA LYS E 235 -26.72 13.20 -10.78
C LYS E 235 -25.56 12.89 -9.84
N GLU E 236 -24.70 13.86 -9.55
CA GLU E 236 -23.63 13.58 -8.59
C GLU E 236 -24.15 13.16 -7.19
N ILE E 237 -25.27 13.71 -6.73
CA ILE E 237 -25.82 13.36 -5.46
C ILE E 237 -26.26 11.90 -5.46
N GLU E 238 -26.91 11.49 -6.55
CA GLU E 238 -27.37 10.14 -6.74
C GLU E 238 -26.19 9.17 -6.73
N GLU E 239 -25.04 9.65 -7.21
CA GLU E 239 -23.83 8.83 -7.33
C GLU E 239 -23.01 8.82 -6.05
N ARG E 240 -22.99 9.93 -5.32
CA ARG E 240 -22.07 10.09 -4.20
C ARG E 240 -22.71 10.26 -2.81
N ALA E 241 -23.88 10.90 -2.69
CA ALA E 241 -24.44 11.05 -1.33
C ALA E 241 -24.66 9.67 -0.67
N PRO E 242 -24.41 9.56 0.64
CA PRO E 242 -24.76 8.40 1.48
C PRO E 242 -25.98 7.57 1.06
N LEU E 243 -27.11 8.21 0.76
CA LEU E 243 -28.33 7.46 0.46
C LEU E 243 -28.42 7.08 -1.02
N LYS E 244 -27.46 7.56 -1.82
CA LYS E 244 -27.37 7.24 -3.25
C LYS E 244 -28.70 7.46 -4.00
N ARG E 245 -29.34 8.60 -3.74
CA ARG E 245 -30.64 8.93 -4.29
C ARG E 245 -30.87 10.42 -3.99
N ASN E 246 -31.73 11.07 -4.78
CA ASN E 246 -32.04 12.47 -4.53
C ASN E 246 -33.18 12.56 -3.56
N VAL E 247 -33.37 13.76 -2.99
CA VAL E 247 -34.57 13.93 -2.14
C VAL E 247 -35.72 14.55 -2.96
N ASP E 248 -36.90 14.65 -2.36
CA ASP E 248 -37.99 15.41 -2.95
C ASP E 248 -38.65 16.40 -1.96
N GLN E 249 -39.67 17.11 -2.45
CA GLN E 249 -40.34 18.20 -1.74
C GLN E 249 -41.06 17.71 -0.49
N VAL E 250 -41.62 16.51 -0.60
CA VAL E 250 -42.35 15.96 0.54
C VAL E 250 -41.34 15.60 1.67
N GLU E 251 -40.10 15.26 1.33
CA GLU E 251 -39.16 14.95 2.40
C GLU E 251 -38.81 16.24 3.15
N VAL E 252 -38.64 17.33 2.41
CA VAL E 252 -38.52 18.66 3.01
C VAL E 252 -39.73 18.99 3.87
N GLY E 253 -40.92 18.84 3.31
CA GLY E 253 -42.11 19.09 4.12
C GLY E 253 -42.19 18.29 5.41
N LYS E 254 -41.63 17.07 5.44
CA LYS E 254 -41.72 16.24 6.67
C LYS E 254 -40.77 16.79 7.73
N THR E 255 -39.61 17.29 7.29
CA THR E 255 -38.71 17.93 8.26
C THR E 255 -39.27 19.32 8.67
N ALA E 256 -39.94 20.01 7.76
CA ALA E 256 -40.59 21.28 8.07
C ALA E 256 -41.64 21.05 9.17
N ALA E 257 -42.50 20.07 8.95
CA ALA E 257 -43.40 19.62 10.02
C ALA E 257 -42.73 19.44 11.38
N TYR E 258 -41.60 18.72 11.44
CA TYR E 258 -40.93 18.59 12.72
C TYR E 258 -40.50 19.95 13.28
N LEU E 259 -39.82 20.77 12.48
CA LEU E 259 -39.34 22.06 12.90
C LEU E 259 -40.48 23.02 13.30
N LEU E 260 -41.64 22.90 12.68
CA LEU E 260 -42.75 23.80 12.93
C LEU E 260 -43.58 23.32 14.14
N SER E 261 -43.28 22.13 14.64
CA SER E 261 -44.18 21.59 15.64
C SER E 261 -43.46 21.52 16.99
N ASP E 262 -44.14 21.10 18.03
CA ASP E 262 -43.56 20.98 19.36
C ASP E 262 -42.56 19.82 19.44
N LEU E 263 -42.50 18.96 18.43
CA LEU E 263 -41.49 17.91 18.45
C LEU E 263 -40.10 18.52 18.51
N SER E 264 -39.93 19.71 17.93
CA SER E 264 -38.60 20.33 17.88
C SER E 264 -38.40 21.42 18.95
N SER E 265 -39.07 21.25 20.10
CA SER E 265 -39.18 22.32 21.08
C SER E 265 -37.86 22.82 21.60
N GLY E 266 -36.78 22.03 21.59
CA GLY E 266 -35.47 22.55 22.06
C GLY E 266 -34.52 23.11 21.01
N VAL E 267 -35.01 23.19 19.77
CA VAL E 267 -34.14 23.36 18.64
C VAL E 267 -34.39 24.74 18.07
N THR E 268 -33.32 25.53 17.97
CA THR E 268 -33.39 26.82 17.32
C THR E 268 -31.99 27.21 16.90
N GLY E 269 -31.85 28.08 15.90
CA GLY E 269 -30.52 28.42 15.45
C GLY E 269 -29.84 27.33 14.65
N GLU E 270 -30.61 26.34 14.23
CA GLU E 270 -30.14 25.10 13.59
C GLU E 270 -30.44 25.04 12.08
N ASN E 271 -29.75 24.12 11.42
CA ASN E 271 -29.84 24.02 9.96
C ASN E 271 -29.81 22.53 9.65
N ILE E 272 -30.99 21.94 9.47
CA ILE E 272 -31.09 20.52 9.16
C ILE E 272 -30.96 20.25 7.63
N HIS E 273 -30.12 19.29 7.28
CA HIS E 273 -29.78 19.11 5.85
C HIS E 273 -30.60 17.94 5.36
N VAL E 274 -31.53 18.21 4.45
CA VAL E 274 -32.40 17.17 3.93
C VAL E 274 -31.87 16.98 2.51
N ASP E 275 -30.78 16.22 2.48
CA ASP E 275 -29.96 16.11 1.30
C ASP E 275 -29.28 14.74 1.14
N SER E 276 -29.88 13.66 1.62
CA SER E 276 -29.31 12.33 1.49
C SER E 276 -27.90 12.21 2.03
N GLY E 277 -27.55 12.99 3.04
CA GLY E 277 -26.26 12.83 3.65
C GLY E 277 -25.19 13.66 2.97
N PHE E 278 -25.50 14.37 1.88
CA PHE E 278 -24.39 14.96 1.06
C PHE E 278 -23.49 15.98 1.77
N HIS E 279 -24.06 16.78 2.67
CA HIS E 279 -23.30 17.75 3.45
C HIS E 279 -22.14 17.14 4.29
N ALA E 280 -22.24 15.87 4.66
CA ALA E 280 -21.26 15.19 5.52
C ALA E 280 -20.04 14.54 4.81
N ILE E 281 -20.00 14.57 3.47
CA ILE E 281 -18.91 13.88 2.78
C ILE E 281 -18.03 14.85 1.94
N LYS E 282 -16.86 14.37 1.52
CA LYS E 282 -16.01 15.11 0.60
C LYS E 282 -15.31 14.04 -0.25
N VAL F 28 9.38 35.24 5.45
CA VAL F 28 8.80 36.45 4.78
C VAL F 28 9.89 37.49 4.52
N ASN F 29 9.92 38.00 3.30
CA ASN F 29 10.93 38.90 2.75
C ASN F 29 10.25 39.54 1.55
N LEU F 30 9.63 40.69 1.75
CA LEU F 30 8.70 41.20 0.74
C LEU F 30 9.29 42.32 -0.14
N GLU F 31 10.61 42.38 -0.28
CA GLU F 31 11.17 43.41 -1.18
C GLU F 31 10.73 43.12 -2.63
N ASN F 32 10.48 44.16 -3.41
CA ASN F 32 9.99 43.96 -4.78
C ASN F 32 8.55 43.53 -4.92
N LYS F 33 7.87 43.33 -3.79
CA LYS F 33 6.41 43.21 -3.75
C LYS F 33 5.73 44.58 -3.55
N THR F 34 4.54 44.72 -4.13
CA THR F 34 3.71 45.91 -3.95
C THR F 34 2.33 45.41 -3.49
N TYR F 35 1.82 45.89 -2.35
CA TYR F 35 0.44 45.55 -1.92
C TYR F 35 -0.44 46.80 -1.80
N VAL F 36 -1.72 46.64 -2.11
CA VAL F 36 -2.66 47.70 -1.89
C VAL F 36 -3.38 47.45 -0.57
N ILE F 37 -3.33 48.43 0.36
CA ILE F 37 -3.98 48.33 1.65
C ILE F 37 -5.17 49.31 1.70
N MET F 38 -6.37 48.76 1.83
CA MET F 38 -7.62 49.53 1.85
C MET F 38 -8.25 49.63 3.24
N GLY F 39 -8.49 50.86 3.71
CA GLY F 39 -9.23 50.97 4.98
C GLY F 39 -8.39 51.43 6.18
N ILE F 40 -7.28 52.13 5.93
CA ILE F 40 -6.71 52.86 7.05
C ILE F 40 -7.47 54.16 7.36
N ALA F 41 -7.96 54.32 8.60
CA ALA F 41 -8.52 55.62 9.04
C ALA F 41 -7.58 56.41 9.94
N ASN F 42 -6.90 55.74 10.85
CA ASN F 42 -6.01 56.38 11.80
C ASN F 42 -5.02 55.35 12.30
N LYS F 43 -4.27 55.72 13.34
CA LYS F 43 -3.14 54.90 13.76
C LYS F 43 -3.64 53.65 14.47
N ARG F 44 -4.93 53.56 14.80
CA ARG F 44 -5.44 52.34 15.43
C ARG F 44 -6.12 51.36 14.47
N SER F 45 -6.18 51.76 13.20
CA SER F 45 -6.81 50.90 12.23
C SER F 45 -6.06 49.57 12.16
N ILE F 46 -6.82 48.48 12.17
CA ILE F 46 -6.25 47.16 11.93
C ILE F 46 -5.34 47.26 10.70
N ALA F 47 -5.79 48.01 9.70
CA ALA F 47 -5.06 48.07 8.44
C ALA F 47 -3.71 48.72 8.64
N PHE F 48 -3.55 49.61 9.61
CA PHE F 48 -2.21 50.22 9.81
C PHE F 48 -1.21 49.25 10.47
N GLY F 49 -1.75 48.33 11.28
CA GLY F 49 -1.10 47.12 11.74
C GLY F 49 -0.55 46.27 10.60
N VAL F 50 -1.39 45.95 9.61
CA VAL F 50 -0.91 45.33 8.38
C VAL F 50 0.23 46.19 7.77
N ALA F 51 -0.04 47.47 7.61
CA ALA F 51 0.93 48.32 6.90
C ALA F 51 2.31 48.37 7.60
N LYS F 52 2.36 48.50 8.94
CA LYS F 52 3.63 48.57 9.66
C LYS F 52 4.42 47.28 9.44
N VAL F 53 3.73 46.13 9.45
CA VAL F 53 4.44 44.88 9.24
C VAL F 53 4.94 44.70 7.79
N LEU F 54 4.07 44.85 6.81
CA LEU F 54 4.52 44.65 5.43
C LEU F 54 5.64 45.65 5.10
N ASP F 55 5.62 46.82 5.72
CA ASP F 55 6.54 47.92 5.39
C ASP F 55 7.87 47.51 5.96
N GLN F 56 7.78 46.93 7.16
CA GLN F 56 8.95 46.47 7.88
C GLN F 56 9.58 45.33 7.10
N LEU F 57 8.78 44.48 6.43
CA LEU F 57 9.26 43.35 5.65
C LEU F 57 9.71 43.75 4.23
N GLY F 58 9.81 45.05 3.96
CA GLY F 58 10.43 45.55 2.72
C GLY F 58 9.44 45.91 1.61
N ALA F 59 8.13 45.71 1.85
CA ALA F 59 7.10 45.84 0.80
C ALA F 59 6.83 47.29 0.38
N LYS F 60 6.44 47.48 -0.89
CA LYS F 60 5.94 48.80 -1.31
C LYS F 60 4.46 48.82 -1.15
N LEU F 61 3.93 49.89 -0.54
CA LEU F 61 2.53 49.95 -0.11
C LEU F 61 1.76 51.08 -0.81
N VAL F 62 0.53 50.77 -1.22
CA VAL F 62 -0.38 51.71 -1.82
C VAL F 62 -1.55 51.68 -0.86
N PHE F 63 -2.09 52.86 -0.51
CA PHE F 63 -3.14 53.01 0.48
C PHE F 63 -4.42 53.55 -0.20
N THR F 64 -5.59 52.98 0.12
CA THR F 64 -6.84 53.62 -0.28
C THR F 64 -7.70 54.06 0.92
N TYR F 65 -8.46 55.14 0.70
CA TYR F 65 -9.12 55.87 1.80
C TYR F 65 -10.42 56.44 1.25
N ARG F 66 -11.40 56.59 2.13
CA ARG F 66 -12.64 57.28 1.76
C ARG F 66 -12.62 58.76 2.22
N LYS F 67 -12.59 59.03 3.53
CA LYS F 67 -12.83 60.38 4.02
C LYS F 67 -11.54 61.14 3.83
N GLU F 68 -11.63 62.47 3.67
CA GLU F 68 -10.46 63.36 3.70
C GLU F 68 -9.62 63.24 4.96
N ARG F 69 -10.29 63.11 6.10
CA ARG F 69 -9.59 62.87 7.38
C ARG F 69 -8.69 61.63 7.34
N SER F 70 -9.12 60.54 6.71
CA SER F 70 -8.25 59.37 6.59
C SER F 70 -6.97 59.68 5.79
N ARG F 71 -7.09 60.53 4.76
CA ARG F 71 -5.94 60.83 3.90
C ARG F 71 -4.92 61.66 4.69
N LYS F 72 -5.37 62.67 5.43
CA LYS F 72 -4.53 63.42 6.40
C LYS F 72 -3.83 62.54 7.44
N GLU F 73 -4.57 61.63 8.06
CA GLU F 73 -3.96 60.67 8.98
C GLU F 73 -2.89 59.80 8.26
N LEU F 74 -3.15 59.40 7.02
CA LEU F 74 -2.22 58.59 6.21
C LEU F 74 -0.92 59.35 5.93
N GLU F 75 -1.05 60.59 5.47
CA GLU F 75 0.13 61.42 5.21
C GLU F 75 0.98 61.58 6.47
N LYS F 76 0.36 61.79 7.64
CA LYS F 76 1.08 61.75 8.91
C LYS F 76 1.68 60.38 9.29
N LEU F 77 0.95 59.29 9.09
CA LEU F 77 1.48 57.98 9.49
C LEU F 77 2.58 57.45 8.55
N LEU F 78 2.63 57.92 7.31
CA LEU F 78 3.72 57.57 6.40
C LEU F 78 5.12 57.99 6.89
N GLU F 79 5.15 58.95 7.79
CA GLU F 79 6.41 59.38 8.41
C GLU F 79 7.05 58.33 9.32
N GLN F 80 6.26 57.43 9.88
CA GLN F 80 6.77 56.32 10.68
C GLN F 80 7.15 55.11 9.84
N LEU F 81 6.75 55.12 8.58
CA LEU F 81 6.97 53.99 7.70
C LEU F 81 8.26 54.21 6.91
N ASN F 82 8.74 53.15 6.30
CA ASN F 82 9.93 53.21 5.48
C ASN F 82 9.59 53.70 4.09
N GLN F 83 8.29 53.69 3.73
CA GLN F 83 7.86 54.13 2.41
C GLN F 83 8.50 55.47 2.04
N PRO F 84 9.26 55.47 0.93
CA PRO F 84 9.88 56.71 0.47
C PRO F 84 8.89 57.55 -0.35
N GLU F 85 7.77 56.93 -0.75
CA GLU F 85 6.71 57.66 -1.44
C GLU F 85 5.27 57.42 -0.90
N ALA F 86 4.48 58.47 -1.07
CA ALA F 86 3.07 58.49 -0.75
C ALA F 86 2.26 57.98 -1.96
N HIS F 87 1.76 56.76 -1.91
CA HIS F 87 0.86 56.29 -2.97
C HIS F 87 -0.57 56.25 -2.43
N LEU F 88 -1.33 57.34 -2.57
CA LEU F 88 -2.61 57.48 -1.90
C LEU F 88 -3.75 57.74 -2.89
N TYR F 89 -4.84 56.99 -2.74
CA TYR F 89 -5.97 57.05 -3.68
C TYR F 89 -7.27 56.99 -2.90
N GLN F 90 -8.16 57.92 -3.20
CA GLN F 90 -9.53 57.90 -2.68
C GLN F 90 -10.42 56.89 -3.38
N ILE F 91 -10.93 55.90 -2.65
CA ILE F 91 -11.83 54.94 -3.23
C ILE F 91 -12.92 54.71 -2.18
N ASP F 92 -14.09 55.28 -2.46
CA ASP F 92 -15.35 54.82 -1.89
C ASP F 92 -15.86 53.56 -2.59
N VAL F 93 -15.68 52.41 -1.97
CA VAL F 93 -16.13 51.13 -2.54
C VAL F 93 -17.65 51.05 -2.75
N GLN F 94 -18.38 52.10 -2.39
CA GLN F 94 -19.78 52.25 -2.85
C GLN F 94 -19.91 52.60 -4.33
N SER F 95 -18.87 53.18 -4.92
CA SER F 95 -18.97 53.60 -6.32
C SER F 95 -18.13 52.64 -7.19
N ASP F 96 -18.76 52.00 -8.19
CA ASP F 96 -18.04 51.15 -9.13
C ASP F 96 -16.95 51.94 -9.84
N GLU F 97 -17.31 53.15 -10.26
CA GLU F 97 -16.35 53.93 -11.03
CA GLU F 97 -16.41 54.09 -10.96
C GLU F 97 -15.11 54.29 -10.20
N GLU F 98 -15.26 54.52 -8.88
CA GLU F 98 -14.09 54.84 -8.05
C GLU F 98 -13.15 53.66 -7.84
N VAL F 99 -13.73 52.46 -7.61
CA VAL F 99 -12.96 51.24 -7.59
C VAL F 99 -12.29 50.97 -8.95
N ILE F 100 -13.04 51.07 -10.05
CA ILE F 100 -12.51 50.78 -11.37
C ILE F 100 -11.40 51.80 -11.72
N ASN F 101 -11.68 53.08 -11.56
CA ASN F 101 -10.70 54.14 -11.87
C ASN F 101 -9.50 54.18 -10.95
N GLY F 102 -9.75 53.93 -9.67
CA GLY F 102 -8.72 53.87 -8.62
C GLY F 102 -7.70 52.80 -8.92
N PHE F 103 -8.16 51.56 -9.07
CA PHE F 103 -7.24 50.45 -9.41
C PHE F 103 -6.53 50.61 -10.75
N GLU F 104 -7.23 51.21 -11.71
CA GLU F 104 -6.59 51.47 -13.01
C GLU F 104 -5.43 52.48 -12.90
N GLN F 105 -5.60 53.50 -12.05
CA GLN F 105 -4.58 54.51 -11.84
C GLN F 105 -3.36 53.96 -11.06
N ILE F 106 -3.61 53.10 -10.08
CA ILE F 106 -2.61 52.36 -9.30
C ILE F 106 -1.72 51.51 -10.21
N GLY F 107 -2.36 50.77 -11.11
CA GLY F 107 -1.67 50.08 -12.21
C GLY F 107 -0.74 50.96 -13.02
N LYS F 108 -1.25 52.07 -13.53
CA LYS F 108 -0.47 53.11 -14.23
C LYS F 108 0.63 53.70 -13.36
N ASP F 109 0.40 53.98 -12.08
CA ASP F 109 1.40 54.60 -11.21
C ASP F 109 2.50 53.67 -10.69
N VAL F 110 2.17 52.43 -10.31
CA VAL F 110 3.16 51.54 -9.64
C VAL F 110 3.32 50.20 -10.37
N GLY F 111 2.56 49.96 -11.43
CA GLY F 111 2.74 48.73 -12.20
C GLY F 111 1.89 47.62 -11.59
N ASN F 112 2.23 46.38 -11.91
CA ASN F 112 1.53 45.22 -11.33
C ASN F 112 1.80 45.04 -9.84
N ILE F 113 0.79 44.51 -9.14
CA ILE F 113 0.75 44.37 -7.68
C ILE F 113 0.71 42.90 -7.29
N ASP F 114 0.96 42.59 -6.02
CA ASP F 114 1.03 41.20 -5.59
C ASP F 114 -0.13 40.85 -4.64
N GLY F 115 -0.86 41.87 -4.18
CA GLY F 115 -2.05 41.57 -3.42
C GLY F 115 -2.78 42.78 -2.84
N VAL F 116 -3.92 42.51 -2.20
CA VAL F 116 -4.78 43.54 -1.65
C VAL F 116 -5.20 43.11 -0.24
N TYR F 117 -5.05 44.01 0.72
CA TYR F 117 -5.57 43.80 2.07
C TYR F 117 -6.87 44.57 2.17
N HIS F 118 -8.00 43.92 2.42
CA HIS F 118 -9.25 44.62 2.44
C HIS F 118 -9.64 44.78 3.90
N SER F 119 -9.79 46.03 4.35
CA SER F 119 -10.08 46.32 5.76
C SER F 119 -11.23 47.31 5.89
N ILE F 120 -12.38 46.94 5.28
CA ILE F 120 -13.51 47.87 5.03
C ILE F 120 -14.81 47.23 5.46
N ALA F 121 -15.46 47.88 6.43
CA ALA F 121 -16.83 47.57 6.82
C ALA F 121 -17.55 48.85 7.28
N PHE F 122 -18.87 48.83 7.16
CA PHE F 122 -19.71 49.95 7.59
C PHE F 122 -21.10 49.43 7.92
N ALA F 123 -21.65 49.88 9.04
CA ALA F 123 -23.07 49.78 9.32
C ALA F 123 -23.47 51.04 10.08
N ASN F 124 -24.75 51.40 10.07
CA ASN F 124 -25.28 52.44 10.94
C ASN F 124 -25.35 51.99 12.41
N MET F 125 -25.10 52.94 13.31
CA MET F 125 -25.21 52.74 14.77
C MET F 125 -26.47 52.02 15.24
N GLU F 126 -27.62 52.51 14.80
CA GLU F 126 -28.94 51.91 15.01
C GLU F 126 -28.86 50.37 15.02
N ASP F 127 -27.96 49.82 14.19
CA ASP F 127 -28.01 48.45 13.75
C ASP F 127 -26.86 47.66 14.36
N LEU F 128 -26.15 48.29 15.30
CA LEU F 128 -25.10 47.57 16.04
C LEU F 128 -25.46 47.42 17.54
N ARG F 129 -26.75 47.38 17.81
CA ARG F 129 -27.21 47.22 19.19
C ARG F 129 -28.72 46.99 19.19
N GLY F 130 -29.28 46.70 20.36
CA GLY F 130 -30.66 46.24 20.47
C GLY F 130 -30.95 45.07 19.52
N ARG F 131 -32.08 45.17 18.80
CA ARG F 131 -32.75 43.94 18.33
C ARG F 131 -32.55 43.80 16.85
N PHE F 132 -31.90 42.71 16.46
CA PHE F 132 -31.66 42.40 15.05
C PHE F 132 -32.95 42.37 14.20
N SER F 133 -34.04 41.85 14.75
CA SER F 133 -35.26 41.69 13.96
C SER F 133 -35.88 43.05 13.56
N GLU F 134 -35.37 44.13 14.15
CA GLU F 134 -35.86 45.47 13.80
C GLU F 134 -35.02 46.18 12.75
N THR F 135 -34.01 45.48 12.22
CA THR F 135 -33.14 46.06 11.17
C THR F 135 -33.93 46.52 9.92
N SER F 136 -33.67 47.73 9.45
CA SER F 136 -34.31 48.25 8.24
C SER F 136 -33.69 47.60 7.00
N ARG F 137 -34.45 47.41 5.92
CA ARG F 137 -33.91 47.04 4.60
C ARG F 137 -32.67 47.85 4.17
N GLU F 138 -32.73 49.15 4.39
CA GLU F 138 -31.71 50.05 3.88
C GLU F 138 -30.42 49.90 4.70
N GLY F 139 -30.57 49.63 6.00
CA GLY F 139 -29.42 49.44 6.88
C GLY F 139 -28.79 48.09 6.62
N PHE F 140 -29.61 47.08 6.35
CA PHE F 140 -29.11 45.78 5.96
C PHE F 140 -28.34 45.74 4.62
N LEU F 141 -28.94 46.32 3.58
CA LEU F 141 -28.29 46.38 2.29
C LEU F 141 -27.03 47.27 2.33
N LEU F 142 -26.99 48.29 3.18
CA LEU F 142 -25.83 49.20 3.25
C LEU F 142 -24.58 48.45 3.78
N ALA F 143 -24.82 47.57 4.76
CA ALA F 143 -23.79 46.77 5.40
C ALA F 143 -23.25 45.73 4.44
N GLN F 144 -24.13 45.13 3.62
CA GLN F 144 -23.77 44.15 2.61
C GLN F 144 -22.97 44.78 1.49
N ASP F 145 -23.43 45.95 1.01
CA ASP F 145 -22.77 46.66 -0.07
C ASP F 145 -21.32 46.98 0.27
N ILE F 146 -21.10 47.68 1.38
CA ILE F 146 -19.78 48.15 1.80
C ILE F 146 -18.90 47.03 2.34
N SER F 147 -19.46 46.15 3.16
CA SER F 147 -18.72 45.15 3.95
C SER F 147 -18.58 43.79 3.29
N SER F 148 -19.33 43.54 2.22
CA SER F 148 -19.19 42.27 1.52
C SER F 148 -19.02 42.47 0.02
N TYR F 149 -20.00 43.08 -0.65
CA TYR F 149 -19.90 43.28 -2.10
C TYR F 149 -18.59 43.96 -2.51
N SER F 150 -18.16 44.92 -1.70
CA SER F 150 -16.97 45.71 -2.07
C SER F 150 -15.79 44.77 -2.35
N LEU F 151 -15.79 43.59 -1.71
CA LEU F 151 -14.66 42.66 -1.91
C LEU F 151 -14.66 42.08 -3.33
N THR F 152 -15.85 41.66 -3.78
CA THR F 152 -16.11 41.18 -5.13
C THR F 152 -15.63 42.10 -6.25
N ILE F 153 -16.01 43.37 -6.20
CA ILE F 153 -15.59 44.31 -7.25
C ILE F 153 -14.11 44.69 -7.12
N VAL F 154 -13.62 44.86 -5.90
CA VAL F 154 -12.19 45.02 -5.67
C VAL F 154 -11.34 43.84 -6.21
N ALA F 155 -11.79 42.61 -6.03
CA ALA F 155 -11.06 41.45 -6.60
C ALA F 155 -11.07 41.48 -8.13
N HIS F 156 -12.22 41.79 -8.71
CA HIS F 156 -12.32 41.92 -10.16
C HIS F 156 -11.37 42.96 -10.76
N GLU F 157 -11.30 44.12 -10.13
CA GLU F 157 -10.46 45.19 -10.64
C GLU F 157 -8.99 44.88 -10.29
N ALA F 158 -8.75 44.35 -9.09
CA ALA F 158 -7.37 44.09 -8.67
C ALA F 158 -6.72 43.01 -9.51
N LYS F 159 -7.51 41.99 -9.85
CA LYS F 159 -6.99 40.93 -10.73
C LYS F 159 -6.27 41.42 -11.99
N LYS F 160 -6.83 42.43 -12.66
CA LYS F 160 -6.21 43.02 -13.84
C LYS F 160 -4.75 43.37 -13.59
N LEU F 161 -4.40 43.65 -12.34
CA LEU F 161 -3.03 44.04 -11.98
C LEU F 161 -2.22 42.86 -11.46
N MET F 162 -2.78 41.65 -11.53
CA MET F 162 -2.06 40.49 -11.02
C MET F 162 -2.02 39.34 -12.04
N PRO F 163 -1.46 39.60 -13.22
CA PRO F 163 -1.46 38.61 -14.31
C PRO F 163 -0.71 37.34 -13.98
N GLU F 164 0.30 37.43 -13.10
CA GLU F 164 1.07 36.25 -12.64
C GLU F 164 0.48 35.59 -11.40
N GLY F 165 -0.54 36.20 -10.79
CA GLY F 165 -1.07 35.68 -9.55
C GLY F 165 -0.82 36.67 -8.41
N GLY F 166 -1.44 36.39 -7.28
CA GLY F 166 -1.29 37.26 -6.12
C GLY F 166 -2.17 36.75 -4.99
N SER F 167 -2.41 37.64 -4.02
CA SER F 167 -3.09 37.30 -2.80
C SER F 167 -4.01 38.41 -2.31
N ILE F 168 -5.23 38.05 -1.91
CA ILE F 168 -6.21 39.00 -1.42
C ILE F 168 -6.72 38.58 -0.08
N VAL F 169 -6.75 39.51 0.87
CA VAL F 169 -7.12 39.11 2.23
C VAL F 169 -8.19 40.05 2.75
N ALA F 170 -9.31 39.53 3.25
CA ALA F 170 -10.29 40.37 3.92
C ALA F 170 -10.32 40.19 5.44
N THR F 171 -10.82 41.19 6.12
CA THR F 171 -10.82 41.15 7.56
C THR F 171 -12.21 40.80 8.03
N THR F 172 -12.37 39.74 8.79
CA THR F 172 -13.71 39.38 9.31
C THR F 172 -13.82 39.26 10.83
N TYR F 173 -14.96 38.78 11.36
CA TYR F 173 -15.09 38.68 12.80
C TYR F 173 -16.00 37.50 13.11
N LEU F 174 -15.75 36.88 14.23
CA LEU F 174 -16.43 35.66 14.64
C LEU F 174 -17.94 35.80 14.60
N GLY F 175 -18.47 37.01 14.72
CA GLY F 175 -19.89 37.25 14.54
C GLY F 175 -20.48 36.85 13.19
N GLY F 176 -19.65 36.74 12.14
CA GLY F 176 -19.96 36.00 10.90
C GLY F 176 -20.28 34.51 10.94
N GLU F 177 -19.83 33.85 12.01
CA GLU F 177 -20.00 32.42 12.18
C GLU F 177 -21.01 32.00 13.24
N PHE F 178 -21.37 32.88 14.16
CA PHE F 178 -22.29 32.56 15.26
C PHE F 178 -23.06 33.82 15.57
N ALA F 179 -24.21 33.68 16.23
CA ALA F 179 -24.94 34.86 16.63
C ALA F 179 -24.34 35.36 17.92
N VAL F 180 -23.80 36.57 17.86
CA VAL F 180 -23.10 37.25 18.93
C VAL F 180 -23.98 38.46 19.31
N GLN F 181 -24.01 38.83 20.58
CA GLN F 181 -24.81 39.98 21.04
C GLN F 181 -24.40 41.27 20.32
N ASN F 182 -25.38 42.12 19.95
CA ASN F 182 -25.18 43.46 19.36
C ASN F 182 -24.68 43.56 17.94
N TYR F 183 -23.80 42.65 17.54
CA TYR F 183 -23.16 42.74 16.23
C TYR F 183 -24.15 42.70 15.05
N ASN F 184 -25.31 42.10 15.33
CA ASN F 184 -26.51 42.24 14.52
C ASN F 184 -26.35 42.26 13.00
N VAL F 185 -26.66 43.37 12.33
CA VAL F 185 -26.57 43.48 10.86
C VAL F 185 -25.19 43.13 10.32
N MET F 186 -24.18 43.39 11.14
CA MET F 186 -22.81 43.21 10.68
C MET F 186 -22.43 41.72 10.70
N GLY F 187 -23.07 40.95 11.59
CA GLY F 187 -22.78 39.53 11.65
C GLY F 187 -23.25 38.89 10.35
N VAL F 188 -24.40 39.35 9.88
CA VAL F 188 -24.91 38.86 8.60
C VAL F 188 -24.05 39.40 7.44
N ALA F 189 -23.57 40.66 7.49
CA ALA F 189 -22.58 41.11 6.49
C ALA F 189 -21.29 40.29 6.52
N LYS F 190 -20.74 39.98 7.69
CA LYS F 190 -19.60 39.06 7.75
C LYS F 190 -19.85 37.66 7.23
N ALA F 191 -20.98 37.07 7.55
CA ALA F 191 -21.27 35.73 7.02
C ALA F 191 -21.22 35.74 5.50
N SER F 192 -21.75 36.83 4.93
CA SER F 192 -21.75 37.10 3.51
C SER F 192 -20.34 37.26 2.97
N LEU F 193 -19.52 37.99 3.71
CA LEU F 193 -18.10 38.29 3.31
C LEU F 193 -17.31 36.99 3.26
N GLU F 194 -17.54 36.15 4.28
CA GLU F 194 -16.83 34.90 4.46
C GLU F 194 -17.21 33.93 3.32
N ALA F 195 -18.41 33.99 2.76
CA ALA F 195 -18.79 33.16 1.61
C ALA F 195 -18.18 33.77 0.34
N ASN F 196 -18.10 35.10 0.35
CA ASN F 196 -17.58 35.87 -0.78
C ASN F 196 -16.15 35.41 -1.03
N VAL F 197 -15.37 35.40 0.04
CA VAL F 197 -14.04 34.80 0.10
C VAL F 197 -14.03 33.36 -0.46
N LYS F 198 -14.94 32.47 -0.04
CA LYS F 198 -14.91 31.13 -0.64
C LYS F 198 -15.20 31.13 -2.14
N TYR F 199 -16.20 31.89 -2.56
CA TYR F 199 -16.57 31.93 -3.98
C TYR F 199 -15.51 32.64 -4.80
N LEU F 200 -14.91 33.69 -4.25
CA LEU F 200 -13.76 34.33 -4.97
C LEU F 200 -12.56 33.38 -5.02
N ALA F 201 -12.44 32.47 -4.05
CA ALA F 201 -11.29 31.55 -4.04
C ALA F 201 -11.42 30.51 -5.14
N LEU F 202 -12.64 29.99 -5.30
CA LEU F 202 -12.91 29.05 -6.36
C LEU F 202 -12.76 29.69 -7.74
N ASP F 203 -13.29 30.90 -7.91
CA ASP F 203 -13.31 31.57 -9.21
C ASP F 203 -11.89 31.98 -9.62
N LEU F 204 -11.11 32.51 -8.69
CA LEU F 204 -9.84 33.17 -9.08
C LEU F 204 -8.62 32.23 -8.91
N GLY F 205 -8.85 31.12 -8.20
CA GLY F 205 -7.86 30.06 -8.07
C GLY F 205 -7.10 29.69 -9.35
N PRO F 206 -7.83 29.42 -10.46
CA PRO F 206 -7.11 29.03 -11.70
C PRO F 206 -6.21 30.13 -12.25
N ASP F 207 -6.35 31.35 -11.72
CA ASP F 207 -5.57 32.53 -12.16
C ASP F 207 -4.40 32.75 -11.22
N ASN F 208 -4.28 31.85 -10.26
CA ASN F 208 -3.23 31.89 -9.23
C ASN F 208 -3.33 33.08 -8.28
N ILE F 209 -4.56 33.56 -8.06
CA ILE F 209 -4.88 34.55 -7.04
C ILE F 209 -5.51 33.83 -5.86
N ARG F 210 -4.94 33.91 -4.66
CA ARG F 210 -5.60 33.24 -3.52
C ARG F 210 -6.49 34.23 -2.77
N VAL F 211 -7.56 33.78 -2.10
CA VAL F 211 -8.45 34.70 -1.38
C VAL F 211 -8.74 34.11 -0.03
N ASN F 212 -8.52 34.87 1.05
CA ASN F 212 -8.62 34.35 2.40
C ASN F 212 -9.11 35.45 3.33
N ALA F 213 -9.49 35.07 4.54
CA ALA F 213 -10.01 35.99 5.54
C ALA F 213 -9.16 35.85 6.78
N ILE F 214 -8.92 36.96 7.46
CA ILE F 214 -8.49 36.93 8.88
C ILE F 214 -9.68 37.25 9.80
N SER F 215 -9.99 36.36 10.73
CA SER F 215 -11.05 36.64 11.73
C SER F 215 -10.39 37.22 12.97
N ALA F 216 -10.31 38.55 13.01
CA ALA F 216 -9.64 39.26 14.08
C ALA F 216 -10.48 39.24 15.36
N GLY F 217 -9.79 39.10 16.50
CA GLY F 217 -10.43 39.26 17.82
C GLY F 217 -10.73 40.72 18.03
N PRO F 218 -11.56 41.03 19.05
CA PRO F 218 -11.87 42.46 19.25
C PRO F 218 -10.63 43.36 19.56
N ILE F 219 -10.51 44.46 18.80
CA ILE F 219 -9.44 45.42 18.91
C ILE F 219 -9.98 46.85 18.95
N ARG F 220 -9.49 47.65 19.90
CA ARG F 220 -10.02 48.99 20.11
C ARG F 220 -9.68 49.89 18.90
N THR F 221 -10.65 50.09 18.00
CA THR F 221 -10.48 50.95 16.80
C THR F 221 -11.58 52.00 16.75
N LEU F 222 -11.52 52.95 15.83
CA LEU F 222 -12.65 53.89 15.64
C LEU F 222 -14.02 53.21 15.41
N SER F 223 -14.08 52.23 14.51
CA SER F 223 -15.31 51.53 14.22
C SER F 223 -15.76 50.70 15.42
N ALA F 224 -14.84 50.12 16.17
CA ALA F 224 -15.22 49.41 17.38
C ALA F 224 -15.95 50.31 18.41
N LYS F 225 -15.67 51.62 18.38
CA LYS F 225 -16.34 52.57 19.27
C LYS F 225 -17.82 52.62 19.00
N GLY F 226 -18.27 52.07 17.88
CA GLY F 226 -19.70 52.18 17.57
C GLY F 226 -20.50 50.91 17.77
N VAL F 227 -19.85 49.85 18.27
CA VAL F 227 -20.50 48.57 18.44
C VAL F 227 -20.93 48.38 19.91
N GLY F 228 -22.19 48.04 20.15
CA GLY F 228 -22.65 47.82 21.51
C GLY F 228 -21.88 46.70 22.18
N GLY F 229 -21.58 46.90 23.45
CA GLY F 229 -21.04 45.82 24.26
C GLY F 229 -19.58 45.49 24.03
N PHE F 230 -18.89 46.27 23.18
CA PHE F 230 -17.52 46.00 22.79
C PHE F 230 -16.56 45.87 24.00
N ASN F 231 -16.74 46.71 25.01
CA ASN F 231 -15.97 46.56 26.23
C ASN F 231 -16.21 45.24 26.96
N THR F 232 -17.45 44.79 27.11
CA THR F 232 -17.59 43.61 27.93
C THR F 232 -17.12 42.39 27.16
N ILE F 233 -17.09 42.47 25.83
CA ILE F 233 -16.59 41.38 24.99
C ILE F 233 -15.05 41.31 25.07
N LEU F 234 -14.40 42.47 24.99
CA LEU F 234 -12.94 42.56 25.11
C LEU F 234 -12.47 41.89 26.40
N LYS F 235 -13.21 42.15 27.48
CA LYS F 235 -12.84 41.61 28.78
C LYS F 235 -13.18 40.12 28.88
N GLU F 236 -14.22 39.68 28.18
CA GLU F 236 -14.59 38.25 28.23
C GLU F 236 -13.47 37.39 27.60
N ILE F 237 -12.75 37.98 26.65
CA ILE F 237 -11.62 37.34 25.97
C ILE F 237 -10.45 37.07 26.92
N GLU F 238 -10.02 38.11 27.66
CA GLU F 238 -8.96 37.97 28.63
C GLU F 238 -9.34 36.87 29.61
N GLU F 239 -10.59 36.81 30.02
CA GLU F 239 -11.02 35.87 31.07
C GLU F 239 -11.17 34.42 30.57
N ARG F 240 -11.51 34.24 29.29
CA ARG F 240 -11.90 32.92 28.79
C ARG F 240 -11.14 32.37 27.56
N ALA F 241 -10.56 33.23 26.71
CA ALA F 241 -9.79 32.79 25.52
C ALA F 241 -8.59 31.99 25.98
N PRO F 242 -8.22 30.92 25.26
CA PRO F 242 -7.09 30.09 25.68
C PRO F 242 -5.85 30.90 26.07
N LEU F 243 -5.52 31.97 25.33
CA LEU F 243 -4.34 32.75 25.65
C LEU F 243 -4.52 33.74 26.81
N LYS F 244 -5.77 33.95 27.22
CA LYS F 244 -6.04 34.85 28.35
C LYS F 244 -5.58 36.28 28.10
N ARG F 245 -5.72 36.75 26.88
CA ARG F 245 -5.26 38.10 26.56
C ARG F 245 -5.95 38.51 25.28
N ASN F 246 -5.97 39.80 24.98
CA ASN F 246 -6.51 40.23 23.70
C ASN F 246 -5.41 40.27 22.65
N VAL F 247 -5.81 40.37 21.39
CA VAL F 247 -4.85 40.51 20.29
C VAL F 247 -4.70 41.99 19.92
N ASP F 248 -3.71 42.33 19.10
CA ASP F 248 -3.60 43.67 18.57
C ASP F 248 -3.47 43.72 17.04
N GLN F 249 -3.40 44.93 16.52
CA GLN F 249 -3.38 45.17 15.08
C GLN F 249 -2.12 44.59 14.42
N VAL F 250 -1.01 44.66 15.16
CA VAL F 250 0.25 44.10 14.69
C VAL F 250 0.18 42.58 14.46
N GLU F 251 -0.51 41.87 15.36
CA GLU F 251 -0.64 40.43 15.23
C GLU F 251 -1.44 40.07 13.97
N VAL F 252 -2.50 40.82 13.72
CA VAL F 252 -3.33 40.68 12.53
C VAL F 252 -2.43 40.87 11.33
N GLY F 253 -1.62 41.92 11.43
CA GLY F 253 -0.67 42.21 10.39
C GLY F 253 0.34 41.10 10.15
N LYS F 254 0.84 40.47 11.21
CA LYS F 254 1.73 39.29 11.01
C LYS F 254 1.04 38.13 10.29
N THR F 255 -0.18 37.75 10.69
CA THR F 255 -0.92 36.77 9.90
C THR F 255 -1.22 37.29 8.46
N ALA F 256 -1.48 38.59 8.29
CA ALA F 256 -1.63 39.18 6.94
C ALA F 256 -0.43 38.94 6.03
N ALA F 257 0.76 39.20 6.57
CA ALA F 257 2.01 38.99 5.86
C ALA F 257 2.18 37.52 5.46
N TYR F 258 1.84 36.59 6.37
CA TYR F 258 1.90 35.19 5.99
C TYR F 258 1.02 34.96 4.75
N LEU F 259 -0.21 35.47 4.84
CA LEU F 259 -1.25 35.19 3.84
C LEU F 259 -0.99 35.89 2.51
N LEU F 260 -0.24 36.98 2.57
CA LEU F 260 0.04 37.81 1.39
C LEU F 260 1.35 37.40 0.73
N SER F 261 2.04 36.44 1.32
CA SER F 261 3.35 36.05 0.82
C SER F 261 3.27 34.60 0.35
N ASP F 262 4.34 34.18 -0.33
CA ASP F 262 4.52 32.80 -0.75
C ASP F 262 4.49 31.77 0.41
N LEU F 263 4.65 32.21 1.65
CA LEU F 263 4.63 31.29 2.78
C LEU F 263 3.30 30.55 2.78
N SER F 264 2.26 31.26 2.35
CA SER F 264 0.97 30.59 2.33
C SER F 264 0.57 30.02 0.96
N SER F 265 1.55 29.69 0.12
N SER F 265 1.51 29.67 0.08
CA SER F 265 1.19 28.97 -1.10
CA SER F 265 1.13 29.37 -1.32
C SER F 265 0.45 27.70 -0.70
C SER F 265 0.07 28.26 -1.53
N GLY F 266 -0.65 27.40 -1.38
N GLY F 266 -0.13 27.41 -0.53
CA GLY F 266 -1.47 26.22 -1.06
CA GLY F 266 -1.07 26.29 -0.66
C GLY F 266 -2.74 26.55 -0.31
C GLY F 266 -2.42 26.48 0.03
N VAL F 267 -2.78 27.74 0.28
CA VAL F 267 -3.82 28.12 1.24
C VAL F 267 -4.73 29.12 0.55
N THR F 268 -5.99 28.76 0.38
CA THR F 268 -6.94 29.66 -0.23
C THR F 268 -8.33 29.28 0.22
N GLY F 269 -9.20 30.28 0.29
CA GLY F 269 -10.55 30.01 0.76
C GLY F 269 -10.57 29.77 2.27
N GLU F 270 -9.46 30.12 2.92
CA GLU F 270 -9.35 29.91 4.36
C GLU F 270 -9.71 31.17 5.18
N ASN F 271 -10.11 30.91 6.43
CA ASN F 271 -10.39 31.94 7.44
C ASN F 271 -9.48 31.69 8.67
N ILE F 272 -8.41 32.48 8.82
CA ILE F 272 -7.56 32.29 10.01
C ILE F 272 -8.06 33.19 11.15
N HIS F 273 -8.28 32.57 12.31
CA HIS F 273 -8.69 33.31 13.54
C HIS F 273 -7.46 33.80 14.32
N VAL F 274 -7.20 35.10 14.23
CA VAL F 274 -6.25 35.77 15.10
C VAL F 274 -6.99 36.33 16.33
N ASP F 275 -7.32 35.45 17.26
CA ASP F 275 -8.25 35.82 18.29
C ASP F 275 -7.94 35.14 19.63
N SER F 276 -6.67 34.89 19.92
CA SER F 276 -6.25 34.24 21.15
C SER F 276 -6.93 32.88 21.34
N GLY F 277 -7.49 32.34 20.26
CA GLY F 277 -8.19 31.02 20.28
C GLY F 277 -9.64 30.98 20.74
N PHE F 278 -10.25 32.15 20.91
CA PHE F 278 -11.65 32.28 21.32
C PHE F 278 -12.62 31.52 20.40
N HIS F 279 -12.34 31.51 19.10
CA HIS F 279 -13.16 30.71 18.19
C HIS F 279 -13.28 29.24 18.62
N ALA F 280 -12.25 28.70 19.27
CA ALA F 280 -12.26 27.24 19.42
C ALA F 280 -12.96 26.78 20.67
N ILE F 281 -13.48 27.70 21.49
CA ILE F 281 -13.98 27.27 22.79
C ILE F 281 -15.48 27.56 22.94
N LYS F 282 -16.15 26.80 23.80
CA LYS F 282 -17.45 27.29 24.28
C LYS F 282 -17.52 27.22 25.81
N ASN G 29 12.60 34.33 10.33
CA ASN G 29 13.99 33.92 10.69
C ASN G 29 14.07 33.26 12.05
N LEU G 30 14.60 32.04 12.08
CA LEU G 30 14.47 31.22 13.26
C LEU G 30 15.79 30.81 13.91
N GLU G 31 16.88 31.53 13.64
CA GLU G 31 18.09 31.39 14.43
C GLU G 31 17.73 31.46 15.92
N ASN G 32 18.36 30.65 16.76
CA ASN G 32 18.13 30.71 18.21
C ASN G 32 16.82 30.05 18.61
N LYS G 33 16.11 29.52 17.64
CA LYS G 33 14.96 28.63 17.87
C LYS G 33 15.38 27.14 17.76
N THR G 34 14.73 26.26 18.53
CA THR G 34 14.96 24.81 18.41
C THR G 34 13.59 24.16 18.32
N TYR G 35 13.40 23.24 17.37
CA TYR G 35 12.12 22.52 17.20
C TYR G 35 12.35 21.02 17.11
N VAL G 36 11.43 20.26 17.69
CA VAL G 36 11.48 18.82 17.58
C VAL G 36 10.50 18.42 16.49
N ILE G 37 10.99 17.72 15.48
CA ILE G 37 10.15 17.28 14.39
C ILE G 37 10.05 15.77 14.50
N MET G 38 8.84 15.29 14.79
CA MET G 38 8.55 13.87 14.95
C MET G 38 7.94 13.33 13.66
N GLY G 39 8.51 12.26 13.10
CA GLY G 39 7.75 11.49 12.13
C GLY G 39 8.31 11.55 10.71
N ILE G 40 9.54 12.04 10.54
CA ILE G 40 10.26 11.70 9.31
C ILE G 40 10.51 10.19 9.14
N ALA G 41 10.18 9.65 7.97
CA ALA G 41 10.46 8.24 7.65
C ALA G 41 11.33 8.14 6.42
N ASN G 42 11.12 9.04 5.45
CA ASN G 42 12.04 9.16 4.30
C ASN G 42 12.02 10.56 3.69
N LYS G 43 12.54 10.72 2.48
CA LYS G 43 12.63 12.04 1.86
C LYS G 43 11.27 12.61 1.43
N ARG G 44 10.24 11.76 1.41
CA ARG G 44 8.92 12.12 0.88
C ARG G 44 8.02 12.49 2.06
N SER G 45 8.52 12.23 3.27
CA SER G 45 7.75 12.58 4.49
C SER G 45 7.37 14.06 4.52
N ILE G 46 6.15 14.31 4.94
CA ILE G 46 5.70 15.68 5.16
C ILE G 46 6.63 16.33 6.20
N ALA G 47 6.95 15.60 7.26
CA ALA G 47 7.86 16.13 8.25
C ALA G 47 9.18 16.64 7.63
N PHE G 48 9.64 16.02 6.54
CA PHE G 48 10.89 16.43 5.93
C PHE G 48 10.75 17.74 5.14
N GLY G 49 9.57 18.01 4.60
CA GLY G 49 9.27 19.34 4.07
C GLY G 49 9.36 20.40 5.17
N VAL G 50 8.77 20.12 6.33
CA VAL G 50 8.85 21.01 7.48
C VAL G 50 10.31 21.22 7.86
N ALA G 51 11.09 20.13 7.94
CA ALA G 51 12.53 20.21 8.22
C ALA G 51 13.30 21.12 7.25
N LYS G 52 13.13 20.94 5.94
CA LYS G 52 13.89 21.71 4.95
C LYS G 52 13.59 23.16 5.18
N VAL G 53 12.34 23.46 5.53
CA VAL G 53 11.97 24.88 5.61
C VAL G 53 12.54 25.55 6.87
N LEU G 54 12.42 24.90 8.02
CA LEU G 54 12.96 25.45 9.25
C LEU G 54 14.48 25.55 9.25
N ASP G 55 15.15 24.63 8.54
CA ASP G 55 16.59 24.52 8.47
C ASP G 55 17.11 25.66 7.62
N GLN G 56 16.55 25.81 6.43
CA GLN G 56 16.69 27.02 5.65
C GLN G 56 16.48 28.30 6.45
N LEU G 57 15.55 28.32 7.39
CA LEU G 57 15.34 29.55 8.15
C LEU G 57 16.25 29.62 9.40
N GLY G 58 17.18 28.70 9.55
CA GLY G 58 18.17 28.85 10.60
C GLY G 58 17.85 28.19 11.92
N ALA G 59 16.69 27.53 12.04
CA ALA G 59 16.36 26.79 13.26
C ALA G 59 17.37 25.69 13.57
N LYS G 60 17.53 25.42 14.86
CA LYS G 60 18.18 24.20 15.27
C LYS G 60 17.09 23.14 15.35
N LEU G 61 17.37 21.96 14.82
CA LEU G 61 16.42 20.84 14.76
C LEU G 61 16.84 19.57 15.54
N VAL G 62 15.84 18.79 15.92
CA VAL G 62 15.96 17.59 16.74
C VAL G 62 14.91 16.68 16.10
N PHE G 63 15.24 15.43 15.82
CA PHE G 63 14.39 14.53 15.03
C PHE G 63 14.08 13.32 15.88
N THR G 64 12.82 12.86 15.85
CA THR G 64 12.49 11.63 16.55
C THR G 64 11.88 10.60 15.57
N TYR G 65 12.19 9.31 15.75
CA TYR G 65 11.79 8.30 14.76
C TYR G 65 11.31 7.05 15.48
N ARG G 66 10.60 6.17 14.79
CA ARG G 66 10.30 4.86 15.37
C ARG G 66 11.18 3.71 14.80
N LYS G 67 11.15 3.45 13.51
CA LYS G 67 11.83 2.28 12.93
C LYS G 67 13.31 2.58 12.77
N GLU G 68 14.18 1.59 12.94
N GLU G 68 14.14 1.56 13.00
CA GLU G 68 15.60 1.91 12.72
CA GLU G 68 15.56 1.64 12.65
C GLU G 68 15.88 2.31 11.26
C GLU G 68 15.73 2.39 11.34
N ARG G 69 15.04 1.90 10.32
CA ARG G 69 15.16 2.39 8.94
C ARG G 69 14.92 3.90 8.85
N SER G 70 13.99 4.41 9.64
CA SER G 70 13.78 5.86 9.66
C SER G 70 15.06 6.60 10.10
N ARG G 71 15.72 6.06 11.13
CA ARG G 71 16.95 6.70 11.58
C ARG G 71 17.96 6.75 10.45
N LYS G 72 18.10 5.67 9.67
CA LYS G 72 19.03 5.63 8.52
C LYS G 72 18.66 6.62 7.44
N GLU G 73 17.36 6.76 7.18
CA GLU G 73 16.94 7.80 6.26
C GLU G 73 17.30 9.19 6.80
N LEU G 74 17.05 9.40 8.09
CA LEU G 74 17.44 10.65 8.77
C LEU G 74 18.94 10.96 8.64
N GLU G 75 19.80 9.99 8.96
CA GLU G 75 21.25 10.23 8.87
C GLU G 75 21.68 10.73 7.51
N LYS G 76 21.12 10.14 6.46
CA LYS G 76 21.43 10.46 5.07
C LYS G 76 20.78 11.77 4.65
N LEU G 77 19.55 12.01 5.10
CA LEU G 77 18.84 13.25 4.78
C LEU G 77 19.50 14.47 5.42
N LEU G 78 20.07 14.27 6.61
CA LEU G 78 20.78 15.35 7.29
C LEU G 78 21.91 16.00 6.50
N GLU G 79 22.51 15.27 5.57
CA GLU G 79 23.58 15.77 4.70
C GLU G 79 23.17 16.91 3.77
N GLN G 80 21.87 16.99 3.45
CA GLN G 80 21.28 18.13 2.70
C GLN G 80 20.86 19.31 3.59
N LEU G 81 20.93 19.15 4.90
CA LEU G 81 20.54 20.22 5.81
C LEU G 81 21.80 20.94 6.31
N ASN G 82 21.64 22.19 6.72
CA ASN G 82 22.71 22.94 7.36
C ASN G 82 22.74 22.62 8.85
N GLN G 83 22.21 21.47 9.27
CA GLN G 83 22.27 21.21 10.70
C GLN G 83 23.66 20.71 11.04
N PRO G 84 24.39 21.43 11.91
CA PRO G 84 25.78 21.05 12.11
C PRO G 84 25.89 19.76 12.94
N GLU G 85 24.88 19.45 13.75
CA GLU G 85 24.86 18.12 14.37
C GLU G 85 23.53 17.40 14.39
N ALA G 86 23.62 16.07 14.39
CA ALA G 86 22.48 15.18 14.32
C ALA G 86 21.90 14.95 15.72
N HIS G 87 20.67 15.37 15.95
CA HIS G 87 20.04 15.15 17.24
C HIS G 87 18.87 14.20 16.97
N LEU G 88 19.10 12.90 17.11
CA LEU G 88 18.10 11.87 16.72
C LEU G 88 17.70 11.02 17.91
N TYR G 89 16.40 10.81 18.10
CA TYR G 89 15.89 10.14 19.30
C TYR G 89 14.84 9.13 18.90
N GLN G 90 14.99 7.89 19.35
CA GLN G 90 13.98 6.89 19.03
C GLN G 90 12.84 7.12 19.97
N ILE G 91 11.66 7.50 19.46
CA ILE G 91 10.47 7.54 20.30
C ILE G 91 9.29 6.83 19.63
N ASP G 92 8.80 5.75 20.23
CA ASP G 92 7.60 5.09 19.74
C ASP G 92 6.50 5.63 20.65
N VAL G 93 5.60 6.44 20.10
CA VAL G 93 4.63 7.18 20.86
C VAL G 93 3.53 6.26 21.45
N GLN G 94 3.58 4.97 21.11
CA GLN G 94 2.77 3.99 21.86
C GLN G 94 3.27 3.78 23.28
N SER G 95 4.50 4.20 23.55
CA SER G 95 5.11 3.90 24.84
C SER G 95 5.20 5.16 25.68
N ASP G 96 4.57 5.16 26.85
CA ASP G 96 4.74 6.29 27.79
C ASP G 96 6.20 6.55 28.18
N GLU G 97 6.92 5.54 28.66
CA GLU G 97 8.33 5.75 29.05
CA GLU G 97 8.35 5.62 28.97
C GLU G 97 9.15 6.34 27.89
N GLU G 98 8.92 5.94 26.64
CA GLU G 98 9.75 6.36 25.53
C GLU G 98 9.56 7.85 25.24
N VAL G 99 8.29 8.29 25.25
CA VAL G 99 7.96 9.71 25.16
C VAL G 99 8.53 10.48 26.36
N ILE G 100 8.27 9.99 27.57
CA ILE G 100 8.77 10.67 28.76
C ILE G 100 10.31 10.79 28.76
N ASN G 101 11.02 9.67 28.61
CA ASN G 101 12.49 9.65 28.54
C ASN G 101 13.08 10.31 27.30
N GLY G 102 12.47 10.12 26.15
CA GLY G 102 12.81 10.89 24.95
C GLY G 102 12.91 12.38 25.15
N PHE G 103 11.82 13.01 25.60
CA PHE G 103 11.86 14.48 25.78
C PHE G 103 12.83 14.94 26.88
N GLU G 104 12.92 14.15 27.95
CA GLU G 104 13.83 14.48 29.04
C GLU G 104 15.28 14.48 28.56
N GLN G 105 15.58 13.52 27.69
CA GLN G 105 16.88 13.40 27.09
C GLN G 105 17.15 14.58 26.15
N ILE G 106 16.14 14.97 25.37
CA ILE G 106 16.23 16.14 24.48
C ILE G 106 16.58 17.41 25.27
N GLY G 107 15.86 17.62 26.37
CA GLY G 107 16.11 18.72 27.31
C GLY G 107 17.55 18.76 27.82
N LYS G 108 18.10 17.60 28.19
CA LYS G 108 19.52 17.54 28.59
C LYS G 108 20.52 17.69 27.45
N ASP G 109 20.14 17.31 26.22
CA ASP G 109 21.08 17.44 25.11
C ASP G 109 21.09 18.84 24.52
N VAL G 110 19.92 19.44 24.29
CA VAL G 110 19.82 20.72 23.58
C VAL G 110 19.21 21.84 24.44
N GLY G 111 18.70 21.51 25.62
CA GLY G 111 18.10 22.52 26.50
C GLY G 111 16.69 22.85 26.05
N ASN G 112 16.17 24.00 26.46
CA ASN G 112 14.76 24.33 26.16
C ASN G 112 14.38 24.47 24.68
N ILE G 113 13.15 24.08 24.34
CA ILE G 113 12.76 24.05 22.94
C ILE G 113 11.73 25.13 22.63
N ASP G 114 11.54 25.44 21.37
CA ASP G 114 10.50 26.42 21.02
C ASP G 114 9.20 25.79 20.53
N GLY G 115 9.24 24.55 20.06
CA GLY G 115 8.00 23.92 19.58
C GLY G 115 8.22 22.49 19.12
N VAL G 116 7.12 21.81 18.80
CA VAL G 116 7.18 20.46 18.25
C VAL G 116 6.31 20.42 16.99
N TYR G 117 6.78 19.75 15.94
CA TYR G 117 5.97 19.48 14.77
C TYR G 117 5.62 18.00 14.85
N HIS G 118 4.35 17.66 15.03
CA HIS G 118 3.95 16.26 15.17
C HIS G 118 3.40 15.77 13.81
N SER G 119 4.02 14.75 13.22
CA SER G 119 3.70 14.29 11.87
C SER G 119 3.66 12.79 11.99
N ILE G 120 2.73 12.30 12.86
CA ILE G 120 2.67 10.87 13.20
C ILE G 120 1.26 10.34 13.19
N ALA G 121 1.02 9.22 12.51
CA ALA G 121 -0.29 8.52 12.48
C ALA G 121 -0.10 7.07 12.10
N PHE G 122 -1.06 6.19 12.36
CA PHE G 122 -0.91 4.86 11.84
C PHE G 122 -2.27 4.15 11.90
N ALA G 123 -2.64 3.45 10.84
CA ALA G 123 -3.73 2.46 10.96
C ALA G 123 -3.34 1.20 10.22
N ASN G 124 -3.96 0.06 10.53
CA ASN G 124 -3.82 -1.13 9.70
C ASN G 124 -4.37 -0.92 8.30
N MET G 125 -3.72 -1.45 7.27
CA MET G 125 -4.29 -1.49 5.91
C MET G 125 -5.76 -1.91 5.74
N GLU G 126 -6.19 -2.95 6.41
CA GLU G 126 -7.60 -3.35 6.33
C GLU G 126 -8.60 -2.21 6.70
N ASP G 127 -8.14 -1.17 7.40
CA ASP G 127 -9.03 -0.18 7.97
C ASP G 127 -8.85 1.14 7.19
N LEU G 128 -8.12 1.05 6.08
CA LEU G 128 -8.03 2.17 5.15
C LEU G 128 -8.72 1.82 3.82
N ARG G 129 -9.73 0.96 3.83
CA ARG G 129 -10.37 0.61 2.56
C ARG G 129 -11.65 -0.13 2.93
N GLY G 130 -12.56 -0.40 1.99
CA GLY G 130 -13.72 -1.26 2.30
C GLY G 130 -14.72 -0.61 3.25
N ARG G 131 -15.36 -1.39 4.13
CA ARG G 131 -16.51 -0.86 4.87
C ARG G 131 -16.11 -0.38 6.27
N PHE G 132 -16.38 0.87 6.60
CA PHE G 132 -16.06 1.40 7.95
C PHE G 132 -16.73 0.58 9.05
N SER G 133 -17.96 0.12 8.82
CA SER G 133 -18.73 -0.52 9.89
C SER G 133 -18.13 -1.85 10.32
N GLU G 134 -17.14 -2.33 9.57
CA GLU G 134 -16.47 -3.60 9.83
C GLU G 134 -15.21 -3.46 10.69
N THR G 135 -14.80 -2.22 10.96
CA THR G 135 -13.63 -1.93 11.79
C THR G 135 -13.68 -2.67 13.12
N SER G 136 -12.56 -3.36 13.39
CA SER G 136 -12.38 -4.11 14.61
C SER G 136 -12.08 -3.16 15.76
N ARG G 137 -12.50 -3.51 16.97
CA ARG G 137 -12.13 -2.69 18.14
C ARG G 137 -10.63 -2.33 18.22
N GLU G 138 -9.78 -3.31 17.89
CA GLU G 138 -8.34 -3.22 18.08
C GLU G 138 -7.74 -2.33 16.97
N GLY G 139 -8.26 -2.42 15.75
CA GLY G 139 -7.90 -1.46 14.69
C GLY G 139 -8.32 -0.04 15.00
N PHE G 140 -9.50 0.11 15.62
CA PHE G 140 -9.99 1.43 16.05
C PHE G 140 -9.11 2.10 17.10
N LEU G 141 -8.80 1.34 18.16
CA LEU G 141 -8.00 1.88 19.27
C LEU G 141 -6.55 2.15 18.87
N LEU G 142 -5.98 1.31 18.00
CA LEU G 142 -4.62 1.47 17.51
C LEU G 142 -4.49 2.83 16.81
N ALA G 143 -5.41 3.10 15.89
CA ALA G 143 -5.42 4.39 15.19
C ALA G 143 -5.56 5.60 16.12
N GLN G 144 -6.43 5.46 17.14
CA GLN G 144 -6.59 6.52 18.15
C GLN G 144 -5.30 6.77 18.95
N ASP G 145 -4.73 5.67 19.44
CA ASP G 145 -3.57 5.67 20.32
C ASP G 145 -2.42 6.44 19.65
N ILE G 146 -2.00 6.02 18.46
CA ILE G 146 -0.84 6.56 17.75
C ILE G 146 -1.12 7.89 17.10
N SER G 147 -2.34 8.06 16.58
CA SER G 147 -2.71 9.24 15.80
C SER G 147 -3.33 10.40 16.54
N SER G 148 -3.82 10.17 17.75
CA SER G 148 -4.43 11.26 18.51
C SER G 148 -3.86 11.31 19.93
N TYR G 149 -4.01 10.25 20.69
CA TYR G 149 -3.36 10.23 22.01
C TYR G 149 -1.91 10.73 22.02
N SER G 150 -1.05 10.21 21.15
CA SER G 150 0.33 10.66 21.07
C SER G 150 0.51 12.18 21.17
N LEU G 151 -0.42 12.97 20.61
CA LEU G 151 -0.31 14.42 20.70
C LEU G 151 -0.41 14.90 22.14
N THR G 152 -1.40 14.39 22.87
CA THR G 152 -1.60 14.75 24.28
C THR G 152 -0.35 14.48 25.13
N ILE G 153 0.20 13.26 25.11
CA ILE G 153 1.35 12.96 25.97
C ILE G 153 2.60 13.69 25.45
N VAL G 154 2.77 13.81 24.14
CA VAL G 154 3.87 14.62 23.64
C VAL G 154 3.76 16.08 24.13
N ALA G 155 2.58 16.69 24.05
CA ALA G 155 2.40 18.05 24.56
C ALA G 155 2.75 18.13 26.05
N HIS G 156 2.19 17.21 26.83
CA HIS G 156 2.49 17.17 28.26
C HIS G 156 3.98 17.13 28.60
N GLU G 157 4.73 16.26 27.93
CA GLU G 157 6.17 16.13 28.15
C GLU G 157 6.94 17.30 27.55
N ALA G 158 6.57 17.70 26.34
CA ALA G 158 7.26 18.79 25.65
C ALA G 158 7.14 20.15 26.37
N LYS G 159 6.03 20.32 27.11
CA LYS G 159 5.77 21.55 27.89
C LYS G 159 6.79 21.78 29.02
N LYS G 160 7.35 20.68 29.55
CA LYS G 160 8.43 20.75 30.54
C LYS G 160 9.64 21.53 30.00
N LEU G 161 9.80 21.52 28.68
CA LEU G 161 10.90 22.16 27.98
C LEU G 161 10.54 23.52 27.38
N MET G 162 9.35 24.04 27.70
CA MET G 162 8.96 25.34 27.14
C MET G 162 8.47 26.25 28.26
N PRO G 163 9.32 26.47 29.28
CA PRO G 163 8.90 27.25 30.45
C PRO G 163 8.41 28.64 30.02
N GLU G 164 8.89 29.12 28.88
CA GLU G 164 8.62 30.47 28.44
C GLU G 164 7.53 30.56 27.37
N GLY G 165 6.95 29.42 26.98
CA GLY G 165 6.03 29.35 25.85
C GLY G 165 6.62 28.67 24.63
N GLY G 166 5.79 28.38 23.62
CA GLY G 166 6.26 27.84 22.35
C GLY G 166 5.04 27.43 21.55
N SER G 167 5.21 26.55 20.56
CA SER G 167 4.16 26.24 19.58
C SER G 167 4.12 24.75 19.20
N ILE G 168 2.98 24.08 19.22
CA ILE G 168 2.92 22.66 18.85
C ILE G 168 1.99 22.47 17.65
N VAL G 169 2.43 21.78 16.59
CA VAL G 169 1.62 21.72 15.38
C VAL G 169 1.45 20.25 15.06
N ALA G 170 0.23 19.84 14.75
CA ALA G 170 0.00 18.45 14.36
C ALA G 170 -0.50 18.42 12.89
N THR G 171 -0.38 17.27 12.25
CA THR G 171 -0.78 17.14 10.86
C THR G 171 -2.11 16.41 10.76
N THR G 172 -3.12 17.04 10.16
CA THR G 172 -4.39 16.33 9.93
C THR G 172 -4.81 16.26 8.46
N TYR G 173 -6.03 15.78 8.26
CA TYR G 173 -6.60 15.64 6.92
C TYR G 173 -8.11 15.80 6.99
N LEU G 174 -8.57 16.51 5.95
CA LEU G 174 -9.97 16.74 5.64
C LEU G 174 -10.87 15.58 6.07
N GLY G 175 -10.41 14.33 5.95
CA GLY G 175 -11.18 13.16 6.40
C GLY G 175 -11.60 13.19 7.88
N GLY G 176 -10.89 13.98 8.69
CA GLY G 176 -11.34 14.31 10.04
C GLY G 176 -12.57 15.20 10.14
N GLU G 177 -12.91 15.92 9.07
CA GLU G 177 -14.06 16.81 9.09
C GLU G 177 -15.31 16.32 8.31
N PHE G 178 -15.18 15.33 7.44
CA PHE G 178 -16.21 14.86 6.53
C PHE G 178 -15.87 13.42 6.28
N ALA G 179 -16.89 12.58 6.04
CA ALA G 179 -16.75 11.17 5.73
C ALA G 179 -16.26 11.12 4.31
N VAL G 180 -15.02 10.69 4.16
CA VAL G 180 -14.34 10.57 2.88
C VAL G 180 -14.22 9.06 2.57
N GLN G 181 -14.27 8.67 1.29
CA GLN G 181 -14.21 7.26 0.91
C GLN G 181 -12.89 6.68 1.42
N ASN G 182 -12.90 5.46 1.96
CA ASN G 182 -11.71 4.64 2.34
C ASN G 182 -10.93 5.06 3.58
N TYR G 183 -10.96 6.35 3.89
CA TYR G 183 -10.10 6.92 4.95
C TYR G 183 -10.57 6.34 6.28
N ASN G 184 -11.86 6.04 6.35
CA ASN G 184 -12.38 5.15 7.39
C ASN G 184 -11.84 5.37 8.81
N VAL G 185 -11.10 4.41 9.36
CA VAL G 185 -10.72 4.42 10.77
C VAL G 185 -9.87 5.65 11.10
N MET G 186 -9.10 6.12 10.11
CA MET G 186 -8.27 7.29 10.24
C MET G 186 -9.08 8.59 10.23
N GLY G 187 -10.14 8.69 9.41
CA GLY G 187 -10.96 9.88 9.52
C GLY G 187 -11.44 10.13 10.97
N VAL G 188 -11.93 9.07 11.63
CA VAL G 188 -12.37 9.18 13.02
C VAL G 188 -11.19 9.46 13.95
N ALA G 189 -10.02 8.90 13.64
CA ALA G 189 -8.89 9.27 14.47
C ALA G 189 -8.45 10.72 14.20
N LYS G 190 -8.72 11.27 13.03
CA LYS G 190 -8.35 12.67 12.78
C LYS G 190 -9.34 13.64 13.42
N ALA G 191 -10.61 13.21 13.51
CA ALA G 191 -11.61 14.06 14.15
C ALA G 191 -11.17 14.24 15.62
N SER G 192 -10.76 13.11 16.19
CA SER G 192 -10.27 13.02 17.55
C SER G 192 -9.00 13.88 17.74
N LEU G 193 -8.06 13.73 16.82
CA LEU G 193 -6.89 14.62 16.77
C LEU G 193 -7.25 16.11 16.72
N GLU G 194 -8.26 16.43 15.93
CA GLU G 194 -8.47 17.84 15.69
C GLU G 194 -9.07 18.44 16.97
N ALA G 195 -9.91 17.68 17.69
CA ALA G 195 -10.46 18.09 18.99
C ALA G 195 -9.37 18.17 20.06
N ASN G 196 -8.45 17.20 20.04
CA ASN G 196 -7.32 17.12 20.94
C ASN G 196 -6.55 18.42 20.83
N VAL G 197 -6.31 18.87 19.60
CA VAL G 197 -5.73 20.20 19.39
C VAL G 197 -6.48 21.35 20.09
N LYS G 198 -7.80 21.37 19.98
CA LYS G 198 -8.57 22.45 20.59
C LYS G 198 -8.49 22.40 22.11
N TYR G 199 -8.63 21.19 22.68
CA TYR G 199 -8.51 20.99 24.12
C TYR G 199 -7.08 21.26 24.63
N LEU G 200 -6.04 20.90 23.88
CA LEU G 200 -4.67 21.29 24.27
C LEU G 200 -4.44 22.80 24.29
N ALA G 201 -5.05 23.46 23.30
CA ALA G 201 -5.01 24.93 23.15
C ALA G 201 -5.60 25.69 24.34
N LEU G 202 -6.77 25.26 24.80
CA LEU G 202 -7.44 25.87 25.95
C LEU G 202 -6.60 25.60 27.18
N ASP G 203 -6.11 24.36 27.29
CA ASP G 203 -5.38 23.94 28.52
C ASP G 203 -4.01 24.61 28.63
N LEU G 204 -3.31 24.73 27.49
CA LEU G 204 -1.90 25.17 27.52
C LEU G 204 -1.68 26.63 27.14
N GLY G 205 -2.75 27.28 26.66
CA GLY G 205 -2.76 28.74 26.37
C GLY G 205 -2.23 29.60 27.49
N PRO G 206 -2.76 29.41 28.72
CA PRO G 206 -2.29 30.28 29.78
C PRO G 206 -0.80 30.10 30.04
N ASP G 207 -0.19 29.01 29.57
CA ASP G 207 1.26 28.82 29.66
C ASP G 207 2.02 29.40 28.48
N ASN G 208 1.29 30.05 27.57
CA ASN G 208 1.85 30.61 26.35
C ASN G 208 2.28 29.54 25.35
N ILE G 209 1.67 28.37 25.42
CA ILE G 209 1.94 27.39 24.37
C ILE G 209 0.80 27.32 23.38
N ARG G 210 1.10 27.56 22.11
CA ARG G 210 0.02 27.52 21.12
C ARG G 210 -0.07 26.12 20.54
N VAL G 211 -1.29 25.67 20.21
CA VAL G 211 -1.43 24.36 19.58
C VAL G 211 -2.35 24.55 18.39
N ASN G 212 -1.96 24.01 17.24
CA ASN G 212 -2.70 24.17 15.99
C ASN G 212 -2.41 22.96 15.12
N ALA G 213 -3.15 22.87 14.03
CA ALA G 213 -3.07 21.76 13.12
C ALA G 213 -2.95 22.33 11.73
N ILE G 214 -2.21 21.61 10.89
CA ILE G 214 -2.31 21.80 9.45
C ILE G 214 -3.07 20.63 8.80
N SER G 215 -4.07 20.96 7.99
CA SER G 215 -4.83 19.94 7.26
C SER G 215 -4.20 19.86 5.89
N ALA G 216 -3.30 18.91 5.64
CA ALA G 216 -2.66 18.84 4.32
C ALA G 216 -3.52 18.12 3.27
N GLY G 217 -3.46 18.65 2.05
CA GLY G 217 -3.93 17.95 0.85
C GLY G 217 -3.20 16.64 0.70
N PRO G 218 -3.76 15.69 -0.09
CA PRO G 218 -3.10 14.40 -0.42
C PRO G 218 -1.69 14.64 -1.03
N ILE G 219 -0.64 14.04 -0.43
CA ILE G 219 0.75 14.13 -0.90
C ILE G 219 1.31 12.73 -0.99
N ARG G 220 2.05 12.39 -2.06
CA ARG G 220 2.56 11.03 -2.19
C ARG G 220 3.63 10.78 -1.15
N THR G 221 3.28 10.00 -0.13
CA THR G 221 4.22 9.63 0.92
C THR G 221 4.17 8.15 1.11
N LEU G 222 5.10 7.61 1.90
CA LEU G 222 5.08 6.19 2.28
C LEU G 222 3.72 5.72 2.82
N SER G 223 3.19 6.39 3.83
CA SER G 223 1.87 6.08 4.40
C SER G 223 0.69 6.20 3.43
N ALA G 224 0.67 7.22 2.58
CA ALA G 224 -0.31 7.36 1.49
C ALA G 224 -0.48 6.10 0.66
N LYS G 225 0.57 5.31 0.50
CA LYS G 225 0.54 4.14 -0.40
C LYS G 225 -0.35 3.04 0.17
N GLY G 226 -0.63 3.14 1.47
CA GLY G 226 -1.52 2.18 2.13
C GLY G 226 -2.98 2.58 2.15
N VAL G 227 -3.31 3.80 1.69
CA VAL G 227 -4.68 4.29 1.73
C VAL G 227 -5.49 4.00 0.45
N GLY G 228 -6.62 3.30 0.56
CA GLY G 228 -7.46 3.06 -0.62
C GLY G 228 -7.91 4.31 -1.36
N GLY G 229 -7.98 4.24 -2.68
CA GLY G 229 -8.44 5.34 -3.52
C GLY G 229 -7.53 6.57 -3.57
N PHE G 230 -6.32 6.47 -3.04
CA PHE G 230 -5.50 7.67 -2.91
C PHE G 230 -5.22 8.36 -4.25
N ASN G 231 -4.82 7.60 -5.27
CA ASN G 231 -4.53 8.17 -6.58
C ASN G 231 -5.69 8.94 -7.17
N THR G 232 -6.89 8.36 -7.03
CA THR G 232 -8.07 8.98 -7.61
C THR G 232 -8.42 10.29 -6.90
N ILE G 233 -8.03 10.43 -5.63
CA ILE G 233 -8.22 11.67 -4.87
C ILE G 233 -7.21 12.78 -5.30
N LEU G 234 -5.98 12.38 -5.48
CA LEU G 234 -4.96 13.34 -5.94
C LEU G 234 -5.42 13.95 -7.25
N LYS G 235 -5.95 13.11 -8.13
CA LYS G 235 -6.38 13.58 -9.44
C LYS G 235 -7.60 14.47 -9.34
N GLU G 236 -8.51 14.10 -8.44
CA GLU G 236 -9.67 14.96 -8.13
C GLU G 236 -9.32 16.40 -7.70
N ILE G 237 -8.38 16.56 -6.79
CA ILE G 237 -7.95 17.88 -6.32
C ILE G 237 -7.53 18.74 -7.51
N GLU G 238 -6.78 18.11 -8.42
CA GLU G 238 -6.19 18.78 -9.57
C GLU G 238 -7.31 19.25 -10.49
N GLU G 239 -8.35 18.45 -10.62
CA GLU G 239 -9.50 18.84 -11.45
C GLU G 239 -10.42 19.86 -10.76
N ARG G 240 -10.67 19.72 -9.46
CA ARG G 240 -11.77 20.41 -8.78
C ARG G 240 -11.35 21.52 -7.79
N ALA G 241 -10.22 21.37 -7.12
CA ALA G 241 -9.77 22.33 -6.11
C ALA G 241 -9.59 23.69 -6.79
N PRO G 242 -9.80 24.80 -6.06
CA PRO G 242 -9.62 26.11 -6.63
C PRO G 242 -8.27 26.33 -7.37
N LEU G 243 -7.15 25.88 -6.80
CA LEU G 243 -5.87 26.20 -7.43
C LEU G 243 -5.53 25.24 -8.59
N LYS G 244 -6.34 24.19 -8.72
CA LYS G 244 -6.24 23.25 -9.84
C LYS G 244 -4.89 22.52 -9.92
N ARG G 245 -4.34 22.17 -8.76
CA ARG G 245 -3.03 21.56 -8.63
C ARG G 245 -2.98 20.91 -7.23
N ASN G 246 -2.14 19.90 -7.08
CA ASN G 246 -1.78 19.41 -5.74
C ASN G 246 -0.76 20.25 -4.97
N VAL G 247 -0.72 20.01 -3.67
CA VAL G 247 0.27 20.71 -2.84
C VAL G 247 1.46 19.77 -2.65
N ASP G 248 2.57 20.28 -2.11
CA ASP G 248 3.62 19.41 -1.64
C ASP G 248 4.06 19.66 -0.19
N GLN G 249 5.07 18.88 0.18
CA GLN G 249 5.60 18.81 1.54
C GLN G 249 6.20 20.15 1.97
N VAL G 250 6.94 20.78 1.06
CA VAL G 250 7.50 22.13 1.29
C VAL G 250 6.42 23.20 1.55
N GLU G 251 5.29 23.11 0.86
CA GLU G 251 4.21 24.01 1.17
C GLU G 251 3.66 23.71 2.57
N VAL G 252 3.65 22.45 3.03
CA VAL G 252 3.19 22.21 4.40
C VAL G 252 4.19 22.85 5.33
N GLY G 253 5.45 22.61 5.04
CA GLY G 253 6.57 23.27 5.73
C GLY G 253 6.56 24.78 5.83
N LYS G 254 6.14 25.47 4.78
CA LYS G 254 6.10 26.94 4.83
C LYS G 254 5.02 27.41 5.81
N THR G 255 3.86 26.75 5.81
CA THR G 255 2.81 27.03 6.79
C THR G 255 3.19 26.61 8.24
N ALA G 256 3.90 25.50 8.39
CA ALA G 256 4.51 25.09 9.67
C ALA G 256 5.50 26.10 10.27
N ALA G 257 6.31 26.72 9.41
CA ALA G 257 7.15 27.82 9.80
C ALA G 257 6.38 29.02 10.38
N TYR G 258 5.31 29.41 9.69
CA TYR G 258 4.39 30.44 10.16
C TYR G 258 3.83 30.04 11.52
N LEU G 259 3.20 28.88 11.59
CA LEU G 259 2.60 28.42 12.83
C LEU G 259 3.63 28.31 13.96
N LEU G 260 4.89 27.96 13.63
CA LEU G 260 5.87 27.68 14.66
C LEU G 260 6.62 28.96 15.06
N SER G 261 6.38 30.05 14.35
CA SER G 261 7.06 31.29 14.65
C SER G 261 6.14 32.30 15.33
N ASP G 262 6.75 33.43 15.68
CA ASP G 262 6.03 34.58 16.22
C ASP G 262 5.11 35.24 15.20
N LEU G 263 5.15 34.84 13.93
CA LEU G 263 4.19 35.36 12.97
C LEU G 263 2.76 34.96 13.35
N SER G 264 2.60 33.89 14.09
CA SER G 264 1.26 33.44 14.41
C SER G 264 0.95 33.61 15.86
N SER G 265 1.53 34.61 16.52
N SER G 265 1.64 34.55 16.51
CA SER G 265 1.36 34.75 17.98
CA SER G 265 1.19 35.01 17.82
C SER G 265 -0.07 34.76 18.52
C SER G 265 -0.24 35.46 17.64
N GLY G 266 -0.99 35.28 17.71
N GLY G 266 -1.12 35.02 18.55
CA GLY G 266 -2.39 35.42 18.13
CA GLY G 266 -2.53 35.30 18.43
C GLY G 266 -3.28 34.24 17.79
C GLY G 266 -3.34 34.09 18.00
N VAL G 267 -2.67 33.13 17.35
CA VAL G 267 -3.36 32.07 16.57
C VAL G 267 -3.15 30.78 17.33
N THR G 268 -4.21 30.24 17.93
CA THR G 268 -4.12 28.94 18.62
C THR G 268 -5.46 28.24 18.47
N GLY G 269 -5.47 26.91 18.53
CA GLY G 269 -6.70 26.12 18.40
C GLY G 269 -7.22 26.09 16.96
N GLU G 270 -6.39 26.54 16.01
CA GLU G 270 -6.76 26.70 14.60
C GLU G 270 -6.38 25.44 13.76
N ASN G 271 -7.00 25.29 12.60
CA ASN G 271 -6.74 24.21 11.65
C ASN G 271 -6.65 24.91 10.27
N ILE G 272 -5.42 25.16 9.80
CA ILE G 272 -5.15 25.76 8.47
C ILE G 272 -5.08 24.69 7.37
N HIS G 273 -5.89 24.85 6.33
CA HIS G 273 -5.94 23.84 5.29
C HIS G 273 -4.95 24.23 4.21
N VAL G 274 -3.89 23.45 4.05
CA VAL G 274 -2.92 23.59 2.96
C VAL G 274 -3.18 22.55 1.85
N ASP G 275 -4.16 22.87 1.01
CA ASP G 275 -4.91 21.85 0.29
C ASP G 275 -5.54 22.41 -0.97
N SER G 276 -4.99 23.51 -1.44
CA SER G 276 -5.38 24.06 -2.72
C SER G 276 -6.78 24.68 -2.71
N GLY G 277 -7.37 24.89 -1.53
CA GLY G 277 -8.75 25.40 -1.49
C GLY G 277 -9.81 24.33 -1.32
N PHE G 278 -9.44 23.05 -1.40
CA PHE G 278 -10.41 21.97 -1.63
C PHE G 278 -11.39 21.92 -0.47
N HIS G 279 -10.93 22.25 0.73
CA HIS G 279 -11.82 22.26 1.92
C HIS G 279 -13.02 23.20 1.70
N ALA G 280 -12.88 24.26 0.92
CA ALA G 280 -13.91 25.30 0.90
C ALA G 280 -15.00 25.06 -0.14
N ILE G 281 -14.84 24.04 -0.97
CA ILE G 281 -15.79 23.82 -2.06
C ILE G 281 -16.61 22.52 -1.90
N LYS G 282 -17.61 22.39 -2.73
CA LYS G 282 -18.42 21.19 -2.76
C LYS G 282 -19.01 21.11 -4.18
N ASN H 29 -46.76 8.52 14.41
CA ASN H 29 -47.21 7.17 14.87
C ASN H 29 -46.20 6.02 14.68
N LEU H 30 -45.74 5.45 15.79
CA LEU H 30 -44.73 4.40 15.68
C LEU H 30 -45.25 3.00 16.02
N GLU H 31 -46.56 2.79 15.95
CA GLU H 31 -47.15 1.47 16.12
C GLU H 31 -46.49 0.54 15.13
N ASN H 32 -46.15 -0.67 15.55
CA ASN H 32 -45.51 -1.62 14.64
C ASN H 32 -44.06 -1.30 14.31
N LYS H 33 -43.48 -0.31 14.98
CA LYS H 33 -42.02 -0.13 14.98
C LYS H 33 -41.38 -0.81 16.18
N THR H 34 -40.13 -1.23 16.00
CA THR H 34 -39.37 -1.76 17.14
C THR H 34 -38.04 -1.09 17.26
N TYR H 35 -37.74 -0.56 18.44
CA TYR H 35 -36.46 0.12 18.66
C TYR H 35 -35.72 -0.45 19.85
N VAL H 36 -34.39 -0.43 19.76
CA VAL H 36 -33.48 -0.84 20.81
C VAL H 36 -32.93 0.45 21.42
N ILE H 37 -33.20 0.60 22.70
CA ILE H 37 -32.68 1.74 23.46
C ILE H 37 -31.63 1.27 24.45
N MET H 38 -30.44 1.82 24.26
CA MET H 38 -29.21 1.42 24.94
C MET H 38 -28.78 2.55 25.87
N GLY H 39 -28.82 2.29 27.18
CA GLY H 39 -28.13 3.14 28.13
C GLY H 39 -29.04 3.87 29.09
N ILE H 40 -30.19 3.29 29.43
CA ILE H 40 -30.91 3.69 30.63
C ILE H 40 -30.22 3.24 31.93
N ALA H 41 -30.00 4.15 32.87
CA ALA H 41 -29.53 3.75 34.20
C ALA H 41 -30.60 3.97 35.26
N ASN H 42 -31.31 5.10 35.17
CA ASN H 42 -32.38 5.42 36.12
C ASN H 42 -33.42 6.32 35.46
N LYS H 43 -34.35 6.83 36.27
CA LYS H 43 -35.39 7.70 35.73
C LYS H 43 -34.87 8.99 35.06
N ARG H 44 -33.66 9.43 35.38
CA ARG H 44 -33.13 10.67 34.79
C ARG H 44 -32.32 10.46 33.50
N SER H 45 -32.04 9.20 33.19
CA SER H 45 -31.24 8.96 32.01
C SER H 45 -31.91 9.63 30.82
N ILE H 46 -31.13 10.36 30.04
CA ILE H 46 -31.62 10.76 28.72
C ILE H 46 -32.38 9.66 27.93
N ALA H 47 -31.86 8.43 27.91
CA ALA H 47 -32.48 7.35 27.16
C ALA H 47 -33.88 6.98 27.69
N PHE H 48 -34.16 7.34 28.93
CA PHE H 48 -35.50 7.10 29.47
C PHE H 48 -36.53 8.13 28.98
N GLY H 49 -36.08 9.37 28.80
CA GLY H 49 -36.85 10.38 28.10
C GLY H 49 -37.11 9.92 26.67
N VAL H 50 -36.07 9.39 26.01
CA VAL H 50 -36.29 8.78 24.72
C VAL H 50 -37.36 7.67 24.82
N ALA H 51 -37.27 6.80 25.83
CA ALA H 51 -38.26 5.71 25.96
C ALA H 51 -39.72 6.14 26.15
N LYS H 52 -39.98 7.09 27.05
CA LYS H 52 -41.34 7.62 27.20
C LYS H 52 -41.89 8.19 25.89
N VAL H 53 -41.09 8.94 25.14
CA VAL H 53 -41.60 9.45 23.87
C VAL H 53 -41.98 8.33 22.86
N LEU H 54 -41.05 7.40 22.60
CA LEU H 54 -41.33 6.26 21.73
C LEU H 54 -42.43 5.36 22.27
N ASP H 55 -42.71 5.38 23.57
CA ASP H 55 -43.67 4.39 24.11
C ASP H 55 -45.06 4.98 24.03
N GLN H 56 -45.17 6.26 24.39
CA GLN H 56 -46.32 7.08 24.05
C GLN H 56 -46.72 6.99 22.59
N LEU H 57 -45.72 6.98 21.70
CA LEU H 57 -45.95 7.04 20.26
C LEU H 57 -46.32 5.67 19.68
N GLY H 58 -46.38 4.67 20.55
CA GLY H 58 -46.88 3.34 20.19
C GLY H 58 -45.80 2.31 19.84
N ALA H 59 -44.52 2.69 19.87
CA ALA H 59 -43.42 1.79 19.49
C ALA H 59 -43.27 0.60 20.45
N LYS H 60 -42.90 -0.56 19.93
CA LYS H 60 -42.43 -1.62 20.81
C LYS H 60 -40.96 -1.34 21.17
N LEU H 61 -40.58 -1.49 22.44
CA LEU H 61 -39.19 -1.20 22.81
C LEU H 61 -38.44 -2.42 23.38
N VAL H 62 -37.13 -2.42 23.16
CA VAL H 62 -36.20 -3.38 23.74
C VAL H 62 -35.13 -2.57 24.41
N PHE H 63 -34.75 -3.00 25.62
CA PHE H 63 -33.79 -2.23 26.42
C PHE H 63 -32.44 -2.93 26.65
N THR H 64 -31.34 -2.20 26.64
CA THR H 64 -30.07 -2.84 26.96
C THR H 64 -29.39 -2.05 28.08
N TYR H 65 -28.70 -2.81 28.94
CA TYR H 65 -28.09 -2.29 30.14
C TYR H 65 -26.73 -2.98 30.37
N ARG H 66 -25.88 -2.34 31.19
CA ARG H 66 -24.65 -2.96 31.66
C ARG H 66 -24.71 -3.52 33.10
N LYS H 67 -24.94 -2.66 34.09
CA LYS H 67 -24.94 -3.13 35.47
C LYS H 67 -26.24 -3.91 35.77
N GLU H 68 -26.15 -4.96 36.57
CA GLU H 68 -27.36 -5.64 37.06
C GLU H 68 -28.37 -4.68 37.71
N ARG H 69 -27.88 -3.67 38.43
CA ARG H 69 -28.74 -2.63 39.00
C ARG H 69 -29.50 -1.75 37.96
N SER H 70 -28.96 -1.52 36.77
CA SER H 70 -29.78 -0.88 35.74
C SER H 70 -30.92 -1.78 35.24
N ARG H 71 -30.70 -3.10 35.22
CA ARG H 71 -31.77 -4.04 34.90
C ARG H 71 -32.94 -3.89 35.87
N LYS H 72 -32.66 -3.86 37.17
CA LYS H 72 -33.73 -3.72 38.21
C LYS H 72 -34.51 -2.40 38.14
N GLU H 73 -33.76 -1.31 38.20
CA GLU H 73 -34.13 -0.01 37.63
C GLU H 73 -35.07 -0.14 36.42
N LEU H 74 -34.59 -0.69 35.31
CA LEU H 74 -35.43 -0.84 34.11
C LEU H 74 -36.73 -1.55 34.47
N GLU H 75 -36.60 -2.63 35.23
CA GLU H 75 -37.78 -3.38 35.60
C GLU H 75 -38.81 -2.52 36.33
N LYS H 76 -38.43 -1.72 37.33
CA LYS H 76 -39.34 -0.73 37.95
C LYS H 76 -39.85 0.33 36.97
N LEU H 77 -38.96 0.94 36.18
CA LEU H 77 -39.35 2.03 35.28
C LEU H 77 -40.37 1.60 34.21
N LEU H 78 -40.29 0.36 33.73
CA LEU H 78 -41.17 -0.11 32.65
C LEU H 78 -42.65 -0.21 33.05
N GLU H 79 -42.93 -0.02 34.34
CA GLU H 79 -44.31 -0.02 34.85
C GLU H 79 -45.06 1.27 34.52
N GLN H 80 -44.28 2.32 34.34
CA GLN H 80 -44.74 3.62 33.86
C GLN H 80 -45.06 3.62 32.38
N LEU H 81 -44.43 2.72 31.63
CA LEU H 81 -44.59 2.63 30.19
C LEU H 81 -45.74 1.70 29.81
N ASN H 82 -46.15 1.76 28.55
CA ASN H 82 -47.13 0.83 28.01
C ASN H 82 -46.50 -0.39 27.38
N GLN H 83 -45.34 -0.85 27.81
CA GLN H 83 -44.78 -2.04 27.18
C GLN H 83 -45.50 -3.23 27.83
N PRO H 84 -46.13 -4.07 27.02
CA PRO H 84 -46.84 -5.23 27.53
C PRO H 84 -45.88 -6.37 27.83
N GLU H 85 -44.63 -6.29 27.36
CA GLU H 85 -43.59 -7.19 27.90
C GLU H 85 -42.26 -6.50 27.97
N ALA H 86 -41.45 -6.97 28.90
CA ALA H 86 -40.13 -6.45 29.18
C ALA H 86 -39.14 -7.28 28.40
N HIS H 87 -38.43 -6.58 27.52
CA HIS H 87 -37.39 -7.21 26.72
C HIS H 87 -36.08 -6.52 27.11
N LEU H 88 -35.32 -7.11 28.03
CA LEU H 88 -34.14 -6.51 28.66
C LEU H 88 -32.90 -7.37 28.42
N TYR H 89 -31.82 -6.78 27.89
CA TYR H 89 -30.64 -7.54 27.51
C TYR H 89 -29.39 -6.88 28.07
N GLN H 90 -28.52 -7.66 28.71
CA GLN H 90 -27.25 -7.13 29.18
C GLN H 90 -26.22 -6.96 28.03
N ILE H 91 -25.80 -5.74 27.79
CA ILE H 91 -24.78 -5.54 26.76
C ILE H 91 -23.78 -4.52 27.31
N ASP H 92 -22.64 -5.02 27.78
CA ASP H 92 -21.53 -4.11 28.02
C ASP H 92 -20.85 -3.92 26.68
N VAL H 93 -20.83 -2.68 26.17
CA VAL H 93 -20.22 -2.38 24.87
C VAL H 93 -18.69 -2.49 24.76
N GLN H 94 -18.03 -2.77 25.88
CA GLN H 94 -16.61 -3.15 25.82
C GLN H 94 -16.38 -4.57 25.34
N SER H 95 -17.42 -5.42 25.38
CA SER H 95 -17.28 -6.78 24.95
C SER H 95 -17.96 -6.99 23.59
N ASP H 96 -17.21 -7.33 22.55
CA ASP H 96 -17.80 -7.72 21.27
C ASP H 96 -18.78 -8.89 21.36
N GLU H 97 -18.37 -9.95 22.03
CA GLU H 97 -19.27 -11.06 22.27
C GLU H 97 -20.64 -10.64 22.78
N GLU H 98 -20.65 -9.73 23.75
CA GLU H 98 -21.92 -9.26 24.32
C GLU H 98 -22.76 -8.43 23.33
N VAL H 99 -22.09 -7.54 22.58
CA VAL H 99 -22.77 -6.77 21.54
C VAL H 99 -23.32 -7.75 20.49
N ILE H 100 -22.48 -8.67 20.01
CA ILE H 100 -22.84 -9.66 18.98
C ILE H 100 -23.91 -10.62 19.50
N ASN H 101 -23.69 -11.21 20.67
CA ASN H 101 -24.72 -12.14 21.20
C ASN H 101 -26.01 -11.47 21.65
N GLY H 102 -25.91 -10.32 22.32
CA GLY H 102 -27.04 -9.46 22.66
C GLY H 102 -27.92 -9.09 21.47
N PHE H 103 -27.34 -8.65 20.34
CA PHE H 103 -28.24 -8.40 19.19
C PHE H 103 -28.81 -9.66 18.54
N GLU H 104 -28.08 -10.76 18.63
CA GLU H 104 -28.55 -11.95 18.02
C GLU H 104 -29.78 -12.45 18.81
N GLN H 105 -29.73 -12.37 20.14
CA GLN H 105 -30.87 -12.82 20.95
C GLN H 105 -32.09 -11.96 20.62
N ILE H 106 -31.85 -10.67 20.38
CA ILE H 106 -32.93 -9.70 20.17
C ILE H 106 -33.69 -10.04 18.88
N GLY H 107 -32.95 -10.32 17.80
CA GLY H 107 -33.47 -10.90 16.57
C GLY H 107 -34.38 -12.10 16.78
N LYS H 108 -33.96 -13.03 17.61
CA LYS H 108 -34.67 -14.26 17.85
C LYS H 108 -35.87 -14.07 18.77
N ASP H 109 -35.79 -13.09 19.68
CA ASP H 109 -36.86 -12.90 20.66
C ASP H 109 -37.95 -12.02 20.05
N VAL H 110 -37.57 -11.13 19.15
CA VAL H 110 -38.39 -9.97 18.86
C VAL H 110 -38.45 -9.69 17.34
N GLY H 111 -37.47 -10.15 16.57
CA GLY H 111 -37.58 -10.09 15.11
C GLY H 111 -36.77 -8.91 14.59
N ASN H 112 -37.03 -8.46 13.37
CA ASN H 112 -36.31 -7.29 12.84
C ASN H 112 -36.67 -6.02 13.59
N ILE H 113 -35.69 -5.12 13.73
CA ILE H 113 -35.93 -3.84 14.41
C ILE H 113 -35.93 -2.69 13.41
N ASP H 114 -36.44 -1.52 13.81
CA ASP H 114 -36.41 -0.36 12.91
C ASP H 114 -35.35 0.67 13.25
N GLY H 115 -34.82 0.61 14.46
CA GLY H 115 -33.62 1.41 14.72
C GLY H 115 -33.06 1.18 16.10
N VAL H 116 -31.99 1.93 16.39
CA VAL H 116 -31.29 1.90 17.66
C VAL H 116 -31.09 3.32 18.17
N TYR H 117 -31.42 3.53 19.44
CA TYR H 117 -31.01 4.76 20.12
C TYR H 117 -29.82 4.44 21.03
N HIS H 118 -28.67 5.04 20.70
CA HIS H 118 -27.45 4.86 21.47
C HIS H 118 -27.30 6.02 22.46
N SER H 119 -27.43 5.68 23.75
CA SER H 119 -27.17 6.65 24.81
C SER H 119 -26.11 6.18 25.82
N ILE H 120 -24.91 5.84 25.34
CA ILE H 120 -23.84 5.27 26.19
C ILE H 120 -22.54 6.10 26.16
N ALA H 121 -21.98 6.40 27.33
CA ALA H 121 -20.63 7.01 27.37
C ALA H 121 -19.94 6.73 28.70
N PHE H 122 -18.62 6.86 28.73
CA PHE H 122 -17.92 6.68 30.00
C PHE H 122 -16.53 7.28 29.98
N ALA H 123 -16.13 7.85 31.11
CA ALA H 123 -14.78 8.33 31.28
C ALA H 123 -14.50 8.25 32.76
N ASN H 124 -13.23 8.11 33.16
CA ASN H 124 -12.95 8.14 34.61
C ASN H 124 -13.13 9.54 35.15
N MET H 125 -13.72 9.65 36.34
CA MET H 125 -13.99 10.97 36.89
C MET H 125 -12.78 11.89 36.93
N GLU H 126 -11.59 11.35 37.16
CA GLU H 126 -10.43 12.20 37.25
C GLU H 126 -10.11 12.88 35.91
N ASP H 127 -10.65 12.34 34.80
CA ASP H 127 -10.35 12.88 33.50
C ASP H 127 -11.45 13.88 33.10
N LEU H 128 -12.35 14.25 34.04
CA LEU H 128 -13.53 15.06 33.68
C LEU H 128 -13.51 16.37 34.45
N ARG H 129 -12.29 16.79 34.78
CA ARG H 129 -11.98 17.97 35.58
C ARG H 129 -10.47 18.20 35.38
N GLY H 130 -9.92 19.28 35.88
CA GLY H 130 -8.46 19.41 35.88
C GLY H 130 -7.90 19.72 34.51
N ARG H 131 -6.61 19.46 34.30
CA ARG H 131 -5.94 19.80 33.04
C ARG H 131 -6.01 18.64 32.03
N PHE H 132 -6.53 18.90 30.84
CA PHE H 132 -6.63 17.85 29.83
C PHE H 132 -5.28 17.25 29.42
N SER H 133 -4.27 18.11 29.36
CA SER H 133 -2.91 17.68 29.03
C SER H 133 -2.42 16.55 29.93
N GLU H 134 -3.05 16.38 31.08
CA GLU H 134 -2.66 15.33 32.01
C GLU H 134 -3.36 13.99 31.81
N THR H 135 -4.25 13.88 30.82
CA THR H 135 -4.97 12.63 30.67
C THR H 135 -4.04 11.43 30.43
N SER H 136 -4.28 10.29 31.08
CA SER H 136 -3.49 9.09 30.86
C SER H 136 -3.92 8.38 29.56
N ARG H 137 -3.06 7.56 28.98
CA ARG H 137 -3.34 6.80 27.77
C ARG H 137 -4.56 5.91 28.04
N GLU H 138 -4.57 5.29 29.22
CA GLU H 138 -5.60 4.30 29.53
C GLU H 138 -6.99 4.98 29.63
N GLY H 139 -7.07 6.07 30.40
CA GLY H 139 -8.32 6.81 30.52
C GLY H 139 -8.81 7.41 29.22
N PHE H 140 -7.89 7.85 28.37
CA PHE H 140 -8.25 8.33 27.04
C PHE H 140 -8.82 7.25 26.09
N LEU H 141 -8.10 6.14 25.97
CA LEU H 141 -8.57 5.04 25.14
C LEU H 141 -9.84 4.39 25.73
N LEU H 142 -10.05 4.46 27.04
CA LEU H 142 -11.31 3.91 27.64
C LEU H 142 -12.52 4.72 27.17
N ALA H 143 -12.32 6.03 27.11
CA ALA H 143 -13.40 6.92 26.70
C ALA H 143 -13.76 6.72 25.22
N GLN H 144 -12.77 6.70 24.32
CA GLN H 144 -12.93 6.26 22.92
C GLN H 144 -13.69 4.94 22.78
N ASP H 145 -13.22 3.96 23.54
CA ASP H 145 -13.81 2.65 23.55
C ASP H 145 -15.32 2.67 23.79
N ILE H 146 -15.73 3.14 24.97
CA ILE H 146 -17.13 3.03 25.40
C ILE H 146 -17.98 4.09 24.69
N SER H 147 -17.39 5.24 24.40
CA SER H 147 -18.18 6.40 23.93
C SER H 147 -18.18 6.60 22.42
N SER H 148 -17.25 5.98 21.71
CA SER H 148 -17.24 6.11 20.28
C SER H 148 -17.23 4.78 19.52
N TYR H 149 -16.19 3.96 19.74
CA TYR H 149 -16.12 2.70 19.03
C TYR H 149 -17.39 1.84 19.28
N SER H 150 -18.00 1.99 20.43
CA SER H 150 -19.16 1.15 20.69
C SER H 150 -20.26 1.38 19.63
N LEU H 151 -20.33 2.60 19.05
CA LEU H 151 -21.41 2.86 18.11
C LEU H 151 -21.17 2.03 16.85
N THR H 152 -19.90 1.85 16.50
CA THR H 152 -19.51 1.14 15.26
C THR H 152 -19.86 -0.34 15.26
N ILE H 153 -19.47 -1.04 16.31
CA ILE H 153 -19.87 -2.44 16.50
C ILE H 153 -21.39 -2.54 16.61
N VAL H 154 -21.99 -1.65 17.41
CA VAL H 154 -23.46 -1.72 17.56
C VAL H 154 -24.16 -1.59 16.19
N ALA H 155 -23.71 -0.62 15.39
CA ALA H 155 -24.18 -0.41 14.02
C ALA H 155 -24.04 -1.66 13.17
N HIS H 156 -22.87 -2.28 13.25
CA HIS H 156 -22.61 -3.51 12.49
C HIS H 156 -23.53 -4.68 12.88
N GLU H 157 -23.78 -4.87 14.18
CA GLU H 157 -24.64 -6.00 14.61
C GLU H 157 -26.13 -5.73 14.35
N ALA H 158 -26.55 -4.49 14.65
CA ALA H 158 -27.91 -3.98 14.43
C ALA H 158 -28.30 -4.02 12.95
N LYS H 159 -27.39 -3.67 12.06
CA LYS H 159 -27.68 -3.73 10.63
C LYS H 159 -28.23 -5.09 10.23
N LYS H 160 -27.77 -6.14 10.89
CA LYS H 160 -28.25 -7.49 10.67
C LYS H 160 -29.75 -7.65 10.90
N LEU H 161 -30.36 -6.78 11.71
CA LEU H 161 -31.80 -6.85 11.99
C LEU H 161 -32.61 -5.79 11.23
N MET H 162 -31.92 -5.10 10.31
CA MET H 162 -32.59 -4.06 9.52
C MET H 162 -32.47 -4.34 8.03
N PRO H 163 -32.86 -5.55 7.58
CA PRO H 163 -32.77 -5.86 6.15
C PRO H 163 -33.48 -4.84 5.23
N GLU H 164 -34.52 -4.15 5.70
CA GLU H 164 -35.11 -3.09 4.87
C GLU H 164 -34.65 -1.68 5.15
N GLY H 165 -33.68 -1.51 6.04
CA GLY H 165 -33.28 -0.16 6.42
C GLY H 165 -33.77 0.20 7.81
N GLY H 166 -33.49 1.41 8.28
CA GLY H 166 -33.74 1.72 9.69
C GLY H 166 -32.98 2.95 10.12
N SER H 167 -32.99 3.24 11.41
CA SER H 167 -32.36 4.49 11.80
C SER H 167 -31.50 4.32 13.06
N ILE H 168 -30.30 4.92 13.07
CA ILE H 168 -29.43 4.87 14.26
C ILE H 168 -29.07 6.25 14.80
N VAL H 169 -29.38 6.47 16.07
CA VAL H 169 -29.13 7.78 16.66
C VAL H 169 -28.17 7.64 17.82
N ALA H 170 -27.08 8.41 17.86
CA ALA H 170 -26.26 8.54 19.08
C ALA H 170 -26.46 9.88 19.81
N THR H 171 -25.99 9.97 21.06
CA THR H 171 -26.11 11.18 21.87
C THR H 171 -24.74 11.82 22.07
N THR H 172 -24.56 13.05 21.57
CA THR H 172 -23.28 13.74 21.73
C THR H 172 -23.50 15.06 22.52
N TYR H 173 -22.46 15.87 22.60
CA TYR H 173 -22.49 17.10 23.39
C TYR H 173 -21.56 18.10 22.68
N LEU H 174 -21.90 19.38 22.79
CA LEU H 174 -21.17 20.49 22.15
C LEU H 174 -19.70 20.46 22.43
N GLY H 175 -19.32 19.88 23.57
CA GLY H 175 -17.90 19.58 23.79
C GLY H 175 -17.18 18.71 22.77
N GLY H 176 -17.87 18.08 21.83
CA GLY H 176 -17.18 17.40 20.67
C GLY H 176 -16.80 18.33 19.53
N GLU H 177 -17.42 19.53 19.53
CA GLU H 177 -17.20 20.55 18.50
C GLU H 177 -16.32 21.69 18.97
N PHE H 178 -16.31 21.93 20.28
CA PHE H 178 -15.49 22.95 20.86
C PHE H 178 -14.82 22.48 22.12
N ALA H 179 -13.71 23.13 22.41
CA ALA H 179 -13.10 22.94 23.72
C ALA H 179 -13.86 23.74 24.77
N VAL H 180 -14.24 22.99 25.79
CA VAL H 180 -15.12 23.41 26.85
C VAL H 180 -14.42 22.94 28.16
N GLN H 181 -14.34 23.81 29.17
CA GLN H 181 -13.73 23.52 30.45
C GLN H 181 -14.13 22.12 30.97
N ASN H 182 -13.16 21.34 31.46
CA ASN H 182 -13.46 20.12 32.21
C ASN H 182 -13.91 18.89 31.42
N TYR H 183 -14.66 19.12 30.34
CA TYR H 183 -15.23 17.98 29.64
C TYR H 183 -14.12 17.11 29.09
N ASN H 184 -13.02 17.77 28.76
CA ASN H 184 -11.73 17.12 28.60
C ASN H 184 -11.72 15.85 27.75
N VAL H 185 -11.48 14.71 28.40
CA VAL H 185 -11.29 13.45 27.66
C VAL H 185 -12.57 13.10 26.89
N MET H 186 -13.71 13.55 27.41
CA MET H 186 -14.96 13.20 26.75
C MET H 186 -15.22 14.10 25.52
N GLY H 187 -14.64 15.30 25.50
CA GLY H 187 -14.78 16.13 24.32
C GLY H 187 -14.08 15.53 23.10
N VAL H 188 -12.92 14.92 23.32
CA VAL H 188 -12.26 14.17 22.26
C VAL H 188 -13.03 12.86 21.91
N ALA H 189 -13.56 12.10 22.88
CA ALA H 189 -14.42 10.97 22.53
C ALA H 189 -15.64 11.41 21.71
N LYS H 190 -16.31 12.47 22.13
CA LYS H 190 -17.41 13.07 21.37
C LYS H 190 -17.05 13.48 19.98
N ALA H 191 -15.94 14.20 19.80
CA ALA H 191 -15.54 14.54 18.46
C ALA H 191 -15.40 13.28 17.59
N SER H 192 -14.80 12.24 18.19
CA SER H 192 -14.59 10.96 17.54
C SER H 192 -15.96 10.32 17.22
N LEU H 193 -16.90 10.42 18.16
CA LEU H 193 -18.24 9.84 17.91
C LEU H 193 -18.99 10.56 16.76
N GLU H 194 -18.92 11.89 16.75
CA GLU H 194 -19.56 12.70 15.70
C GLU H 194 -18.99 12.36 14.31
N ALA H 195 -17.68 12.08 14.24
CA ALA H 195 -17.09 11.51 13.02
C ALA H 195 -17.56 10.09 12.72
N ASN H 196 -17.57 9.24 13.76
CA ASN H 196 -18.11 7.90 13.65
C ASN H 196 -19.46 7.92 12.95
N VAL H 197 -20.33 8.82 13.41
CA VAL H 197 -21.65 9.06 12.82
C VAL H 197 -21.61 9.35 11.33
N LYS H 198 -20.71 10.25 10.90
CA LYS H 198 -20.57 10.63 9.51
C LYS H 198 -20.15 9.42 8.67
N TYR H 199 -19.13 8.67 9.12
CA TYR H 199 -18.59 7.55 8.32
C TYR H 199 -19.63 6.42 8.34
N LEU H 200 -20.32 6.22 9.45
CA LEU H 200 -21.32 5.15 9.40
C LEU H 200 -22.41 5.55 8.43
N ALA H 201 -22.78 6.85 8.40
CA ALA H 201 -23.81 7.29 7.45
C ALA H 201 -23.49 6.99 5.99
N LEU H 202 -22.25 7.30 5.58
CA LEU H 202 -21.78 7.02 4.23
C LEU H 202 -21.74 5.52 3.94
N ASP H 203 -21.26 4.74 4.90
CA ASP H 203 -21.11 3.28 4.78
C ASP H 203 -22.50 2.64 4.65
N LEU H 204 -23.48 3.14 5.40
CA LEU H 204 -24.72 2.36 5.59
C LEU H 204 -25.92 2.91 4.81
N GLY H 205 -25.72 4.10 4.23
CA GLY H 205 -26.71 4.79 3.43
C GLY H 205 -27.19 3.92 2.28
N PRO H 206 -26.28 3.21 1.60
CA PRO H 206 -26.82 2.35 0.53
C PRO H 206 -27.63 1.18 1.08
N ASP H 207 -27.54 0.90 2.36
CA ASP H 207 -28.44 -0.12 2.90
C ASP H 207 -29.73 0.49 3.44
N ASN H 208 -30.00 1.76 3.10
CA ASN H 208 -31.09 2.55 3.70
C ASN H 208 -31.05 2.61 5.24
N ILE H 209 -29.88 2.72 5.84
CA ILE H 209 -29.80 2.90 7.28
C ILE H 209 -29.18 4.29 7.47
N ARG H 210 -29.95 5.15 8.14
CA ARG H 210 -29.55 6.53 8.42
C ARG H 210 -28.87 6.54 9.77
N VAL H 211 -27.78 7.31 9.86
CA VAL H 211 -27.12 7.43 11.15
C VAL H 211 -26.96 8.89 11.50
N ASN H 212 -27.52 9.25 12.65
CA ASN H 212 -27.44 10.67 13.09
C ASN H 212 -27.11 10.89 14.56
N ALA H 213 -26.83 12.14 14.93
CA ALA H 213 -26.58 12.45 16.33
C ALA H 213 -27.54 13.51 16.90
N ILE H 214 -27.85 13.37 18.19
CA ILE H 214 -28.45 14.49 18.89
C ILE H 214 -27.42 15.08 19.83
N SER H 215 -27.15 16.37 19.68
CA SER H 215 -26.26 17.14 20.59
C SER H 215 -27.10 17.75 21.70
N ALA H 216 -27.27 17.04 22.82
CA ALA H 216 -28.11 17.54 23.93
C ALA H 216 -27.37 18.63 24.69
N GLY H 217 -28.09 19.68 25.11
CA GLY H 217 -27.59 20.56 26.15
C GLY H 217 -27.49 19.87 27.49
N PRO H 218 -26.86 20.56 28.46
CA PRO H 218 -26.59 19.93 29.77
C PRO H 218 -27.89 19.61 30.50
N ILE H 219 -27.96 18.43 31.12
CA ILE H 219 -29.13 17.84 31.75
C ILE H 219 -28.67 17.03 32.96
N ARG H 220 -29.32 17.27 34.09
CA ARG H 220 -29.05 16.59 35.34
C ARG H 220 -29.32 15.08 35.30
N THR H 221 -28.27 14.31 35.01
CA THR H 221 -28.29 12.85 35.00
C THR H 221 -27.26 12.28 35.97
N LEU H 222 -27.25 10.96 36.15
CA LEU H 222 -26.21 10.29 36.94
C LEU H 222 -24.78 10.59 36.45
N SER H 223 -24.53 10.47 35.16
CA SER H 223 -23.21 10.78 34.60
C SER H 223 -22.84 12.25 34.71
N ALA H 224 -23.81 13.14 34.51
CA ALA H 224 -23.53 14.55 34.62
C ALA H 224 -22.92 14.96 35.95
N LYS H 225 -23.16 14.20 37.02
CA LYS H 225 -22.60 14.47 38.34
C LYS H 225 -21.08 14.29 38.34
N GLY H 226 -20.59 13.38 37.52
CA GLY H 226 -19.15 13.18 37.34
C GLY H 226 -18.35 14.29 36.66
N VAL H 227 -18.98 15.23 35.95
CA VAL H 227 -18.27 16.24 35.15
C VAL H 227 -17.96 17.52 35.95
N GLY H 228 -16.70 17.91 36.05
CA GLY H 228 -16.34 19.22 36.56
C GLY H 228 -17.16 20.39 36.01
N GLY H 229 -17.60 21.24 36.93
CA GLY H 229 -18.36 22.46 36.63
C GLY H 229 -19.72 22.33 35.94
N PHE H 230 -20.37 21.16 36.06
CA PHE H 230 -21.64 20.92 35.38
C PHE H 230 -22.68 22.00 35.69
N ASN H 231 -22.82 22.26 36.98
CA ASN H 231 -23.73 23.24 37.49
C ASN H 231 -23.49 24.66 37.00
N THR H 232 -22.25 25.10 37.06
CA THR H 232 -21.89 26.34 36.42
C THR H 232 -22.38 26.41 34.97
N ILE H 233 -22.35 25.31 34.23
CA ILE H 233 -22.75 25.32 32.83
C ILE H 233 -24.28 25.36 32.62
N LEU H 234 -25.00 24.59 33.44
CA LEU H 234 -26.47 24.55 33.42
C LEU H 234 -27.01 25.96 33.54
N LYS H 235 -26.42 26.71 34.48
CA LYS H 235 -26.88 28.04 34.81
C LYS H 235 -26.49 29.02 33.69
N GLU H 236 -25.36 28.75 33.04
CA GLU H 236 -24.96 29.68 31.99
C GLU H 236 -25.83 29.47 30.74
N ILE H 237 -26.25 28.25 30.47
CA ILE H 237 -27.17 28.05 29.38
C ILE H 237 -28.44 28.87 29.58
N GLU H 238 -29.00 28.81 30.79
CA GLU H 238 -30.18 29.56 31.20
C GLU H 238 -30.07 31.07 30.97
N GLU H 239 -28.91 31.62 31.30
CA GLU H 239 -28.66 33.03 31.07
C GLU H 239 -28.40 33.42 29.62
N ARG H 240 -27.82 32.53 28.82
CA ARG H 240 -27.21 32.95 27.55
C ARG H 240 -27.79 32.34 26.28
N ALA H 241 -28.35 31.12 26.39
CA ALA H 241 -28.93 30.44 25.24
C ALA H 241 -30.12 31.26 24.73
N PRO H 242 -30.32 31.32 23.40
CA PRO H 242 -31.48 31.94 22.75
C PRO H 242 -32.83 31.71 23.48
N LEU H 243 -33.08 30.49 23.94
CA LEU H 243 -34.37 30.21 24.60
C LEU H 243 -34.36 30.48 26.11
N LYS H 244 -33.20 30.81 26.67
CA LYS H 244 -33.08 31.26 28.05
C LYS H 244 -33.62 30.22 29.00
N ARG H 245 -33.37 28.93 28.71
CA ARG H 245 -33.82 27.85 29.61
C ARG H 245 -33.03 26.59 29.26
N ASN H 246 -33.04 25.60 30.14
CA ASN H 246 -32.34 24.35 29.85
C ASN H 246 -33.29 23.42 29.16
N VAL H 247 -32.78 22.37 28.51
CA VAL H 247 -33.66 21.39 27.83
C VAL H 247 -33.93 20.21 28.77
N ASP H 248 -34.92 19.37 28.47
CA ASP H 248 -34.96 18.12 29.23
C ASP H 248 -34.94 16.85 28.38
N GLN H 249 -35.16 15.71 29.04
CA GLN H 249 -34.87 14.41 28.49
C GLN H 249 -35.92 14.10 27.43
N VAL H 250 -37.10 14.65 27.67
CA VAL H 250 -38.27 14.46 26.79
C VAL H 250 -38.06 15.28 25.50
N GLU H 251 -37.45 16.45 25.64
CA GLU H 251 -37.12 17.21 24.45
C GLU H 251 -36.16 16.44 23.57
N VAL H 252 -35.15 15.82 24.18
CA VAL H 252 -34.30 14.90 23.42
C VAL H 252 -35.09 13.78 22.77
N GLY H 253 -36.00 13.16 23.54
CA GLY H 253 -36.73 12.01 23.04
C GLY H 253 -37.58 12.42 21.87
N LYS H 254 -38.08 13.68 21.88
CA LYS H 254 -38.93 14.15 20.77
C LYS H 254 -38.18 14.32 19.47
N THR H 255 -36.98 14.91 19.54
CA THR H 255 -36.07 14.85 18.41
C THR H 255 -35.61 13.42 18.05
N ALA H 256 -35.50 12.52 19.03
CA ALA H 256 -35.15 11.15 18.72
C ALA H 256 -36.28 10.49 17.92
N ALA H 257 -37.51 10.70 18.35
CA ALA H 257 -38.68 10.24 17.57
C ALA H 257 -38.64 10.73 16.12
N TYR H 258 -38.31 12.00 15.92
CA TYR H 258 -38.27 12.53 14.56
C TYR H 258 -37.18 11.76 13.79
N LEU H 259 -36.01 11.64 14.41
CA LEU H 259 -34.86 10.99 13.75
C LEU H 259 -35.02 9.48 13.50
N LEU H 260 -35.77 8.82 14.38
CA LEU H 260 -36.02 7.39 14.31
C LEU H 260 -37.18 6.98 13.39
N SER H 261 -37.97 7.96 12.99
CA SER H 261 -39.15 7.73 12.16
C SER H 261 -38.89 8.14 10.70
N ASP H 262 -39.87 7.86 9.86
CA ASP H 262 -39.79 8.25 8.46
C ASP H 262 -39.95 9.78 8.27
N LEU H 263 -40.25 10.53 9.33
CA LEU H 263 -40.30 12.01 9.20
C LEU H 263 -38.93 12.53 8.80
N SER H 264 -37.89 11.84 9.21
CA SER H 264 -36.56 12.34 8.85
C SER H 264 -35.93 11.57 7.68
N SER H 265 -36.75 10.98 6.81
N SER H 265 -36.75 11.07 6.73
CA SER H 265 -36.18 10.35 5.62
CA SER H 265 -36.23 10.12 5.74
C SER H 265 -35.47 11.46 4.85
C SER H 265 -35.03 10.58 4.90
N GLY H 266 -34.34 11.11 4.25
N GLY H 266 -34.94 11.87 4.61
CA GLY H 266 -33.48 12.12 3.62
CA GLY H 266 -33.85 12.42 3.79
C GLY H 266 -32.40 12.71 4.51
C GLY H 266 -32.57 12.82 4.51
N VAL H 267 -32.57 12.63 5.82
CA VAL H 267 -31.55 13.18 6.73
C VAL H 267 -30.64 12.05 7.24
N THR H 268 -29.34 12.14 6.97
CA THR H 268 -28.39 11.20 7.56
C THR H 268 -27.05 11.94 7.72
N GLY H 269 -26.17 11.47 8.60
CA GLY H 269 -24.89 12.15 8.82
C GLY H 269 -25.07 13.50 9.52
N GLU H 270 -26.24 13.72 10.10
CA GLU H 270 -26.58 15.04 10.65
C GLU H 270 -26.41 15.02 12.19
N ASN H 271 -26.19 16.18 12.77
CA ASN H 271 -26.06 16.33 14.22
C ASN H 271 -27.03 17.42 14.62
N ILE H 272 -28.14 17.06 15.25
CA ILE H 272 -29.11 18.07 15.61
C ILE H 272 -28.98 18.51 17.07
N HIS H 273 -28.86 19.82 17.26
CA HIS H 273 -28.59 20.38 18.59
C HIS H 273 -29.90 20.60 19.32
N VAL H 274 -30.12 19.82 20.37
CA VAL H 274 -31.28 20.05 21.21
C VAL H 274 -30.76 20.75 22.47
N ASP H 275 -30.44 22.04 22.31
CA ASP H 275 -29.73 22.74 23.36
C ASP H 275 -30.17 24.19 23.58
N SER H 276 -31.46 24.48 23.47
CA SER H 276 -31.95 25.85 23.56
C SER H 276 -31.23 26.85 22.66
N GLY H 277 -30.55 26.38 21.62
CA GLY H 277 -29.91 27.30 20.65
C GLY H 277 -28.46 27.59 20.99
N PHE H 278 -27.93 26.98 22.05
CA PHE H 278 -26.65 27.43 22.57
C PHE H 278 -25.54 27.26 21.57
N HIS H 279 -25.60 26.20 20.73
CA HIS H 279 -24.60 25.96 19.72
C HIS H 279 -24.42 27.13 18.76
N ALA H 280 -25.44 27.98 18.56
CA ALA H 280 -25.36 29.02 17.50
C ALA H 280 -24.85 30.39 17.96
N ILE H 281 -24.60 30.50 19.27
CA ILE H 281 -24.18 31.78 19.78
C ILE H 281 -22.73 31.76 20.24
N LYS H 282 -22.16 32.94 20.39
CA LYS H 282 -20.81 33.06 20.94
C LYS H 282 -20.66 34.41 21.67
O17 5PP I . 29.73 -22.65 5.86
C6 5PP I . 30.51 -23.76 6.08
C5 5PP I . 31.47 -23.62 7.09
O7 5PP I . 31.57 -22.42 7.75
C8 5PP I . 30.74 -22.19 8.82
C13 5PP I . 29.84 -23.16 9.24
C12 5PP I . 29.04 -22.96 10.36
C11 5PP I . 29.19 -21.76 11.05
C10 5PP I . 30.07 -20.76 10.62
C9 5PP I . 30.82 -20.97 9.48
C4 5PP I . 32.30 -24.70 7.39
C3 5PP I . 32.17 -25.89 6.69
C2 5PP I . 31.22 -26.04 5.68
C1 5PP I . 30.39 -24.97 5.34
C14 5PP I . 31.09 -27.28 5.08
C15 5PP I . 30.19 -28.18 5.99
C16 5PP I . 30.04 -29.58 5.37
C17 5PP I . 29.22 -30.50 6.28
C18 5PP I . 27.74 -30.15 6.19
PA NAP J . 36.74 -19.34 9.83
O1A NAP J . 38.21 -19.39 9.70
O2A NAP J . 36.22 -19.81 11.14
O5B NAP J . 36.23 -17.89 9.43
C5B NAP J . 34.93 -17.53 9.86
C4B NAP J . 35.05 -16.06 10.25
O4B NAP J . 33.77 -15.57 10.55
C3B NAP J . 35.95 -15.79 11.45
O3B NAP J . 36.99 -14.92 11.04
C2B NAP J . 35.03 -15.01 12.38
O2B NAP J . 35.74 -13.99 13.05
C1B NAP J . 33.99 -14.48 11.40
N9A NAP J . 32.79 -14.07 12.11
C8A NAP J . 31.82 -14.85 12.68
N7A NAP J . 30.98 -14.03 13.33
C5A NAP J . 31.36 -12.75 13.14
C6A NAP J . 30.85 -11.51 13.56
N6A NAP J . 29.74 -11.43 14.30
N1A NAP J . 31.49 -10.35 13.15
C2A NAP J . 32.62 -10.41 12.38
N3A NAP J . 33.15 -11.63 12.03
C4A NAP J . 32.50 -12.76 12.38
O3 NAP J . 36.03 -20.40 8.87
PN NAP J . 35.83 -20.46 7.30
O1N NAP J . 35.52 -21.87 6.99
O2N NAP J . 37.00 -19.82 6.62
O5D NAP J . 34.60 -19.44 7.09
C5D NAP J . 34.61 -18.40 6.10
C4D NAP J . 33.36 -18.38 5.20
O4D NAP J . 33.39 -19.45 4.27
C3D NAP J . 32.03 -18.53 5.94
O3D NAP J . 31.03 -17.74 5.30
C2D NAP J . 31.67 -19.98 5.74
O2D NAP J . 30.29 -20.15 5.93
C1D NAP J . 32.16 -20.15 4.32
N1N NAP J . 32.39 -21.53 3.85
C2N NAP J . 33.16 -22.42 4.52
C3N NAP J . 33.31 -23.71 4.02
C7N NAP J . 34.18 -24.75 4.68
O7N NAP J . 33.89 -26.05 4.30
N7N NAP J . 35.18 -24.47 5.51
C4N NAP J . 32.68 -24.09 2.84
C5N NAP J . 31.89 -23.18 2.18
C6N NAP J . 31.79 -21.88 2.67
P2B NAP J . 36.16 -14.19 14.60
O1X NAP J . 36.99 -15.45 14.76
O2X NAP J . 36.97 -12.97 14.91
O3X NAP J . 34.95 -14.25 15.48
O17 5PP K . 4.61 -12.47 -1.24
C6 5PP K . 3.88 -11.67 -2.08
C5 5PP K . 2.82 -10.99 -1.49
O7 5PP K . 2.61 -11.21 -0.14
C8 5PP K . 3.31 -10.39 0.72
C13 5PP K . 4.25 -9.46 0.25
C12 5PP K . 4.97 -8.67 1.14
C11 5PP K . 4.77 -8.76 2.52
C10 5PP K . 3.81 -9.68 2.96
C9 5PP K . 3.07 -10.49 2.08
C4 5PP K . 1.98 -10.20 -2.28
C3 5PP K . 2.35 -10.01 -3.63
C2 5PP K . 3.40 -10.68 -4.23
C1 5PP K . 4.18 -11.52 -3.44
C14 5PP K . 3.72 -10.47 -5.57
C15 5PP K . 4.73 -9.27 -5.70
C16 5PP K . 4.85 -8.82 -7.15
C17 5PP K . 5.59 -7.47 -7.36
C18 5PP K . 7.01 -7.52 -6.80
PA NAP L . -2.89 -11.64 2.79
O1A NAP L . -4.30 -12.01 2.50
O2A NAP L . -2.72 -10.27 3.26
O5B NAP L . -2.34 -12.74 3.83
C5B NAP L . -1.18 -12.51 4.60
C4B NAP L . -1.47 -13.20 5.92
O4B NAP L . -0.28 -13.19 6.67
C3B NAP L . -2.54 -12.49 6.76
O3B NAP L . -3.62 -13.33 7.06
C2B NAP L . -1.85 -12.17 8.08
O2B NAP L . -2.80 -12.26 9.14
C1B NAP L . -0.70 -13.18 8.02
N9A NAP L . 0.38 -12.80 8.93
C8A NAP L . 1.37 -11.86 8.76
N7A NAP L . 2.06 -11.78 9.92
C5A NAP L . 1.58 -12.72 10.78
C6A NAP L . 1.93 -13.05 12.08
N6A NAP L . 2.94 -12.41 12.68
N1A NAP L . 1.24 -14.08 12.71
C2A NAP L . 0.18 -14.71 12.08
N3A NAP L . -0.20 -14.34 10.79
C4A NAP L . 0.51 -13.37 10.18
O3 NAP L . -2.01 -11.80 1.46
PN NAP L . -1.64 -13.08 0.55
O1N NAP L . -1.11 -12.46 -0.68
O2N NAP L . -2.77 -14.03 0.56
O5D NAP L . -0.47 -13.72 1.45
C5D NAP L . -0.46 -15.11 1.66
C4D NAP L . 0.87 -15.72 1.26
O4D NAP L . 1.00 -15.80 -0.15
C3D NAP L . 2.10 -14.95 1.75
O3D NAP L . 3.08 -15.88 2.13
C2D NAP L . 2.60 -14.26 0.49
O2D NAP L . 3.95 -13.88 0.60
C1D NAP L . 2.27 -15.32 -0.54
N1N NAP L . 2.27 -14.89 -1.94
C2N NAP L . 1.46 -13.87 -2.34
C3N NAP L . 1.45 -13.52 -3.68
C7N NAP L . 0.42 -12.53 -4.18
O7N NAP L . 0.75 -11.80 -5.32
N7N NAP L . -0.72 -12.35 -3.49
C4N NAP L . 2.23 -14.18 -4.60
C5N NAP L . 3.06 -15.21 -4.17
C6N NAP L . 3.06 -15.56 -2.83
P2B NAP L . -3.32 -10.92 9.91
O1X NAP L . -4.08 -10.12 8.88
O2X NAP L . -4.17 -11.42 11.03
O3X NAP L . -2.22 -10.03 10.38
N GLU M . 5.72 1.49 -7.65
CA GLU M . 4.60 2.12 -6.94
C GLU M . 4.91 2.12 -5.42
O GLU M . 4.01 1.69 -4.67
CB GLU M . 3.30 1.36 -7.24
CG GLU M . 2.73 1.65 -8.65
CD GLU M . 2.17 0.38 -9.34
OE1 GLU M . 1.48 -0.40 -8.64
OE2 GLU M . 2.48 0.17 -10.54
OXT GLU M . 6.04 2.53 -5.05
O17 5PP N . 15.04 -42.78 -18.19
C6 5PP N . 15.19 -43.82 -17.32
C5 5PP N . 14.75 -45.10 -17.69
O7 5PP N . 14.21 -45.26 -18.94
C8 5PP N . 15.05 -45.44 -20.00
C13 5PP N . 16.44 -45.38 -19.88
C12 5PP N . 17.28 -45.51 -20.99
C11 5PP N . 16.76 -45.78 -22.26
C10 5PP N . 15.37 -45.88 -22.37
C9 5PP N . 14.54 -45.68 -21.27
C4 5PP N . 14.88 -46.17 -16.80
C3 5PP N . 15.48 -45.93 -15.56
C2 5PP N . 15.92 -44.67 -15.17
C1 5PP N . 15.78 -43.61 -16.05
C14 5PP N . 16.60 -44.43 -13.97
C15 5PP N . 18.08 -44.86 -14.15
C16 5PP N . 18.89 -44.73 -12.83
C17 5PP N . 20.37 -45.10 -13.01
C18 5PP N . 21.16 -43.99 -13.78
PA NAP O . 9.35 -49.09 -20.57
O1A NAP O . 8.15 -49.72 -19.97
O2A NAP O . 10.34 -50.01 -21.12
O5B NAP O . 8.82 -48.04 -21.67
C5B NAP O . 9.62 -47.45 -22.65
C4B NAP O . 8.67 -47.18 -23.81
O4B NAP O . 9.32 -46.46 -24.85
C3B NAP O . 8.19 -48.50 -24.39
O3B NAP O . 6.78 -48.66 -24.26
C2B NAP O . 8.65 -48.41 -25.82
O2B NAP O . 7.76 -49.02 -26.72
C1B NAP O . 8.76 -46.91 -26.05
N9A NAP O . 9.58 -46.58 -27.24
C8A NAP O . 10.93 -46.55 -27.42
N7A NAP O . 11.23 -46.13 -28.67
C5A NAP O . 10.06 -45.87 -29.30
C6A NAP O . 9.74 -45.48 -30.61
N6A NAP O . 10.64 -45.25 -31.58
N1A NAP O . 8.40 -45.26 -30.88
C2A NAP O . 7.38 -45.53 -29.99
N3A NAP O . 7.71 -45.95 -28.72
C4A NAP O . 9.02 -46.15 -28.41
O3 NAP O . 10.19 -48.16 -19.54
PN NAP O . 9.79 -46.93 -18.57
O1N NAP O . 10.77 -46.91 -17.47
O2N NAP O . 8.34 -47.12 -18.28
O5D NAP O . 9.97 -45.65 -19.50
C5D NAP O . 8.94 -44.69 -19.72
C4D NAP O . 9.49 -43.27 -19.58
O4D NAP O . 9.85 -43.04 -18.23
C3D NAP O . 10.76 -43.04 -20.40
O3D NAP O . 10.70 -41.73 -20.94
C2D NAP O . 11.86 -43.16 -19.36
O2D NAP O . 13.00 -42.44 -19.81
C1D NAP O . 11.15 -42.52 -18.17
N1N NAP O . 11.73 -42.69 -16.82
C2N NAP O . 11.89 -43.93 -16.29
C3N NAP O . 12.44 -44.07 -15.03
C7N NAP O . 12.56 -45.42 -14.41
O7N NAP O . 13.37 -45.53 -13.29
N7N NAP O . 11.93 -46.48 -14.91
C4N NAP O . 12.80 -42.96 -14.27
C5N NAP O . 12.62 -41.69 -14.80
C6N NAP O . 12.08 -41.58 -16.08
P2B NAP O . 8.16 -50.45 -27.36
O1X NAP O . 8.45 -51.47 -26.26
O2X NAP O . 6.92 -50.83 -28.16
O3X NAP O . 9.34 -50.31 -28.27
N GLU P . 26.47 -52.01 -12.94
CA GLU P . 25.88 -53.22 -13.53
C GLU P . 25.72 -53.04 -15.05
O GLU P . 24.56 -52.99 -15.51
CB GLU P . 24.53 -53.53 -12.85
CG GLU P . 24.66 -54.41 -11.59
CD GLU P . 24.39 -53.63 -10.28
OE1 GLU P . 23.79 -52.52 -10.33
OE2 GLU P . 24.75 -54.20 -9.22
OXT GLU P . 26.76 -53.02 -15.75
O17 5PP Q . 23.43 -18.89 -29.58
C6 5PP Q . 23.16 -17.59 -29.95
C5 5PP Q . 23.72 -17.13 -31.16
O7 5PP Q . 24.48 -17.98 -31.92
C8 5PP Q . 23.86 -18.75 -32.85
C13 5PP Q . 22.49 -18.75 -33.04
C12 5PP Q . 21.91 -19.56 -34.03
C11 5PP Q . 22.68 -20.41 -34.83
C10 5PP Q . 24.06 -20.37 -34.66
C9 5PP Q . 24.63 -19.60 -33.65
C4 5PP Q . 23.59 -15.79 -31.52
C3 5PP Q . 22.82 -14.95 -30.73
C2 5PP Q . 22.24 -15.38 -29.54
C1 5PP Q . 22.44 -16.71 -29.14
C14 5PP Q . 21.46 -14.49 -28.80
C15 5PP Q . 20.09 -14.40 -29.50
C16 5PP Q . 19.08 -13.56 -28.70
C17 5PP Q . 17.70 -13.74 -29.31
C18 5PP Q . 17.04 -15.02 -28.80
PA NAP R . 29.65 -16.79 -35.32
O1A NAP R . 30.74 -15.78 -35.36
O2A NAP R . 28.85 -16.89 -36.56
O5B NAP R . 30.31 -18.18 -34.89
C5B NAP R . 29.63 -19.39 -35.06
C4B NAP R . 30.71 -20.30 -35.61
O4B NAP R . 30.25 -21.64 -35.69
C3B NAP R . 31.12 -19.90 -37.02
O3B NAP R . 32.53 -19.82 -37.09
C2B NAP R . 30.65 -21.08 -37.84
O2B NAP R . 31.49 -21.37 -38.91
C1B NAP R . 30.84 -22.20 -36.83
N9A NAP R . 30.18 -23.41 -37.32
C8A NAP R . 28.86 -23.60 -37.62
N7A NAP R . 28.66 -24.88 -38.03
C5A NAP R . 29.85 -25.51 -37.99
C6A NAP R . 30.21 -26.81 -38.32
N6A NAP R . 29.31 -27.70 -38.77
N1A NAP R . 31.54 -27.12 -38.17
C2A NAP R . 32.49 -26.21 -37.74
N3A NAP R . 32.10 -24.92 -37.46
C4A NAP R . 30.81 -24.59 -37.59
O3 NAP R . 28.68 -16.38 -34.12
PN NAP R . 28.94 -16.34 -32.54
O1N NAP R . 27.79 -15.60 -31.98
O2N NAP R . 30.34 -15.95 -32.29
O5D NAP R . 28.82 -17.88 -32.12
C5D NAP R . 29.76 -18.55 -31.32
C4D NAP R . 29.02 -19.33 -30.22
O4D NAP R . 28.47 -18.39 -29.33
C3D NAP R . 27.85 -20.18 -30.68
O3D NAP R . 27.84 -21.35 -29.90
C2D NAP R . 26.61 -19.43 -30.25
O2D NAP R . 25.53 -20.28 -29.95
C1D NAP R . 27.15 -18.77 -28.98
N1N NAP R . 26.42 -17.61 -28.42
C2N NAP R . 26.24 -16.47 -29.15
C3N NAP R . 25.67 -15.35 -28.58
C7N NAP R . 25.57 -14.05 -29.34
O7N NAP R . 24.71 -13.05 -28.87
N7N NAP R . 26.22 -13.86 -30.47
C4N NAP R . 25.28 -15.39 -27.26
C5N NAP R . 25.52 -16.53 -26.51
C6N NAP R . 26.07 -17.66 -27.11
P2B NAP R . 31.13 -20.97 -40.43
O1X NAP R . 31.54 -19.54 -40.64
O2X NAP R . 32.03 -21.86 -41.24
O3X NAP R . 29.69 -21.20 -40.79
O17 5PP S . -31.67 27.69 -4.00
C6 5PP S . -31.73 26.73 -4.98
C5 5PP S . -32.75 26.86 -5.93
O7 5PP S . -33.60 27.95 -5.77
C8 5PP S . -33.23 29.14 -6.36
C13 5PP S . -32.04 29.30 -7.06
C12 5PP S . -31.66 30.50 -7.69
C11 5PP S . -32.55 31.56 -7.68
C10 5PP S . -33.79 31.43 -7.04
C9 5PP S . -34.13 30.23 -6.39
C4 5PP S . -32.83 25.95 -6.99
C3 5PP S . -31.91 24.91 -7.07
C2 5PP S . -30.86 24.80 -6.14
C1 5PP S . -30.77 25.72 -5.09
C14 5PP S . -29.86 23.81 -6.21
C15 5PP S . -28.79 24.26 -7.23
C16 5PP S . -27.78 23.14 -7.47
C17 5PP S . -26.83 23.53 -8.60
C18 5PP S . -25.80 24.57 -8.22
PA NAP T . -39.81 27.95 -6.85
O1A NAP T . -40.90 26.94 -6.92
O2A NAP T . -39.41 28.62 -8.09
O5B NAP T . -40.08 28.97 -5.64
C5B NAP T . -39.34 30.17 -5.53
C4B NAP T . -40.33 31.16 -4.96
O4B NAP T . -39.65 32.40 -4.74
C3B NAP T . -41.53 31.42 -5.88
O3B NAP T . -42.76 31.01 -5.28
C2B NAP T . -41.44 32.91 -6.07
O2B NAP T . -42.68 33.56 -6.23
C1B NAP T . -40.70 33.31 -4.78
N9A NAP T . -40.18 34.67 -4.86
C8A NAP T . -39.15 35.15 -5.62
N7A NAP T . -39.10 36.48 -5.46
C5A NAP T . -40.08 36.86 -4.59
C6A NAP T . -40.53 38.09 -4.14
N6A NAP T . -39.91 39.24 -4.50
N1A NAP T . -41.60 38.12 -3.28
C2A NAP T . -42.28 36.98 -2.90
N3A NAP T . -41.88 35.76 -3.41
C4A NAP T . -40.82 35.72 -4.26
O3 NAP T . -38.47 27.16 -6.45
PN NAP T . -37.98 26.42 -5.15
O1N NAP T . -36.84 25.62 -5.64
O2N NAP T . -39.13 25.70 -4.52
O5D NAP T . -37.48 27.59 -4.15
C5D NAP T . -37.88 27.75 -2.81
C4D NAP T . -36.69 27.94 -1.88
O4D NAP T . -35.95 26.72 -1.86
C3D NAP T . -35.72 29.02 -2.36
O3D NAP T . -35.27 29.75 -1.25
C2D NAP T . -34.53 28.25 -2.88
O2D NAP T . -33.38 29.06 -2.78
C1D NAP T . -34.57 27.03 -1.96
N1N NAP T . -33.83 25.84 -2.40
C2N NAP T . -34.12 25.19 -3.58
C3N NAP T . -33.40 24.04 -3.92
C7N NAP T . -33.70 23.29 -5.18
O7N NAP T . -32.71 22.45 -5.68
N7N NAP T . -34.85 23.40 -5.82
C4N NAP T . -32.38 23.55 -3.09
C5N NAP T . -32.11 24.21 -1.90
C6N NAP T . -32.84 25.34 -1.59
P2B NAP T . -43.25 34.01 -7.67
O1X NAP T . -43.26 32.84 -8.63
O2X NAP T . -44.65 34.46 -7.42
O3X NAP T . -42.42 35.09 -8.34
N GLU U . -24.34 24.11 -17.50
CA GLU U . -25.40 24.41 -18.47
C GLU U . -25.83 25.89 -18.38
O GLU U . -27.06 26.12 -18.30
CB GLU U . -26.59 23.47 -18.20
CG GLU U . -26.22 22.00 -18.48
CD GLU U . -26.46 21.11 -17.25
OE1 GLU U . -27.63 21.08 -16.79
OE2 GLU U . -25.49 20.50 -16.78
OXT GLU U . -24.94 26.77 -18.40
O17 5PP V . -16.28 44.14 12.53
C6 5PP V . -15.96 44.67 13.77
C5 5PP V . -15.69 46.04 13.92
O7 5PP V . -15.64 46.86 12.80
C8 5PP V . -16.81 47.43 12.40
C13 5PP V . -18.02 47.21 13.09
C12 5PP V . -19.20 47.79 12.63
C11 5PP V . -19.17 48.64 11.53
C10 5PP V . -17.97 48.88 10.85
C9 5PP V . -16.78 48.27 11.28
C4 5PP V . -15.32 46.56 15.16
C3 5PP V . -15.33 45.75 16.30
C2 5PP V . -15.60 44.39 16.17
C1 5PP V . -15.93 43.86 14.91
C14 5PP V . -15.66 43.57 17.29
C15 5PP V . -17.08 43.75 17.92
C16 5PP V . -17.16 43.05 19.27
C17 5PP V . -18.51 43.40 19.94
C18 5PP V . -19.67 42.66 19.30
PA NAP W . -11.48 51.41 11.32
O1A NAP W . -10.14 51.84 11.77
O2A NAP W . -12.50 52.44 11.61
O5B NAP W . -11.44 50.97 9.77
C5B NAP W . -12.63 50.90 9.00
C4B NAP W . -12.38 51.41 7.60
O4B NAP W . -13.52 51.19 6.79
C3B NAP W . -12.15 52.92 7.60
O3B NAP W . -10.86 53.22 7.10
C2B NAP W . -13.17 53.46 6.63
O2B NAP W . -12.59 54.51 5.88
C1B NAP W . -13.49 52.21 5.82
N9A NAP W . -14.74 52.37 5.05
C8A NAP W . -16.03 52.29 5.49
N7A NAP W . -16.89 52.51 4.46
C5A NAP W . -16.14 52.73 3.35
C6A NAP W . -16.47 53.03 2.04
N6A NAP W . -17.75 53.18 1.70
N1A NAP W . -15.48 53.18 1.09
C2A NAP W . -14.15 53.05 1.44
N3A NAP W . -13.83 52.76 2.75
C4A NAP W . -14.79 52.63 3.69
O3 NAP W . -11.90 50.10 12.15
PN NAP W . -11.34 48.60 12.08
O1N NAP W . -11.80 47.82 13.26
O2N NAP W . -9.91 48.66 11.75
O5D NAP W . -12.08 48.02 10.75
C5D NAP W . -11.34 47.42 9.69
C4D NAP W . -11.83 46.01 9.39
O4D NAP W . -11.61 45.14 10.49
C3D NAP W . -13.34 46.02 9.21
O3D NAP W . -13.67 45.19 8.11
C2D NAP W . -13.87 45.43 10.51
O2D NAP W . -15.18 44.89 10.38
C1D NAP W . -12.78 44.42 10.79
N1N NAP W . -12.74 43.87 12.16
C2N NAP W . -12.52 44.71 13.21
C3N NAP W . -12.51 44.23 14.50
C7N NAP W . -12.20 45.14 15.64
O7N NAP W . -12.54 44.61 16.87
N7N NAP W . -11.65 46.35 15.50
C4N NAP W . -12.61 42.86 14.75
C5N NAP W . -12.79 42.00 13.66
C6N NAP W . -12.86 42.52 12.37
P2B NAP W . -13.02 56.05 6.15
O1X NAP W . -12.69 56.38 7.58
O2X NAP W . -12.24 56.91 5.17
O3X NAP W . -14.47 56.26 5.88
N GLU X . -23.62 48.27 25.31
CA GLU X . -23.39 49.72 25.29
C GLU X . -24.26 50.39 24.21
O GLU X . -24.01 51.59 23.98
CB GLU X . -21.89 50.01 25.06
CG GLU X . -21.09 49.88 26.38
CD GLU X . -19.92 48.87 26.28
OE1 GLU X . -19.06 49.06 25.37
OE2 GLU X . -19.92 47.91 27.10
OXT GLU X . -25.19 49.73 23.70
O17 5PP Y . -3.29 11.01 6.83
C6 5PP Y . -3.09 10.70 5.52
C5 5PP Y . -1.99 9.92 5.25
O7 5PP Y . -1.24 9.53 6.33
C8 5PP Y . -1.63 8.34 6.87
C13 5PP Y . -2.79 7.68 6.43
C12 5PP Y . -3.21 6.48 7.00
C11 5PP Y . -2.39 5.88 7.96
C10 5PP Y . -1.19 6.48 8.36
C9 5PP Y . -0.81 7.70 7.79
C4 5PP Y . -1.69 9.63 3.93
C3 5PP Y . -2.56 10.05 2.94
C2 5PP Y . -3.65 10.87 3.19
C1 5PP Y . -3.93 11.18 4.52
C14 5PP Y . -4.53 11.29 2.20
C15 5PP Y . -5.66 10.25 1.99
C16 5PP Y . -6.45 10.57 0.72
C17 5PP Y . -7.28 9.37 0.25
C18 5PP Y . -8.26 8.92 1.32
PA NAP Z . 5.06 9.03 6.45
O1A NAP Z . 6.25 9.67 5.80
O2A NAP Z . 4.83 7.61 6.20
O5B NAP Z . 5.06 9.47 8.00
C5B NAP Z . 4.35 8.71 8.95
C4B NAP Z . 5.24 8.73 10.19
O4B NAP Z . 4.54 8.28 11.33
C3B NAP Z . 6.44 7.80 10.03
O3B NAP Z . 7.64 8.53 10.13
C2B NAP Z . 6.30 6.82 11.18
O2B NAP Z . 7.58 6.50 11.67
C1B NAP Z . 5.44 7.59 12.18
N9A NAP Z . 4.80 6.69 13.15
C8A NAP Z . 3.74 5.82 12.99
N7A NAP Z . 3.53 5.13 14.16
C5A NAP Z . 4.43 5.59 15.07
C6A NAP Z . 4.68 5.28 16.42
N6A NAP Z . 3.94 4.39 17.07
N1A NAP Z . 5.66 5.99 17.08
C2A NAP Z . 6.43 6.93 16.44
N3A NAP Z . 6.19 7.23 15.13
C4A NAP Z . 5.23 6.55 14.45
O3 NAP Z . 3.75 9.72 5.80
PN NAP Z . 3.14 11.22 5.92
O1N NAP Z . 2.05 11.25 4.93
O2N NAP Z . 4.26 12.18 5.89
O5D NAP Z . 2.48 11.22 7.39
C5D NAP Z . 2.74 12.24 8.34
C4D NAP Z . 1.44 12.83 8.92
O4D NAP Z . 0.80 13.64 7.95
C3D NAP Z . 0.45 11.78 9.38
O3D NAP Z . -0.19 12.24 10.55
C2D NAP Z . -0.58 11.77 8.27
O2D NAP Z . -1.84 11.36 8.75
C1D NAP Z . -0.54 13.23 7.83
N1N NAP Z . -1.16 13.52 6.54
C2N NAP Z . -0.75 12.94 5.38
C3N NAP Z . -1.39 13.26 4.20
C7N NAP Z . -0.82 12.79 2.90
O7N NAP Z . -1.67 12.83 1.80
N7N NAP Z . 0.42 12.35 2.79
C4N NAP Z . -2.45 14.14 4.17
C5N NAP Z . -2.84 14.76 5.35
C6N NAP Z . -2.16 14.44 6.52
P2B NAP Z . 8.21 5.04 11.32
O1X NAP Z . 8.23 4.89 9.82
O2X NAP Z . 9.62 5.09 11.85
O3X NAP Z . 7.35 3.98 11.99
N GLU AA . -8.01 1.19 -3.57
CA GLU AA . -7.68 -0.24 -3.66
C GLU AA . -8.16 -0.94 -2.38
O GLU AA . -8.42 -2.16 -2.45
CB GLU AA . -6.17 -0.43 -3.86
CG GLU AA . -5.72 0.10 -5.22
CD GLU AA . -6.04 1.61 -5.32
OE1 GLU AA . -6.11 2.23 -4.23
OE2 GLU AA . -6.26 2.09 -6.45
OXT GLU AA . -8.35 -0.22 -1.39
O17 5PP BA . -21.60 13.89 27.81
C6 5PP BA . -22.14 14.54 28.89
C5 5PP BA . -22.57 13.79 30.02
O7 5PP BA . -22.52 12.44 29.97
C8 5PP BA . -21.37 11.83 30.37
C13 5PP BA . -20.26 12.53 30.80
C12 5PP BA . -19.11 11.84 31.16
C11 5PP BA . -19.08 10.44 31.20
C10 5PP BA . -20.20 9.73 30.80
C9 5PP BA . -21.33 10.43 30.38
C4 5PP BA . -23.13 14.44 31.12
C3 5PP BA . -23.17 15.83 31.14
C2 5PP BA . -22.76 16.57 30.01
C1 5PP BA . -22.24 15.92 28.91
C14 5PP BA . -22.76 17.96 30.02
C15 5PP BA . -21.59 18.40 30.94
C16 5PP BA . -21.36 19.89 30.83
C17 5PP BA . -20.14 20.36 31.61
C18 5PP BA . -18.90 20.43 30.71
PA NAP CA . -26.71 8.14 32.30
O1A NAP CA . -28.10 8.01 32.81
O2A NAP CA . -25.70 7.87 33.35
O5B NAP CA . -26.48 7.13 31.07
C5B NAP CA . -25.18 6.66 30.87
C4B NAP CA . -25.39 5.23 30.42
O4B NAP CA . -24.24 4.75 29.77
C3B NAP CA . -25.67 4.37 31.64
O3B NAP CA . -26.89 3.73 31.37
C2B NAP CA . -24.53 3.38 31.62
O2B NAP CA . -24.99 2.09 31.94
C1B NAP CA . -24.15 3.41 30.15
N9A NAP CA . -22.82 2.83 29.97
C8A NAP CA . -21.60 3.31 30.38
N7A NAP CA . -20.67 2.39 30.03
C5A NAP CA . -21.27 1.32 29.44
C6A NAP CA . -20.81 0.14 28.87
N6A NAP CA . -19.51 -0.18 28.92
N1A NAP CA . -21.72 -0.72 28.30
C2A NAP CA . -23.08 -0.43 28.28
N3A NAP CA . -23.54 0.74 28.86
C4A NAP CA . -22.64 1.61 29.40
O3 NAP CA . -26.38 9.62 31.76
PN NAP CA . -26.91 10.40 30.47
O1N NAP CA . -26.56 11.79 30.65
O2N NAP CA . -28.30 9.92 30.25
O5D NAP CA . -25.99 9.76 29.32
C5D NAP CA . -26.45 9.28 28.07
C4D NAP CA . -25.68 9.87 26.88
O4D NAP CA . -25.98 11.25 26.72
C3D NAP CA . -24.15 9.76 26.95
O3D NAP CA . -23.64 9.50 25.65
C2D NAP CA . -23.72 11.14 27.34
O2D NAP CA . -22.40 11.40 26.90
C1D NAP CA . -24.75 11.92 26.53
N1N NAP CA . -24.92 13.34 26.88
C2N NAP CA . -25.38 13.66 28.13
C3N NAP CA . -25.65 14.98 28.43
C7N NAP CA . -26.12 15.41 29.78
O7N NAP CA . -25.96 16.78 29.94
N7N NAP CA . -26.65 14.63 30.73
C4N NAP CA . -25.47 15.97 27.46
C5N NAP CA . -25.05 15.61 26.18
C6N NAP CA . -24.79 14.28 25.90
P2B NAP CA . -24.79 1.42 33.40
O1X NAP CA . -25.16 2.42 34.47
O2X NAP CA . -25.70 0.21 33.29
O3X NAP CA . -23.34 1.12 33.69
#